data_7V0B
#
_entry.id   7V0B
#
_cell.length_a   62.764
_cell.length_b   103.576
_cell.length_c   179.216
_cell.angle_alpha   90.000
_cell.angle_beta   95.400
_cell.angle_gamma   90.000
#
_symmetry.space_group_name_H-M   'P 1 21 1'
#
loop_
_entity.id
_entity.type
_entity.pdbx_description
1 polymer 'Tetracycline 7-halogenase'
2 non-polymer 'FLAVIN-ADENINE DINUCLEOTIDE'
3 non-polymer GLYCEROL
4 non-polymer 'CHLORIDE ION'
5 non-polymer '4-(2-HYDROXYETHYL)-1-PIPERAZINE ETHANESULFONIC ACID'
6 non-polymer 'SODIUM ION'
7 water water
#
_entity_poly.entity_id   1
_entity_poly.type   'polypeptide(L)'
_entity_poly.pdbx_seq_one_letter_code
;GPHMTDTTADQTRHGDRPYDVVIIGSGLSGTMLGSILAKHGFRIMLLDGAHHPRFAVGESTIGQTLVVLRLISDRYGVPE
IANLASFQDVLANVSSSHGQKSNFGFMFHRDGEEPDPNETSQFRIPSIVGNAAHFFRQDTDSYMFHAAVRYGCDARQYYR
VENIEFDDGGVTVSGADGSTVRARYLVDASGFRSPLARQLGLREEPSRLKHHARSIFTHMVGVDAIDDHVDTPAELRPPV
PWNDGTMHHIFERGWMWIIPFNNHPGATNPLCSVGIQLDERRYPARPDLTPEEEFWSHVDRFPAVQRQLKGARSVREWVR
TDRMQYSSSRTVGERWCLMSHAAGFIDPLFSRGLSNTCEIINALSWRLMAALREDDFAVERFAYVEELEQGLLDWNDKLV
NNSFISFSHYPLWNSVFRIWASASVIGGKRILNALTRTKETGDDSHCQALDDNPYPGLWCPLDFYKEAFDELTELCEAVD
AGHTTAEEAARVLEQRVRESDWMLPALGFNDPDTHHINPTADKMIRIAEWATGHHRPEIRELLAASAEEVRAAMRVKP
;
_entity_poly.pdbx_strand_id   A,B,C,D
#
# COMPACT_ATOMS: atom_id res chain seq x y z
N ARG A 17 8.29 23.49 37.65
CA ARG A 17 8.94 24.35 36.62
C ARG A 17 10.43 24.46 36.93
N PRO A 18 10.84 24.99 38.09
CA PRO A 18 12.27 25.13 38.41
C PRO A 18 12.95 23.77 38.61
N TYR A 19 14.24 23.67 38.36
CA TYR A 19 15.07 22.51 38.75
C TYR A 19 15.18 22.49 40.28
N ASP A 20 15.29 21.31 40.86
CA ASP A 20 15.58 21.13 42.31
C ASP A 20 16.99 21.67 42.56
N VAL A 21 17.96 21.19 41.78
CA VAL A 21 19.41 21.55 41.94
C VAL A 21 20.00 21.84 40.57
N VAL A 22 20.78 22.91 40.49
CA VAL A 22 21.70 23.18 39.35
C VAL A 22 23.11 22.90 39.88
N ILE A 23 23.84 22.04 39.20
CA ILE A 23 25.25 21.69 39.54
C ILE A 23 26.14 22.31 38.47
N ILE A 24 27.05 23.21 38.87
CA ILE A 24 28.06 23.81 37.97
C ILE A 24 29.33 22.95 38.07
N GLY A 25 29.69 22.26 36.99
CA GLY A 25 30.87 21.39 36.91
C GLY A 25 30.43 19.95 36.74
N SER A 26 30.76 19.35 35.59
CA SER A 26 30.33 17.98 35.22
C SER A 26 31.52 17.00 35.31
N GLY A 27 32.48 17.29 36.19
CA GLY A 27 33.51 16.33 36.61
C GLY A 27 32.95 15.31 37.60
N LEU A 28 33.82 14.48 38.18
CA LEU A 28 33.42 13.37 39.07
C LEU A 28 32.56 13.91 40.24
N SER A 29 32.95 15.02 40.88
CA SER A 29 32.20 15.54 42.05
C SER A 29 30.75 15.85 41.62
N GLY A 30 30.58 16.55 40.49
CA GLY A 30 29.26 16.99 39.99
C GLY A 30 28.38 15.83 39.54
N THR A 31 28.94 14.83 38.86
CA THR A 31 28.18 13.72 38.21
C THR A 31 27.87 12.64 39.25
N MET A 32 28.76 12.39 40.22
CA MET A 32 28.44 11.49 41.35
C MET A 32 27.28 12.10 42.15
N LEU A 33 27.34 13.40 42.49
CA LEU A 33 26.21 14.05 43.22
C LEU A 33 24.95 14.02 42.34
N GLY A 34 25.07 14.41 41.08
CA GLY A 34 23.93 14.44 40.14
C GLY A 34 23.27 13.08 40.00
N SER A 35 24.07 12.00 39.95
CA SER A 35 23.58 10.60 39.86
C SER A 35 22.76 10.26 41.11
N ILE A 36 23.27 10.58 42.31
CA ILE A 36 22.57 10.30 43.60
C ILE A 36 21.21 11.05 43.61
N LEU A 37 21.22 12.34 43.31
CA LEU A 37 20.00 13.19 43.39
C LEU A 37 18.98 12.72 42.34
N ALA A 38 19.42 12.52 41.09
CA ALA A 38 18.56 12.10 39.96
C ALA A 38 17.98 10.71 40.24
N LYS A 39 18.78 9.79 40.76
CA LYS A 39 18.31 8.42 41.08
C LYS A 39 17.15 8.47 42.09
N HIS A 40 17.21 9.42 43.04
CA HIS A 40 16.19 9.58 44.13
C HIS A 40 15.02 10.46 43.67
N GLY A 41 14.90 10.74 42.37
CA GLY A 41 13.70 11.37 41.78
C GLY A 41 13.78 12.89 41.76
N PHE A 42 14.94 13.47 42.08
CA PHE A 42 15.12 14.94 42.03
C PHE A 42 15.45 15.36 40.60
N ARG A 43 15.21 16.64 40.35
CA ARG A 43 15.23 17.24 39.00
C ARG A 43 16.51 18.07 38.92
N ILE A 44 17.49 17.59 38.13
CA ILE A 44 18.90 18.07 38.15
C ILE A 44 19.27 18.62 36.78
N MET A 45 19.96 19.77 36.79
CA MET A 45 20.64 20.35 35.61
C MET A 45 22.15 20.44 35.90
N LEU A 46 22.97 19.75 35.08
CA LEU A 46 24.45 19.85 35.08
C LEU A 46 24.87 20.92 34.08
N LEU A 47 25.64 21.92 34.52
CA LEU A 47 26.21 22.98 33.64
C LEU A 47 27.73 22.86 33.62
N ASP A 48 28.34 22.85 32.43
CA ASP A 48 29.83 22.89 32.31
C ASP A 48 30.24 23.73 31.10
N GLY A 49 31.30 24.53 31.27
CA GLY A 49 31.94 25.33 30.20
C GLY A 49 32.64 24.45 29.16
N ALA A 50 33.01 23.22 29.53
CA ALA A 50 33.69 22.23 28.66
C ALA A 50 32.70 21.18 28.18
N HIS A 51 33.18 20.19 27.42
CA HIS A 51 32.39 19.08 26.84
C HIS A 51 33.17 17.78 27.03
N HIS A 52 32.49 16.69 27.40
CA HIS A 52 33.10 15.33 27.45
C HIS A 52 33.29 14.82 26.02
N PRO A 53 34.40 14.11 25.69
CA PRO A 53 35.46 13.79 26.65
C PRO A 53 36.47 14.93 26.84
N ARG A 54 37.10 15.00 28.02
CA ARG A 54 38.14 16.03 28.28
C ARG A 54 39.07 15.52 29.37
N PHE A 55 40.33 15.92 29.27
CA PHE A 55 41.40 15.70 30.28
C PHE A 55 41.00 16.35 31.59
N ALA A 56 41.26 15.66 32.71
CA ALA A 56 41.25 16.20 34.08
C ALA A 56 42.39 15.53 34.87
N VAL A 57 43.00 16.28 35.77
CA VAL A 57 44.11 15.81 36.64
C VAL A 57 43.48 15.31 37.95
N GLY A 58 44.20 14.48 38.71
CA GLY A 58 43.66 13.80 39.91
C GLY A 58 43.44 12.33 39.63
N GLU A 59 44.53 11.58 39.45
CA GLU A 59 44.54 10.32 38.70
C GLU A 59 44.74 9.12 39.64
N SER A 60 45.40 9.33 40.79
CA SER A 60 45.85 8.26 41.70
C SER A 60 44.84 8.10 42.85
N THR A 61 44.37 6.88 43.09
CA THR A 61 43.42 6.57 44.19
C THR A 61 44.20 6.02 45.39
N ILE A 62 43.61 6.16 46.59
CA ILE A 62 44.16 5.66 47.88
C ILE A 62 43.09 4.79 48.52
N GLY A 63 43.45 4.01 49.55
CA GLY A 63 42.55 3.11 50.28
C GLY A 63 41.27 3.83 50.71
N GLN A 64 41.40 5.02 51.28
CA GLN A 64 40.25 5.77 51.85
C GLN A 64 39.22 6.05 50.74
N THR A 65 39.64 6.52 49.57
CA THR A 65 38.72 6.85 48.45
C THR A 65 37.94 5.59 48.05
N LEU A 66 38.64 4.46 47.94
CA LEU A 66 38.10 3.12 47.58
C LEU A 66 36.94 2.76 48.52
N VAL A 67 37.17 2.76 49.82
CA VAL A 67 36.17 2.34 50.84
C VAL A 67 35.02 3.37 50.87
N VAL A 68 35.31 4.67 50.74
CA VAL A 68 34.24 5.72 50.80
C VAL A 68 33.39 5.68 49.51
N LEU A 69 34.01 5.45 48.34
CA LEU A 69 33.25 5.19 47.09
C LEU A 69 32.26 4.05 47.36
N ARG A 70 32.75 2.93 47.91
CA ARG A 70 31.89 1.74 48.19
C ARG A 70 30.78 2.15 49.16
N LEU A 71 31.12 2.94 50.19
CA LEU A 71 30.16 3.42 51.22
C LEU A 71 29.06 4.27 50.57
N ILE A 72 29.42 5.22 49.71
CA ILE A 72 28.45 6.12 49.01
C ILE A 72 27.52 5.27 48.15
N SER A 73 28.09 4.33 47.39
CA SER A 73 27.37 3.43 46.45
C SER A 73 26.29 2.63 47.20
N ASP A 74 26.64 2.04 48.34
CA ASP A 74 25.73 1.22 49.18
C ASP A 74 24.68 2.11 49.84
N ARG A 75 25.09 3.25 50.38
CA ARG A 75 24.24 4.14 51.22
C ARG A 75 23.17 4.83 50.36
N TYR A 76 23.51 5.19 49.12
CA TYR A 76 22.64 6.01 48.22
C TYR A 76 22.11 5.19 47.04
N GLY A 77 22.56 3.93 46.89
CA GLY A 77 21.99 2.95 45.95
C GLY A 77 22.35 3.26 44.50
N VAL A 78 23.59 3.66 44.25
CA VAL A 78 24.14 3.97 42.89
C VAL A 78 25.30 3.00 42.63
N PRO A 79 25.04 1.86 41.94
CA PRO A 79 26.08 0.88 41.66
C PRO A 79 27.30 1.41 40.88
N GLU A 80 27.08 2.39 40.00
CA GLU A 80 28.12 2.94 39.10
C GLU A 80 29.29 3.50 39.93
N ILE A 81 29.02 4.06 41.10
CA ILE A 81 30.06 4.68 41.98
C ILE A 81 30.99 3.58 42.53
N ALA A 82 30.47 2.42 42.95
CA ALA A 82 31.26 1.27 43.45
C ALA A 82 32.17 0.70 42.36
N ASN A 83 31.84 0.89 41.08
CA ASN A 83 32.68 0.43 39.94
C ASN A 83 33.98 1.25 39.85
N LEU A 84 34.07 2.41 40.52
CA LEU A 84 35.34 3.20 40.59
C LEU A 84 36.22 2.72 41.75
N ALA A 85 35.74 1.81 42.60
CA ALA A 85 36.35 1.48 43.92
C ALA A 85 37.37 0.34 43.81
N SER A 86 37.67 -0.18 42.61
CA SER A 86 38.71 -1.22 42.39
C SER A 86 39.22 -1.17 40.95
N PHE A 87 40.52 -1.48 40.78
CA PHE A 87 41.20 -1.62 39.47
C PHE A 87 40.37 -2.51 38.54
N GLN A 88 39.88 -3.65 39.06
CA GLN A 88 39.16 -4.70 38.29
C GLN A 88 37.82 -4.16 37.79
N ASP A 89 37.09 -3.43 38.64
CA ASP A 89 35.73 -2.93 38.30
C ASP A 89 35.85 -1.75 37.31
N VAL A 90 36.89 -0.92 37.43
CA VAL A 90 37.16 0.22 36.50
C VAL A 90 37.43 -0.32 35.10
N LEU A 91 38.33 -1.30 34.97
CA LEU A 91 38.62 -2.02 33.69
C LEU A 91 37.33 -2.63 33.12
N ALA A 92 36.51 -3.28 33.95
CA ALA A 92 35.35 -4.08 33.50
C ALA A 92 34.15 -3.19 33.14
N ASN A 93 34.06 -1.99 33.70
CA ASN A 93 32.82 -1.16 33.61
C ASN A 93 33.09 0.17 32.93
N VAL A 94 34.26 0.77 33.11
CA VAL A 94 34.57 2.13 32.59
C VAL A 94 35.25 2.00 31.23
N SER A 95 36.50 1.53 31.21
CA SER A 95 37.31 1.31 29.98
C SER A 95 38.60 0.59 30.36
N SER A 96 39.37 0.19 29.35
CA SER A 96 40.66 -0.53 29.48
C SER A 96 41.81 0.45 29.77
N SER A 97 41.56 1.76 29.76
CA SER A 97 42.60 2.81 29.60
C SER A 97 43.22 3.24 30.93
N HIS A 98 43.08 2.44 32.01
CA HIS A 98 43.54 2.80 33.37
C HIS A 98 44.77 1.98 33.77
N GLY A 99 45.60 2.54 34.65
CA GLY A 99 46.78 1.86 35.22
C GLY A 99 46.44 1.25 36.57
N GLN A 100 47.32 0.39 37.09
CA GLN A 100 47.20 -0.18 38.46
C GLN A 100 48.01 0.70 39.40
N LYS A 101 47.69 0.63 40.69
CA LYS A 101 48.51 1.23 41.78
C LYS A 101 48.60 0.23 42.93
N SER A 102 49.65 -0.58 42.96
CA SER A 102 49.95 -1.56 44.03
C SER A 102 50.61 -0.85 45.23
N ASN A 103 51.21 0.33 45.02
CA ASN A 103 52.08 0.97 46.03
C ASN A 103 52.24 2.48 45.80
N PHE A 104 52.62 3.19 46.86
CA PHE A 104 53.20 4.55 46.80
C PHE A 104 54.73 4.41 46.89
N GLY A 105 55.46 4.97 45.92
CA GLY A 105 56.93 4.96 45.91
C GLY A 105 57.50 6.35 46.06
N PHE A 106 58.61 6.46 46.80
CA PHE A 106 59.33 7.72 47.11
C PHE A 106 60.83 7.47 46.92
N MET A 107 61.50 8.35 46.18
CA MET A 107 62.94 8.25 45.84
C MET A 107 63.53 9.67 45.95
N PHE A 108 64.53 9.86 46.81
CA PHE A 108 65.24 11.14 47.00
C PHE A 108 66.32 11.30 45.93
N HIS A 109 66.40 12.48 45.34
CA HIS A 109 67.43 12.88 44.34
C HIS A 109 68.11 14.17 44.80
N ARG A 110 69.43 14.25 44.65
CA ARG A 110 70.21 15.50 44.84
C ARG A 110 70.81 15.92 43.49
N ASP A 111 70.94 17.23 43.28
CA ASP A 111 71.46 17.85 42.02
C ASP A 111 72.74 17.13 41.57
N GLY A 112 72.75 16.55 40.37
CA GLY A 112 73.93 15.96 39.71
C GLY A 112 74.33 14.61 40.32
N GLU A 113 73.55 14.09 41.27
CA GLU A 113 73.87 12.84 42.01
C GLU A 113 72.93 11.71 41.57
N GLU A 114 73.43 10.48 41.53
CA GLU A 114 72.61 9.24 41.51
C GLU A 114 71.80 9.17 42.79
N PRO A 115 70.56 8.62 42.76
CA PRO A 115 69.77 8.48 43.98
C PRO A 115 70.42 7.47 44.95
N ASP A 116 70.50 7.82 46.23
CA ASP A 116 70.97 6.91 47.32
C ASP A 116 69.87 5.85 47.52
N PRO A 117 70.18 4.54 47.37
CA PRO A 117 69.17 3.50 47.54
C PRO A 117 68.69 3.32 48.99
N ASN A 118 69.35 3.98 49.95
CA ASN A 118 68.94 4.00 51.38
C ASN A 118 68.03 5.19 51.66
N GLU A 119 67.71 6.02 50.64
CA GLU A 119 66.77 7.16 50.77
C GLU A 119 65.55 6.95 49.86
N THR A 120 64.95 5.77 49.95
CA THR A 120 63.65 5.42 49.31
C THR A 120 62.65 4.98 50.37
N SER A 121 61.37 5.13 50.08
CA SER A 121 60.23 4.60 50.88
C SER A 121 59.23 3.97 49.92
N GLN A 122 58.61 2.88 50.35
CA GLN A 122 57.49 2.25 49.61
C GLN A 122 56.42 1.83 50.62
N PHE A 123 55.16 2.17 50.34
CA PHE A 123 53.97 1.63 51.02
C PHE A 123 53.18 0.84 49.98
N ARG A 124 53.26 -0.50 50.06
CA ARG A 124 52.36 -1.41 49.28
C ARG A 124 51.00 -1.42 49.96
N ILE A 125 49.93 -1.17 49.21
CA ILE A 125 48.57 -0.97 49.78
C ILE A 125 48.02 -2.35 50.15
N PRO A 126 47.60 -2.56 51.42
CA PRO A 126 47.05 -3.85 51.82
C PRO A 126 45.77 -4.20 51.03
N SER A 127 45.55 -5.48 50.76
CA SER A 127 44.42 -6.03 49.95
C SER A 127 43.06 -5.68 50.55
N ILE A 128 42.98 -5.54 51.89
CA ILE A 128 41.71 -5.40 52.66
C ILE A 128 41.00 -4.09 52.27
N VAL A 129 41.73 -3.02 51.98
CA VAL A 129 41.15 -1.70 51.58
C VAL A 129 40.80 -1.72 50.08
N GLY A 130 41.28 -2.72 49.33
CA GLY A 130 40.95 -2.92 47.91
C GLY A 130 42.11 -2.57 46.99
N ASN A 131 41.89 -2.71 45.68
CA ASN A 131 42.95 -2.62 44.64
C ASN A 131 42.88 -1.24 43.97
N ALA A 132 43.89 -0.41 44.23
CA ALA A 132 43.96 1.01 43.81
C ALA A 132 44.24 1.09 42.30
N ALA A 133 43.91 2.23 41.69
CA ALA A 133 44.02 2.46 40.23
C ALA A 133 44.68 3.81 39.96
N HIS A 134 45.26 3.92 38.76
CA HIS A 134 45.59 5.20 38.09
C HIS A 134 44.43 5.50 37.13
N PHE A 135 43.51 6.38 37.53
CA PHE A 135 42.34 6.78 36.70
C PHE A 135 42.81 7.66 35.55
N PHE A 136 42.53 7.21 34.32
CA PHE A 136 42.46 8.05 33.10
C PHE A 136 41.16 8.83 33.18
N ARG A 137 41.22 10.07 33.69
CA ARG A 137 40.02 10.80 34.16
C ARG A 137 39.05 11.09 33.00
N GLN A 138 39.54 11.29 31.77
CA GLN A 138 38.67 11.50 30.58
C GLN A 138 37.62 10.38 30.51
N ASP A 139 37.97 9.15 30.90
CA ASP A 139 37.08 7.96 30.78
C ASP A 139 36.22 7.81 32.05
N THR A 140 36.78 7.98 33.25
CA THR A 140 36.00 7.91 34.52
C THR A 140 34.92 9.01 34.50
N ASP A 141 35.26 10.21 34.03
CA ASP A 141 34.36 11.39 34.07
C ASP A 141 33.28 11.26 33.00
N SER A 142 33.62 10.79 31.79
CA SER A 142 32.62 10.44 30.74
C SER A 142 31.66 9.39 31.31
N TYR A 143 32.20 8.34 31.92
CA TYR A 143 31.42 7.20 32.48
C TYR A 143 30.37 7.72 33.47
N MET A 144 30.77 8.54 34.45
CA MET A 144 29.85 9.00 35.52
C MET A 144 28.88 10.05 34.95
N PHE A 145 29.28 10.80 33.92
CA PHE A 145 28.40 11.78 33.22
C PHE A 145 27.28 11.03 32.47
N HIS A 146 27.61 9.96 31.76
CA HIS A 146 26.63 9.10 31.04
C HIS A 146 25.67 8.49 32.07
N ALA A 147 26.19 8.09 33.24
CA ALA A 147 25.39 7.53 34.35
C ALA A 147 24.39 8.59 34.84
N ALA A 148 24.87 9.82 35.07
CA ALA A 148 24.06 10.96 35.59
C ALA A 148 22.93 11.27 34.60
N VAL A 149 23.23 11.30 33.30
CA VAL A 149 22.22 11.56 32.23
C VAL A 149 21.23 10.38 32.19
N ARG A 150 21.71 9.15 32.30
CA ARG A 150 20.87 7.91 32.29
C ARG A 150 19.91 7.93 33.48
N TYR A 151 20.30 8.49 34.63
CA TYR A 151 19.44 8.57 35.84
C TYR A 151 18.40 9.70 35.70
N GLY A 152 18.57 10.61 34.73
CA GLY A 152 17.58 11.63 34.38
C GLY A 152 18.09 13.07 34.53
N CYS A 153 19.37 13.26 34.85
CA CYS A 153 20.01 14.61 34.84
C CYS A 153 19.91 15.22 33.45
N ASP A 154 19.45 16.47 33.36
CA ASP A 154 19.60 17.31 32.15
C ASP A 154 21.02 17.88 32.19
N ALA A 155 21.59 18.19 31.03
CA ALA A 155 22.95 18.78 30.96
C ALA A 155 23.01 19.80 29.82
N ARG A 156 23.77 20.87 30.05
CA ARG A 156 24.23 21.82 29.02
C ARG A 156 25.76 21.87 29.11
N GLN A 157 26.43 21.45 28.04
CA GLN A 157 27.91 21.50 27.90
C GLN A 157 28.26 22.70 27.02
N TYR A 158 29.54 23.10 27.00
CA TYR A 158 30.01 24.35 26.36
C TYR A 158 29.14 25.52 26.87
N TYR A 159 28.74 25.46 28.13
CA TYR A 159 27.83 26.45 28.77
C TYR A 159 28.63 27.25 29.80
N ARG A 160 28.91 28.51 29.48
CA ARG A 160 29.67 29.45 30.34
C ARG A 160 28.70 30.19 31.26
N VAL A 161 28.89 30.09 32.58
CA VAL A 161 28.10 30.82 33.62
C VAL A 161 28.68 32.22 33.78
N GLU A 162 27.88 33.27 33.54
CA GLU A 162 28.26 34.70 33.65
C GLU A 162 27.76 35.30 34.97
N ASN A 163 26.60 34.86 35.48
CA ASN A 163 25.93 35.50 36.63
C ASN A 163 25.14 34.47 37.46
N ILE A 164 25.17 34.64 38.79
CA ILE A 164 24.40 33.84 39.79
C ILE A 164 23.67 34.83 40.71
N GLU A 165 22.33 34.73 40.80
CA GLU A 165 21.45 35.63 41.59
C GLU A 165 20.59 34.79 42.53
N PHE A 166 20.66 35.06 43.83
CA PHE A 166 19.83 34.39 44.86
C PHE A 166 18.63 35.28 45.22
N ASP A 167 17.47 34.68 45.43
CA ASP A 167 16.27 35.33 46.03
C ASP A 167 15.64 34.33 47.01
N ASP A 168 14.53 34.70 47.65
CA ASP A 168 13.87 33.90 48.72
C ASP A 168 13.34 32.59 48.16
N GLY A 169 13.13 32.47 46.85
CA GLY A 169 12.49 31.30 46.21
C GLY A 169 13.47 30.36 45.53
N GLY A 170 14.75 30.72 45.40
CA GLY A 170 15.73 29.90 44.66
C GLY A 170 16.86 30.71 44.06
N VAL A 171 17.44 30.22 42.97
CA VAL A 171 18.64 30.79 42.30
C VAL A 171 18.41 30.82 40.79
N THR A 172 18.87 31.89 40.13
CA THR A 172 18.86 32.10 38.66
C THR A 172 20.32 32.13 38.18
N VAL A 173 20.67 31.21 37.28
CA VAL A 173 22.02 31.13 36.64
C VAL A 173 21.87 31.66 35.21
N SER A 174 22.67 32.66 34.84
CA SER A 174 22.67 33.28 33.49
C SER A 174 23.92 32.85 32.72
N GLY A 175 23.71 32.34 31.50
CA GLY A 175 24.79 31.96 30.56
C GLY A 175 25.18 33.13 29.68
N ALA A 176 26.34 33.02 29.02
CA ALA A 176 26.85 33.99 28.01
C ALA A 176 25.96 33.94 26.76
N ASP A 177 25.31 32.81 26.48
CA ASP A 177 24.41 32.62 25.31
C ASP A 177 23.07 33.33 25.53
N GLY A 178 22.86 33.97 26.68
CA GLY A 178 21.68 34.81 26.98
C GLY A 178 20.57 34.04 27.70
N SER A 179 20.74 32.74 27.89
CA SER A 179 19.75 31.83 28.53
C SER A 179 19.89 31.92 30.07
N THR A 180 18.86 31.45 30.78
CA THR A 180 18.82 31.39 32.26
C THR A 180 18.37 29.99 32.68
N VAL A 181 18.92 29.48 33.78
CA VAL A 181 18.44 28.27 34.48
C VAL A 181 17.93 28.69 35.85
N ARG A 182 16.74 28.24 36.23
CA ARG A 182 16.10 28.50 37.55
C ARG A 182 16.12 27.20 38.35
N ALA A 183 16.64 27.25 39.58
CA ALA A 183 16.69 26.09 40.50
C ALA A 183 16.42 26.55 41.93
N ARG A 184 16.16 25.59 42.82
CA ARG A 184 15.90 25.82 44.26
C ARG A 184 17.23 25.85 45.02
N TYR A 185 18.29 25.27 44.46
CA TYR A 185 19.60 25.09 45.16
C TYR A 185 20.72 25.03 44.13
N LEU A 186 21.87 25.63 44.44
CA LEU A 186 23.08 25.58 43.57
C LEU A 186 24.20 24.82 44.29
N VAL A 187 24.77 23.81 43.64
CA VAL A 187 26.07 23.19 44.01
C VAL A 187 27.11 23.62 42.98
N ASP A 188 28.18 24.26 43.44
CA ASP A 188 29.36 24.58 42.61
C ASP A 188 30.36 23.44 42.78
N ALA A 189 30.54 22.63 41.74
CA ALA A 189 31.49 21.50 41.67
C ALA A 189 32.56 21.81 40.61
N SER A 190 33.00 23.08 40.53
CA SER A 190 34.09 23.55 39.65
C SER A 190 35.42 23.44 40.41
N GLY A 191 36.43 24.22 40.04
CA GLY A 191 37.73 24.27 40.73
C GLY A 191 38.05 25.67 41.16
N PHE A 192 39.26 26.16 40.83
CA PHE A 192 39.79 27.49 41.20
C PHE A 192 38.90 28.59 40.60
N ARG A 193 38.34 28.36 39.40
CA ARG A 193 37.57 29.36 38.62
C ARG A 193 36.11 29.43 39.12
N SER A 194 35.74 28.65 40.13
CA SER A 194 34.39 28.60 40.75
C SER A 194 33.65 29.91 40.52
N PRO A 195 32.61 29.95 39.66
CA PRO A 195 31.79 31.14 39.48
C PRO A 195 31.14 31.60 40.80
N LEU A 196 30.74 30.67 41.66
CA LEU A 196 30.03 30.99 42.92
C LEU A 196 31.00 31.68 43.88
N ALA A 197 32.22 31.15 44.03
CA ALA A 197 33.28 31.71 44.92
C ALA A 197 33.55 33.17 44.53
N ARG A 198 33.58 33.46 43.23
CA ARG A 198 33.79 34.82 42.65
C ARG A 198 32.57 35.70 42.93
N GLN A 199 31.36 35.21 42.62
CA GLN A 199 30.08 35.96 42.77
C GLN A 199 29.92 36.45 44.22
N LEU A 200 30.16 35.57 45.20
CA LEU A 200 29.90 35.82 46.65
C LEU A 200 31.18 36.24 47.39
N GLY A 201 32.32 36.34 46.69
CA GLY A 201 33.64 36.69 47.27
C GLY A 201 34.05 35.75 48.39
N LEU A 202 33.99 34.44 48.17
CA LEU A 202 34.19 33.41 49.23
C LEU A 202 35.67 33.08 49.43
N ARG A 203 36.54 33.43 48.48
CA ARG A 203 37.99 33.12 48.53
C ARG A 203 38.66 33.95 49.63
N GLU A 204 39.41 33.28 50.51
CA GLU A 204 40.32 33.94 51.47
C GLU A 204 41.48 34.56 50.68
N GLU A 205 41.64 35.88 50.74
CA GLU A 205 42.73 36.61 50.02
C GLU A 205 43.39 37.57 51.02
N PRO A 206 44.59 37.24 51.55
CA PRO A 206 45.35 36.05 51.16
C PRO A 206 44.81 34.74 51.78
N SER A 207 45.16 33.60 51.18
CA SER A 207 44.80 32.23 51.65
C SER A 207 45.44 31.95 53.02
N ARG A 208 44.73 31.23 53.90
CA ARG A 208 45.20 30.87 55.26
C ARG A 208 46.24 29.73 55.19
N LEU A 209 46.37 29.07 54.03
CA LEU A 209 47.12 27.79 53.89
C LEU A 209 48.64 28.04 53.97
N LYS A 210 49.34 27.15 54.68
CA LYS A 210 50.81 27.18 54.89
C LYS A 210 51.55 26.60 53.67
N HIS A 211 50.97 25.63 52.97
CA HIS A 211 51.64 24.93 51.84
C HIS A 211 51.76 25.86 50.64
N HIS A 212 52.95 25.92 50.04
CA HIS A 212 53.26 26.69 48.81
C HIS A 212 53.80 25.73 47.74
N ALA A 213 53.15 25.70 46.58
CA ALA A 213 53.64 24.95 45.40
C ALA A 213 52.89 25.42 44.16
N ARG A 214 53.63 25.60 43.06
CA ARG A 214 53.10 25.73 41.69
C ARG A 214 53.45 24.44 40.93
N SER A 215 52.86 24.26 39.74
CA SER A 215 52.92 22.98 39.00
C SER A 215 53.23 23.20 37.52
N ILE A 216 53.87 22.20 36.92
CA ILE A 216 53.97 21.99 35.46
C ILE A 216 53.64 20.51 35.21
N PHE A 217 52.66 20.20 34.36
CA PHE A 217 52.26 18.79 34.15
C PHE A 217 51.70 18.59 32.74
N THR A 218 51.73 17.31 32.32
CA THR A 218 51.23 16.86 31.00
C THR A 218 51.01 15.35 31.05
N HIS A 219 50.64 14.78 29.91
CA HIS A 219 50.64 13.32 29.64
C HIS A 219 51.75 13.05 28.61
N MET A 220 52.52 11.99 28.83
CA MET A 220 53.67 11.63 27.97
C MET A 220 53.51 10.22 27.43
N VAL A 221 54.05 9.99 26.23
CA VAL A 221 54.22 8.65 25.62
C VAL A 221 55.73 8.32 25.67
N GLY A 222 56.09 7.06 25.89
CA GLY A 222 57.49 6.58 25.92
C GLY A 222 58.20 6.84 27.24
N VAL A 223 57.47 6.92 28.37
CA VAL A 223 58.10 6.97 29.73
C VAL A 223 58.48 5.54 30.14
N ASP A 224 59.73 5.35 30.57
CA ASP A 224 60.26 4.04 31.02
C ASP A 224 59.92 3.83 32.51
N ALA A 225 60.04 2.58 32.98
CA ALA A 225 59.98 2.21 34.41
C ALA A 225 61.26 2.71 35.08
N ILE A 226 61.15 3.39 36.23
CA ILE A 226 62.34 3.83 37.03
C ILE A 226 63.15 2.58 37.41
N ASP A 227 62.47 1.44 37.64
CA ASP A 227 63.10 0.16 38.06
C ASP A 227 64.23 -0.23 37.11
N ASP A 228 64.14 0.15 35.83
CA ASP A 228 65.07 -0.26 34.74
C ASP A 228 66.20 0.77 34.54
N HIS A 229 66.23 1.88 35.29
CA HIS A 229 67.20 2.99 35.05
C HIS A 229 67.93 3.39 36.35
N VAL A 230 67.78 2.62 37.44
CA VAL A 230 68.53 2.84 38.70
C VAL A 230 69.43 1.63 38.96
N ASP A 231 70.62 1.89 39.53
CA ASP A 231 71.68 0.90 39.86
C ASP A 231 71.55 0.58 41.36
N THR A 232 70.58 -0.25 41.73
CA THR A 232 70.18 -0.55 43.13
C THR A 232 70.70 -1.94 43.52
N PRO A 233 71.47 -2.07 44.62
CA PRO A 233 71.84 -3.40 45.15
C PRO A 233 70.61 -4.30 45.32
N ALA A 234 70.71 -5.57 44.93
CA ALA A 234 69.59 -6.55 44.88
C ALA A 234 68.80 -6.53 46.20
N GLU A 235 69.45 -6.33 47.33
CA GLU A 235 68.85 -6.44 48.70
C GLU A 235 68.11 -5.15 49.08
N LEU A 236 68.41 -4.02 48.43
CA LEU A 236 67.73 -2.72 48.68
C LEU A 236 66.62 -2.49 47.65
N ARG A 237 66.38 -3.42 46.73
CA ARG A 237 65.33 -3.32 45.70
C ARG A 237 63.96 -3.50 46.37
N PRO A 238 62.91 -2.77 45.94
CA PRO A 238 61.60 -2.86 46.56
C PRO A 238 60.94 -4.22 46.33
N PRO A 239 60.06 -4.69 47.25
CA PRO A 239 59.39 -5.99 47.08
C PRO A 239 58.41 -6.04 45.90
N VAL A 240 57.88 -4.88 45.49
CA VAL A 240 57.05 -4.75 44.24
C VAL A 240 57.60 -3.58 43.45
N PRO A 241 57.52 -3.62 42.10
CA PRO A 241 58.13 -2.59 41.26
C PRO A 241 57.58 -1.18 41.55
N TRP A 242 58.47 -0.19 41.50
CA TRP A 242 58.13 1.25 41.56
C TRP A 242 57.07 1.58 40.50
N ASN A 243 57.23 1.04 39.30
CA ASN A 243 56.43 1.38 38.10
C ASN A 243 55.01 0.81 38.20
N ASP A 244 54.78 -0.14 39.13
CA ASP A 244 53.44 -0.73 39.40
C ASP A 244 52.60 0.22 40.26
N GLY A 245 53.17 1.35 40.69
CA GLY A 245 52.52 2.32 41.58
C GLY A 245 52.81 3.77 41.20
N THR A 246 52.41 4.70 42.06
CA THR A 246 52.65 6.16 41.91
C THR A 246 54.06 6.43 42.44
N MET A 247 55.00 6.73 41.54
CA MET A 247 56.40 7.08 41.91
C MET A 247 56.47 8.59 42.17
N HIS A 248 57.05 8.98 43.30
CA HIS A 248 57.29 10.37 43.75
C HIS A 248 58.80 10.60 43.77
N HIS A 249 59.36 11.33 42.80
CA HIS A 249 60.78 11.76 42.80
C HIS A 249 60.89 13.00 43.68
N ILE A 250 61.43 12.85 44.88
CA ILE A 250 61.56 13.94 45.91
C ILE A 250 62.89 14.67 45.72
N PHE A 251 62.87 16.00 45.82
CA PHE A 251 64.06 16.88 45.87
C PHE A 251 63.74 18.06 46.77
N GLU A 252 64.70 18.96 46.96
CA GLU A 252 64.59 20.18 47.80
C GLU A 252 63.33 20.96 47.41
N ARG A 253 62.32 20.99 48.30
CA ARG A 253 61.10 21.84 48.23
C ARG A 253 60.35 21.60 46.91
N GLY A 254 60.30 20.34 46.48
CA GLY A 254 59.52 19.95 45.28
C GLY A 254 59.49 18.45 45.12
N TRP A 255 58.60 17.97 44.24
CA TRP A 255 58.60 16.54 43.84
C TRP A 255 58.01 16.42 42.43
N MET A 256 58.23 15.27 41.80
CA MET A 256 57.68 14.95 40.47
C MET A 256 56.90 13.63 40.58
N TRP A 257 55.69 13.60 40.02
CA TRP A 257 54.87 12.37 39.95
C TRP A 257 55.15 11.66 38.62
N ILE A 258 55.15 10.33 38.67
CA ILE A 258 55.16 9.44 37.47
C ILE A 258 53.99 8.47 37.65
N ILE A 259 52.96 8.61 36.83
CA ILE A 259 51.69 7.83 36.96
C ILE A 259 51.40 7.14 35.63
N PRO A 260 51.94 5.90 35.42
CA PRO A 260 51.69 5.16 34.20
C PRO A 260 50.27 4.59 34.10
N PHE A 261 49.70 4.62 32.90
CA PHE A 261 48.40 3.99 32.58
C PHE A 261 48.66 2.62 31.96
N ASN A 262 49.93 2.27 31.74
CA ASN A 262 50.33 1.06 30.96
C ASN A 262 51.13 0.08 31.81
N ASN A 263 51.04 0.14 33.14
CA ASN A 263 51.91 -0.63 34.08
C ASN A 263 51.26 -1.95 34.46
N HIS A 264 50.65 -2.66 33.52
CA HIS A 264 50.08 -4.02 33.71
C HIS A 264 50.05 -4.76 32.37
N PRO A 265 50.11 -6.10 32.38
CA PRO A 265 50.13 -6.88 31.13
C PRO A 265 48.91 -6.61 30.24
N GLY A 266 49.15 -6.28 28.96
CA GLY A 266 48.10 -6.05 27.95
C GLY A 266 47.35 -4.73 28.15
N ALA A 267 47.96 -3.76 28.85
CA ALA A 267 47.43 -2.40 29.03
C ALA A 267 47.29 -1.71 27.66
N THR A 268 46.11 -1.15 27.37
CA THR A 268 45.81 -0.50 26.07
C THR A 268 46.31 0.95 26.04
N ASN A 269 46.44 1.63 27.18
CA ASN A 269 46.77 3.09 27.24
C ASN A 269 48.28 3.26 27.40
N PRO A 270 49.00 3.77 26.37
CA PRO A 270 50.45 3.88 26.41
C PRO A 270 50.95 5.13 27.17
N LEU A 271 50.02 5.96 27.65
CA LEU A 271 50.35 7.28 28.24
C LEU A 271 50.86 7.10 29.67
N CYS A 272 51.60 8.11 30.11
CA CYS A 272 52.03 8.29 31.52
C CYS A 272 51.74 9.74 31.92
N SER A 273 51.06 9.92 33.05
CA SER A 273 50.87 11.26 33.67
C SER A 273 52.17 11.66 34.39
N VAL A 274 52.63 12.88 34.10
CA VAL A 274 53.94 13.42 34.57
C VAL A 274 53.74 14.89 34.95
N GLY A 275 54.19 15.26 36.15
CA GLY A 275 54.13 16.66 36.60
C GLY A 275 55.14 16.93 37.69
N ILE A 276 55.49 18.19 37.87
CA ILE A 276 56.44 18.65 38.93
C ILE A 276 55.71 19.69 39.79
N GLN A 277 55.77 19.52 41.10
CA GLN A 277 55.38 20.55 42.10
C GLN A 277 56.65 21.25 42.58
N LEU A 278 56.68 22.58 42.52
CA LEU A 278 57.81 23.42 42.99
C LEU A 278 57.24 24.47 43.97
N ASP A 279 57.84 24.57 45.17
CA ASP A 279 57.60 25.70 46.11
C ASP A 279 58.06 27.00 45.42
N GLU A 280 57.13 27.91 45.12
CA GLU A 280 57.42 29.10 44.28
C GLU A 280 58.27 30.11 45.05
N ARG A 281 58.37 29.98 46.38
CA ARG A 281 59.21 30.88 47.23
C ARG A 281 60.68 30.56 46.96
N ARG A 282 61.00 29.29 46.65
CA ARG A 282 62.39 28.81 46.47
C ARG A 282 62.68 28.55 44.98
N TYR A 283 61.66 28.38 44.14
CA TYR A 283 61.81 28.24 42.67
C TYR A 283 60.98 29.30 41.96
N PRO A 284 61.56 30.50 41.69
CA PRO A 284 60.80 31.62 41.12
C PRO A 284 60.42 31.33 39.67
N ALA A 285 59.32 31.95 39.21
CA ALA A 285 58.77 31.81 37.84
C ALA A 285 59.85 32.08 36.80
N ARG A 286 59.81 31.35 35.68
CA ARG A 286 60.73 31.49 34.52
C ARG A 286 59.89 31.76 33.28
N PRO A 287 59.31 32.98 33.13
CA PRO A 287 58.44 33.29 32.00
C PRO A 287 59.22 33.35 30.66
N ASP A 288 60.55 33.45 30.74
CA ASP A 288 61.48 33.39 29.58
C ASP A 288 61.52 31.97 29.00
N LEU A 289 61.20 30.94 29.79
CA LEU A 289 61.17 29.52 29.35
C LEU A 289 59.72 29.15 29.01
N THR A 290 59.52 28.25 28.04
CA THR A 290 58.22 27.56 27.81
C THR A 290 57.98 26.60 28.97
N PRO A 291 56.72 26.21 29.26
CA PRO A 291 56.44 25.18 30.26
C PRO A 291 57.34 23.94 30.12
N GLU A 292 57.50 23.45 28.88
CA GLU A 292 58.27 22.21 28.58
C GLU A 292 59.76 22.42 28.87
N GLU A 293 60.32 23.56 28.45
CA GLU A 293 61.74 23.91 28.73
C GLU A 293 61.95 23.97 30.24
N GLU A 294 61.03 24.58 30.99
CA GLU A 294 61.17 24.69 32.47
C GLU A 294 61.09 23.29 33.09
N PHE A 295 60.23 22.43 32.55
CA PHE A 295 60.06 21.04 33.04
C PHE A 295 61.38 20.28 32.88
N TRP A 296 61.95 20.30 31.67
CA TRP A 296 63.21 19.59 31.31
C TRP A 296 64.40 20.16 32.09
N SER A 297 64.39 21.46 32.40
CA SER A 297 65.47 22.11 33.21
C SER A 297 65.56 21.44 34.57
N HIS A 298 64.42 21.03 35.16
CA HIS A 298 64.36 20.28 36.45
C HIS A 298 64.71 18.81 36.22
N VAL A 299 64.26 18.20 35.12
CA VAL A 299 64.59 16.78 34.79
C VAL A 299 66.13 16.66 34.74
N ASP A 300 66.80 17.62 34.11
CA ASP A 300 68.27 17.59 33.84
C ASP A 300 69.09 17.70 35.14
N ARG A 301 68.45 18.06 36.26
CA ARG A 301 69.11 18.17 37.59
C ARG A 301 69.44 16.77 38.14
N PHE A 302 68.66 15.74 37.75
CA PHE A 302 68.62 14.42 38.41
C PHE A 302 68.92 13.32 37.40
N PRO A 303 70.17 12.82 37.36
CA PRO A 303 70.60 11.81 36.38
C PRO A 303 69.66 10.62 36.17
N ALA A 304 69.13 9.99 37.23
CA ALA A 304 68.25 8.81 37.15
C ALA A 304 66.89 9.18 36.52
N VAL A 305 66.35 10.36 36.85
CA VAL A 305 65.06 10.85 36.28
C VAL A 305 65.28 11.16 34.80
N GLN A 306 66.43 11.75 34.47
CA GLN A 306 66.84 12.09 33.08
C GLN A 306 66.85 10.80 32.24
N ARG A 307 67.36 9.70 32.80
CA ARG A 307 67.43 8.39 32.10
C ARG A 307 66.02 7.81 31.94
N GLN A 308 65.19 7.90 32.98
CA GLN A 308 63.78 7.42 32.93
C GLN A 308 62.98 8.13 31.82
N LEU A 309 63.18 9.44 31.61
CA LEU A 309 62.31 10.27 30.73
C LEU A 309 62.97 10.54 29.37
N LYS A 310 64.11 9.91 29.07
CA LYS A 310 64.98 10.32 27.93
C LYS A 310 64.19 10.25 26.60
N GLY A 311 63.35 9.24 26.40
CA GLY A 311 62.54 9.08 25.18
C GLY A 311 61.10 9.57 25.35
N ALA A 312 60.76 10.20 26.47
CA ALA A 312 59.39 10.67 26.79
C ALA A 312 59.05 11.91 25.96
N ARG A 313 57.87 11.90 25.32
CA ARG A 313 57.35 13.03 24.52
C ARG A 313 55.95 13.39 25.02
N SER A 314 55.70 14.69 25.24
CA SER A 314 54.38 15.24 25.62
C SER A 314 53.38 15.05 24.47
N VAL A 315 52.17 14.58 24.77
CA VAL A 315 51.05 14.43 23.79
C VAL A 315 49.98 15.48 24.08
N ARG A 316 50.23 16.42 25.01
CA ARG A 316 49.26 17.49 25.37
C ARG A 316 49.97 18.84 25.35
N GLU A 317 49.19 19.92 25.20
CA GLU A 317 49.61 21.29 25.57
C GLU A 317 49.92 21.28 27.06
N TRP A 318 51.09 21.75 27.45
CA TRP A 318 51.57 21.76 28.87
C TRP A 318 50.68 22.70 29.70
N VAL A 319 50.41 22.33 30.96
CA VAL A 319 49.83 23.25 31.98
C VAL A 319 50.97 23.75 32.85
N ARG A 320 51.09 25.07 32.99
CA ARG A 320 52.00 25.73 33.98
C ARG A 320 51.16 26.70 34.81
N THR A 321 51.15 26.51 36.13
CA THR A 321 50.29 27.27 37.08
C THR A 321 51.15 28.29 37.84
N ASP A 322 50.47 29.22 38.51
CA ASP A 322 51.03 29.99 39.65
C ASP A 322 50.82 29.16 40.91
N ARG A 323 51.16 29.71 42.08
CA ARG A 323 50.81 29.08 43.38
C ARG A 323 49.38 28.53 43.28
N MET A 324 49.19 27.23 43.50
CA MET A 324 47.92 26.50 43.20
C MET A 324 46.96 26.55 44.38
N GLN A 325 47.45 26.86 45.59
CA GLN A 325 46.66 26.70 46.84
C GLN A 325 45.59 27.78 46.89
N TYR A 326 44.39 27.43 47.34
CA TYR A 326 43.30 28.39 47.63
C TYR A 326 42.41 27.80 48.72
N SER A 327 41.70 28.67 49.42
CA SER A 327 40.83 28.36 50.57
C SER A 327 39.65 29.35 50.58
N SER A 328 38.59 29.01 51.33
CA SER A 328 37.33 29.79 51.40
C SER A 328 36.96 30.07 52.85
N SER A 329 36.33 31.22 53.09
CA SER A 329 35.84 31.65 54.43
C SER A 329 34.55 30.90 54.76
N ARG A 330 33.74 30.56 53.75
CA ARG A 330 32.44 29.83 53.88
C ARG A 330 32.23 28.91 52.67
N THR A 331 31.77 27.67 52.89
CA THR A 331 31.59 26.65 51.82
C THR A 331 30.11 26.24 51.71
N VAL A 332 29.25 26.72 52.60
CA VAL A 332 27.78 26.47 52.58
C VAL A 332 27.05 27.76 52.98
N GLY A 333 25.96 28.06 52.28
CA GLY A 333 25.01 29.13 52.65
C GLY A 333 23.60 28.73 52.27
N GLU A 334 22.66 29.68 52.37
CA GLU A 334 21.24 29.44 52.05
C GLU A 334 21.09 29.17 50.55
N ARG A 335 20.72 27.94 50.19
CA ARG A 335 20.43 27.48 48.81
C ARG A 335 21.73 27.30 47.99
N TRP A 336 22.90 27.17 48.62
CA TRP A 336 24.16 26.87 47.89
C TRP A 336 25.16 26.09 48.75
N CYS A 337 25.95 25.27 48.07
CA CYS A 337 27.09 24.52 48.63
C CYS A 337 28.27 24.58 47.64
N LEU A 338 29.45 24.85 48.18
CA LEU A 338 30.77 24.77 47.50
C LEU A 338 31.30 23.35 47.71
N MET A 339 31.39 22.54 46.65
CA MET A 339 31.95 21.16 46.71
C MET A 339 33.45 21.23 46.97
N SER A 340 34.06 20.16 47.50
CA SER A 340 35.44 20.12 48.03
C SER A 340 36.41 20.90 47.14
N HIS A 341 36.54 20.56 45.86
CA HIS A 341 37.58 21.13 44.97
C HIS A 341 37.26 22.60 44.62
N ALA A 342 35.99 23.00 44.64
CA ALA A 342 35.59 24.42 44.46
C ALA A 342 35.91 25.23 45.72
N ALA A 343 36.00 24.58 46.88
CA ALA A 343 36.21 25.24 48.20
C ALA A 343 37.70 25.50 48.47
N GLY A 344 38.56 24.54 48.15
CA GLY A 344 39.99 24.63 48.47
C GLY A 344 40.80 23.54 47.79
N PHE A 345 42.11 23.76 47.68
CA PHE A 345 43.09 22.79 47.14
C PHE A 345 44.43 22.99 47.84
N ILE A 346 45.10 21.88 48.13
CA ILE A 346 46.48 21.84 48.73
C ILE A 346 47.48 21.46 47.62
N ASP A 347 47.45 20.22 47.16
CA ASP A 347 48.54 19.64 46.33
C ASP A 347 48.12 18.25 45.86
N PRO A 348 48.64 17.77 44.72
CA PRO A 348 48.48 16.36 44.33
C PRO A 348 49.02 15.35 45.34
N LEU A 349 50.01 15.73 46.17
CA LEU A 349 50.75 14.82 47.07
C LEU A 349 49.76 14.05 47.97
N PHE A 350 49.80 12.72 47.88
CA PHE A 350 49.10 11.73 48.74
C PHE A 350 47.69 11.47 48.20
N SER A 351 47.29 12.14 47.11
CA SER A 351 46.00 11.95 46.41
C SER A 351 44.82 12.09 47.38
N ARG A 352 44.83 13.16 48.17
CA ARG A 352 43.77 13.47 49.17
C ARG A 352 42.54 14.03 48.43
N GLY A 353 42.74 14.64 47.27
CA GLY A 353 41.71 15.39 46.52
C GLY A 353 40.43 14.59 46.36
N LEU A 354 40.51 13.38 45.81
CA LEU A 354 39.32 12.55 45.47
C LEU A 354 38.72 11.94 46.73
N SER A 355 39.54 11.66 47.76
CA SER A 355 39.08 11.25 49.11
C SER A 355 38.20 12.37 49.71
N ASN A 356 38.71 13.61 49.76
CA ASN A 356 37.98 14.78 50.30
C ASN A 356 36.64 14.91 49.56
N THR A 357 36.67 14.79 48.24
CA THR A 357 35.48 14.88 47.36
C THR A 357 34.41 13.88 47.84
N CYS A 358 34.82 12.64 48.11
CA CYS A 358 33.92 11.52 48.48
C CYS A 358 33.37 11.74 49.89
N GLU A 359 34.20 12.24 50.83
CA GLU A 359 33.77 12.55 52.22
C GLU A 359 32.63 13.58 52.18
N ILE A 360 32.75 14.59 51.32
CA ILE A 360 31.76 15.71 51.22
C ILE A 360 30.47 15.20 50.57
N ILE A 361 30.55 14.40 49.50
CA ILE A 361 29.33 13.84 48.84
C ILE A 361 28.55 12.95 49.83
N ASN A 362 29.26 12.20 50.68
CA ASN A 362 28.64 11.30 51.68
C ASN A 362 27.84 12.14 52.69
N ALA A 363 28.49 13.16 53.26
CA ALA A 363 27.94 14.07 54.29
C ALA A 363 26.81 14.95 53.73
N LEU A 364 26.99 15.51 52.52
CA LEU A 364 26.05 16.49 51.91
C LEU A 364 24.76 15.80 51.42
N SER A 365 24.89 14.71 50.67
CA SER A 365 23.82 14.12 49.83
C SER A 365 22.51 13.93 50.62
N TRP A 366 22.53 13.22 51.74
CA TRP A 366 21.29 12.94 52.52
C TRP A 366 20.79 14.23 53.19
N ARG A 367 21.69 15.15 53.58
CA ARG A 367 21.31 16.45 54.19
C ARG A 367 20.61 17.32 53.15
N LEU A 368 21.14 17.38 51.92
CA LEU A 368 20.56 18.19 50.82
C LEU A 368 19.18 17.63 50.46
N MET A 369 19.04 16.30 50.36
CA MET A 369 17.77 15.65 49.93
C MET A 369 16.69 15.88 51.00
N ALA A 370 17.05 15.80 52.29
CA ALA A 370 16.13 16.09 53.42
C ALA A 370 15.69 17.56 53.34
N ALA A 371 16.61 18.48 53.03
CA ALA A 371 16.33 19.93 52.93
C ALA A 371 15.39 20.21 51.76
N LEU A 372 15.66 19.63 50.59
CA LEU A 372 14.81 19.77 49.37
C LEU A 372 13.43 19.24 49.67
N ARG A 373 13.34 18.08 50.33
CA ARG A 373 12.04 17.41 50.63
C ARG A 373 11.21 18.29 51.58
N GLU A 374 11.83 18.81 52.63
CA GLU A 374 11.13 19.65 53.65
C GLU A 374 10.94 21.08 53.12
N ASP A 375 11.64 21.45 52.05
CA ASP A 375 11.71 22.82 51.48
C ASP A 375 12.21 23.79 52.57
N ASP A 376 13.23 23.36 53.33
CA ASP A 376 13.85 24.17 54.41
C ASP A 376 15.36 24.23 54.15
N PHE A 377 15.92 25.44 54.00
CA PHE A 377 17.31 25.65 53.52
C PHE A 377 18.14 26.37 54.57
N ALA A 378 17.71 26.32 55.84
CA ALA A 378 18.46 26.86 57.00
C ALA A 378 19.88 26.29 56.97
N VAL A 379 20.89 27.17 57.06
CA VAL A 379 22.33 26.83 56.94
C VAL A 379 22.73 25.88 58.08
N GLU A 380 22.00 25.93 59.21
CA GLU A 380 22.20 25.05 60.41
C GLU A 380 22.17 23.57 60.01
N ARG A 381 21.36 23.20 59.01
CA ARG A 381 21.25 21.79 58.53
C ARG A 381 22.56 21.32 57.89
N PHE A 382 23.43 22.26 57.49
CA PHE A 382 24.66 22.01 56.70
C PHE A 382 25.92 22.37 57.51
N ALA A 383 25.77 22.57 58.84
CA ALA A 383 26.86 22.96 59.76
C ALA A 383 27.98 21.92 59.75
N TYR A 384 27.65 20.62 59.79
CA TYR A 384 28.66 19.53 59.75
C TYR A 384 29.43 19.57 58.42
N VAL A 385 28.75 19.86 57.31
CA VAL A 385 29.38 19.91 55.95
C VAL A 385 30.42 21.04 55.94
N GLU A 386 30.10 22.20 56.53
CA GLU A 386 31.06 23.34 56.69
C GLU A 386 32.28 22.86 57.50
N GLU A 387 32.04 22.26 58.67
CA GLU A 387 33.09 21.81 59.62
C GLU A 387 33.99 20.78 58.94
N LEU A 388 33.40 19.83 58.22
CA LEU A 388 34.14 18.74 57.52
C LEU A 388 34.99 19.35 56.42
N GLU A 389 34.40 20.24 55.62
CA GLU A 389 35.07 20.89 54.45
C GLU A 389 36.33 21.63 54.92
N GLN A 390 36.22 22.49 55.93
CA GLN A 390 37.35 23.31 56.43
C GLN A 390 38.38 22.41 57.12
N GLY A 391 37.91 21.37 57.84
CA GLY A 391 38.77 20.41 58.56
C GLY A 391 39.63 19.58 57.61
N LEU A 392 39.03 19.05 56.54
CA LEU A 392 39.73 18.28 55.47
C LEU A 392 40.88 19.13 54.92
N LEU A 393 40.61 20.39 54.56
CA LEU A 393 41.61 21.27 53.91
C LEU A 393 42.75 21.59 54.89
N ASP A 394 42.43 21.86 56.15
CA ASP A 394 43.43 22.26 57.18
C ASP A 394 44.34 21.08 57.53
N TRP A 395 43.77 19.88 57.72
CA TRP A 395 44.57 18.65 57.99
C TRP A 395 45.41 18.31 56.75
N ASN A 396 44.81 18.39 55.55
CA ASN A 396 45.51 18.16 54.25
C ASN A 396 46.67 19.15 54.12
N ASP A 397 46.49 20.41 54.55
CA ASP A 397 47.52 21.49 54.49
C ASP A 397 48.77 21.07 55.29
N LYS A 398 48.57 20.65 56.54
CA LYS A 398 49.65 20.26 57.49
C LYS A 398 50.41 19.05 56.95
N LEU A 399 49.71 17.99 56.52
CA LEU A 399 50.34 16.76 55.97
C LEU A 399 51.29 17.13 54.83
N VAL A 400 50.83 17.94 53.87
CA VAL A 400 51.60 18.26 52.64
C VAL A 400 52.72 19.23 53.00
N ASN A 401 52.43 20.25 53.81
CA ASN A 401 53.43 21.25 54.25
C ASN A 401 54.52 20.55 55.06
N ASN A 402 54.15 19.61 55.95
CA ASN A 402 55.10 18.81 56.77
C ASN A 402 56.03 18.03 55.84
N SER A 403 55.48 17.43 54.78
CA SER A 403 56.21 16.60 53.78
C SER A 403 57.23 17.46 53.03
N PHE A 404 56.80 18.58 52.41
CA PHE A 404 57.65 19.52 51.63
C PHE A 404 58.85 19.99 52.48
N ILE A 405 58.62 20.33 53.76
CA ILE A 405 59.68 20.73 54.73
C ILE A 405 60.67 19.56 54.90
N SER A 406 60.15 18.32 55.00
CA SER A 406 60.92 17.08 55.29
C SER A 406 61.76 16.63 54.08
N PHE A 407 61.47 17.13 52.87
CA PHE A 407 62.14 16.70 51.61
C PHE A 407 63.63 17.10 51.63
N SER A 408 64.00 18.05 52.50
CA SER A 408 65.40 18.54 52.68
C SER A 408 66.26 17.51 53.42
N HIS A 409 65.66 16.51 54.09
CA HIS A 409 66.38 15.57 55.00
C HIS A 409 65.59 14.27 55.16
N TYR A 410 66.10 13.17 54.60
CA TYR A 410 65.42 11.85 54.52
C TYR A 410 65.04 11.34 55.91
N PRO A 411 65.93 11.31 56.92
CA PRO A 411 65.57 10.83 58.26
C PRO A 411 64.36 11.55 58.88
N LEU A 412 64.11 12.81 58.49
CA LEU A 412 62.91 13.56 58.91
C LEU A 412 61.69 13.02 58.13
N TRP A 413 61.80 12.99 56.81
CA TRP A 413 60.76 12.46 55.88
C TRP A 413 60.32 11.08 56.36
N ASN A 414 61.30 10.24 56.76
CA ASN A 414 61.11 8.84 57.17
C ASN A 414 60.04 8.74 58.26
N SER A 415 59.98 9.70 59.19
CA SER A 415 58.96 9.76 60.27
C SER A 415 57.62 10.23 59.69
N VAL A 416 57.63 11.28 58.86
CA VAL A 416 56.41 11.79 58.19
C VAL A 416 55.72 10.61 57.51
N PHE A 417 56.50 9.83 56.75
CA PHE A 417 56.07 8.73 55.86
C PHE A 417 55.33 7.64 56.66
N ARG A 418 55.90 7.16 57.77
CA ARG A 418 55.34 6.00 58.53
C ARG A 418 54.15 6.47 59.37
N ILE A 419 54.15 7.73 59.82
CA ILE A 419 53.01 8.33 60.55
C ILE A 419 51.82 8.48 59.59
N TRP A 420 52.06 8.93 58.36
CA TRP A 420 51.03 9.05 57.30
C TRP A 420 50.49 7.66 56.90
N ALA A 421 51.38 6.72 56.59
CA ALA A 421 51.04 5.41 56.00
C ALA A 421 50.37 4.51 57.06
N SER A 422 50.79 4.59 58.34
CA SER A 422 50.15 3.80 59.43
C SER A 422 48.67 4.19 59.56
N ALA A 423 48.37 5.49 59.53
CA ALA A 423 47.01 6.06 59.68
C ALA A 423 46.12 5.63 58.52
N SER A 424 46.71 5.45 57.33
CA SER A 424 45.99 5.05 56.10
C SER A 424 45.42 3.64 56.26
N VAL A 425 46.10 2.76 57.00
CA VAL A 425 45.63 1.37 57.28
C VAL A 425 44.56 1.41 58.38
N ILE A 426 44.82 2.15 59.47
CA ILE A 426 43.91 2.25 60.65
C ILE A 426 42.63 3.01 60.24
N GLY A 427 42.79 4.10 59.49
CA GLY A 427 41.69 4.94 58.98
C GLY A 427 40.78 4.18 58.04
N GLY A 428 41.36 3.38 57.14
CA GLY A 428 40.62 2.60 56.13
C GLY A 428 39.79 1.51 56.77
N LYS A 429 40.39 0.77 57.71
CA LYS A 429 39.72 -0.28 58.51
C LYS A 429 38.51 0.33 59.24
N ARG A 430 38.66 1.51 59.81
CA ARG A 430 37.59 2.21 60.57
C ARG A 430 36.35 2.38 59.67
N ILE A 431 36.54 2.82 58.42
CA ILE A 431 35.44 3.09 57.46
C ILE A 431 34.89 1.75 56.93
N LEU A 432 35.77 0.76 56.70
CA LEU A 432 35.39 -0.57 56.17
C LEU A 432 34.55 -1.35 57.20
N ASN A 433 34.91 -1.31 58.49
CA ASN A 433 34.15 -1.99 59.58
C ASN A 433 32.73 -1.41 59.64
N ALA A 434 32.60 -0.08 59.63
CA ALA A 434 31.30 0.64 59.68
C ALA A 434 30.41 0.16 58.53
N LEU A 435 30.97 0.14 57.32
CA LEU A 435 30.30 -0.31 56.06
C LEU A 435 29.90 -1.78 56.17
N THR A 436 30.83 -2.65 56.59
CA THR A 436 30.59 -4.10 56.80
C THR A 436 29.43 -4.30 57.78
N ARG A 437 29.47 -3.62 58.93
CA ARG A 437 28.44 -3.74 60.00
C ARG A 437 27.09 -3.24 59.50
N THR A 438 27.08 -2.22 58.64
CA THR A 438 25.84 -1.63 58.04
C THR A 438 25.21 -2.63 57.07
N LYS A 439 26.02 -3.39 56.32
CA LYS A 439 25.54 -4.40 55.33
C LYS A 439 25.05 -5.65 56.07
N GLU A 440 25.73 -6.06 57.14
CA GLU A 440 25.34 -7.23 57.98
C GLU A 440 23.96 -7.00 58.58
N THR A 441 23.74 -5.83 59.22
CA THR A 441 22.58 -5.51 60.09
C THR A 441 21.49 -4.75 59.35
N GLY A 442 21.83 -4.04 58.26
CA GLY A 442 20.92 -3.10 57.57
C GLY A 442 20.73 -1.80 58.35
N ASP A 443 21.58 -1.55 59.35
CA ASP A 443 21.49 -0.39 60.27
C ASP A 443 22.48 0.70 59.84
N ASP A 444 21.98 1.79 59.25
CA ASP A 444 22.76 2.94 58.73
C ASP A 444 23.56 3.61 59.86
N SER A 445 23.13 3.40 61.12
CA SER A 445 23.76 3.97 62.34
C SER A 445 25.28 3.78 62.33
N HIS A 446 25.78 2.60 61.94
CA HIS A 446 27.23 2.27 61.92
C HIS A 446 27.98 3.25 61.01
N CYS A 447 27.39 3.62 59.87
CA CYS A 447 27.95 4.60 58.90
C CYS A 447 27.79 6.03 59.44
N GLN A 448 26.64 6.38 60.01
CA GLN A 448 26.33 7.74 60.53
C GLN A 448 27.26 8.06 61.71
N ALA A 449 27.66 7.06 62.51
CA ALA A 449 28.56 7.20 63.67
C ALA A 449 29.94 7.71 63.25
N LEU A 450 30.32 7.56 61.97
CA LEU A 450 31.60 8.12 61.42
C LEU A 450 31.64 9.64 61.57
N ASP A 451 30.49 10.32 61.44
CA ASP A 451 30.35 11.79 61.57
C ASP A 451 30.55 12.25 63.02
N ASP A 452 30.38 11.35 63.99
CA ASP A 452 30.46 11.66 65.45
C ASP A 452 31.90 11.41 65.93
N ASN A 453 32.86 12.20 65.44
CA ASN A 453 34.29 12.08 65.80
C ASN A 453 34.81 13.48 66.15
N PRO A 454 35.78 13.61 67.08
CA PRO A 454 36.19 14.92 67.58
C PRO A 454 37.05 15.74 66.60
N TYR A 455 37.53 15.15 65.50
CA TYR A 455 38.50 15.78 64.57
C TYR A 455 38.00 15.66 63.13
N PRO A 456 36.94 16.39 62.74
CA PRO A 456 36.41 16.33 61.39
C PRO A 456 37.50 16.68 60.34
N GLY A 457 37.76 15.77 59.40
CA GLY A 457 38.73 15.97 58.31
C GLY A 457 40.03 15.23 58.53
N LEU A 458 40.28 14.74 59.75
CA LEU A 458 41.50 13.93 60.06
C LEU A 458 41.24 12.48 59.65
N TRP A 459 42.12 11.93 58.80
CA TRP A 459 41.96 10.62 58.10
C TRP A 459 41.98 9.46 59.10
N CYS A 460 42.56 9.64 60.29
CA CYS A 460 42.57 8.65 61.41
C CYS A 460 42.21 9.36 62.72
N PRO A 461 40.90 9.67 62.95
CA PRO A 461 40.50 10.60 64.00
C PRO A 461 40.46 9.99 65.41
N LEU A 462 41.62 9.56 65.91
CA LEU A 462 41.81 8.96 67.26
C LEU A 462 42.79 9.83 68.05
N ASP A 463 42.57 9.94 69.37
CA ASP A 463 43.32 10.86 70.27
C ASP A 463 44.83 10.66 70.10
N PHE A 464 45.31 9.41 70.17
CA PHE A 464 46.76 9.08 70.14
C PHE A 464 47.37 9.45 68.78
N TYR A 465 46.60 9.31 67.69
CA TYR A 465 47.06 9.74 66.33
C TYR A 465 47.08 11.27 66.29
N LYS A 466 46.00 11.93 66.71
CA LYS A 466 45.91 13.41 66.73
C LYS A 466 47.16 13.97 67.43
N GLU A 467 47.52 13.37 68.57
CA GLU A 467 48.65 13.82 69.43
C GLU A 467 49.97 13.60 68.71
N ALA A 468 50.18 12.45 68.06
CA ALA A 468 51.42 12.12 67.32
C ALA A 468 51.57 13.09 66.13
N PHE A 469 50.47 13.39 65.45
CA PHE A 469 50.48 14.25 64.22
C PHE A 469 50.65 15.73 64.61
N ASP A 470 50.10 16.15 65.74
CA ASP A 470 50.30 17.53 66.30
C ASP A 470 51.80 17.75 66.57
N GLU A 471 52.46 16.77 67.18
CA GLU A 471 53.90 16.85 67.53
C GLU A 471 54.74 16.85 66.25
N LEU A 472 54.40 16.01 65.27
CA LEU A 472 55.05 16.03 63.93
C LEU A 472 54.95 17.44 63.35
N THR A 473 53.73 17.98 63.32
CA THR A 473 53.39 19.31 62.77
C THR A 473 54.19 20.41 63.50
N GLU A 474 54.27 20.35 64.83
CA GLU A 474 54.94 21.37 65.68
C GLU A 474 56.44 21.43 65.32
N LEU A 475 57.06 20.26 65.11
CA LEU A 475 58.51 20.13 64.85
C LEU A 475 58.84 20.52 63.40
N CYS A 476 58.04 20.07 62.42
CA CYS A 476 58.25 20.40 60.98
C CYS A 476 58.16 21.92 60.80
N GLU A 477 57.14 22.55 61.41
CA GLU A 477 56.93 24.02 61.31
C GLU A 477 58.08 24.75 62.01
N ALA A 478 58.64 24.19 63.09
CA ALA A 478 59.82 24.74 63.80
C ALA A 478 61.04 24.72 62.87
N VAL A 479 61.22 23.63 62.13
CA VAL A 479 62.32 23.46 61.13
C VAL A 479 62.18 24.52 60.04
N ASP A 480 60.95 24.78 59.61
CA ASP A 480 60.62 25.70 58.50
C ASP A 480 60.88 27.15 58.93
N ALA A 481 60.61 27.48 60.20
CA ALA A 481 60.77 28.83 60.79
C ALA A 481 62.23 29.05 61.23
N GLY A 482 63.04 27.98 61.25
CA GLY A 482 64.46 28.01 61.62
C GLY A 482 64.69 27.93 63.13
N HIS A 483 63.70 27.45 63.89
CA HIS A 483 63.77 27.32 65.38
C HIS A 483 64.53 26.05 65.78
N THR A 484 64.65 25.10 64.86
CA THR A 484 65.24 23.76 65.08
C THR A 484 65.86 23.28 63.76
N THR A 485 66.88 22.43 63.79
CA THR A 485 67.46 21.80 62.57
C THR A 485 66.62 20.58 62.19
N ALA A 486 66.64 20.22 60.91
CA ALA A 486 66.02 18.99 60.36
C ALA A 486 66.54 17.77 61.12
N GLU A 487 67.83 17.77 61.45
CA GLU A 487 68.51 16.71 62.25
C GLU A 487 67.89 16.62 63.64
N GLU A 488 67.86 17.72 64.39
CA GLU A 488 67.24 17.81 65.74
C GLU A 488 65.82 17.20 65.67
N ALA A 489 64.99 17.71 64.77
CA ALA A 489 63.57 17.30 64.58
C ALA A 489 63.51 15.80 64.27
N ALA A 490 64.37 15.31 63.38
CA ALA A 490 64.40 13.90 62.92
C ALA A 490 64.69 12.97 64.11
N ARG A 491 65.61 13.39 64.98
CA ARG A 491 66.06 12.63 66.18
C ARG A 491 64.89 12.50 67.16
N VAL A 492 64.18 13.59 67.44
CA VAL A 492 63.02 13.61 68.39
C VAL A 492 61.92 12.68 67.86
N LEU A 493 61.54 12.85 66.58
CA LEU A 493 60.42 12.09 65.95
C LEU A 493 60.79 10.60 65.83
N GLU A 494 62.05 10.28 65.54
CA GLU A 494 62.54 8.87 65.43
C GLU A 494 62.42 8.17 66.79
N GLN A 495 62.67 8.88 67.90
CA GLN A 495 62.59 8.33 69.28
C GLN A 495 61.11 8.09 69.63
N ARG A 496 60.23 9.02 69.27
CA ARG A 496 58.76 8.90 69.49
C ARG A 496 58.23 7.68 68.73
N VAL A 497 58.61 7.52 67.46
CA VAL A 497 58.27 6.33 66.63
C VAL A 497 58.75 5.07 67.36
N ARG A 498 59.99 5.09 67.88
CA ARG A 498 60.62 3.90 68.52
C ARG A 498 59.97 3.60 69.88
N GLU A 499 59.34 4.60 70.51
CA GLU A 499 58.64 4.47 71.83
C GLU A 499 57.15 4.16 71.62
N SER A 500 56.67 4.17 70.37
CA SER A 500 55.23 3.99 70.03
C SER A 500 54.82 2.54 70.29
N ASP A 501 53.54 2.31 70.64
CA ASP A 501 52.96 0.97 70.88
C ASP A 501 51.83 0.66 69.88
N TRP A 502 51.52 1.59 68.96
CA TRP A 502 50.28 1.54 68.14
C TRP A 502 50.59 1.40 66.64
N MET A 503 51.85 1.54 66.22
CA MET A 503 52.21 1.71 64.79
C MET A 503 52.41 0.33 64.15
N LEU A 504 51.39 -0.54 64.24
CA LEU A 504 51.24 -1.80 63.48
C LEU A 504 52.59 -2.49 63.28
N PRO A 505 53.24 -2.98 64.37
CA PRO A 505 54.63 -3.43 64.32
C PRO A 505 54.93 -4.57 63.34
N ALA A 506 54.02 -5.54 63.17
CA ALA A 506 54.17 -6.66 62.20
C ALA A 506 54.42 -6.11 60.78
N LEU A 507 53.89 -4.93 60.43
CA LEU A 507 54.03 -4.33 59.07
C LEU A 507 55.32 -3.49 58.99
N GLY A 508 55.87 -3.09 60.14
CA GLY A 508 57.20 -2.43 60.23
C GLY A 508 57.13 -0.92 60.36
N PHE A 509 55.96 -0.35 60.65
CA PHE A 509 55.75 1.11 60.71
C PHE A 509 56.53 1.73 61.89
N ASN A 510 56.75 0.97 62.97
CA ASN A 510 57.46 1.46 64.19
C ASN A 510 58.99 1.30 64.03
N ASP A 511 59.46 0.69 62.93
CA ASP A 511 60.89 0.43 62.66
C ASP A 511 61.38 1.39 61.58
N PRO A 512 62.09 2.49 61.96
CA PRO A 512 62.62 3.45 60.98
C PRO A 512 63.50 2.83 59.89
N ASP A 513 64.08 1.65 60.15
CA ASP A 513 65.05 0.98 59.24
C ASP A 513 64.32 0.13 58.20
N THR A 514 63.01 -0.08 58.35
CA THR A 514 62.12 -0.69 57.32
C THR A 514 61.55 0.44 56.45
N HIS A 515 62.11 0.63 55.25
CA HIS A 515 61.74 1.70 54.28
C HIS A 515 60.61 1.21 53.34
N HIS A 516 60.51 -0.10 53.13
CA HIS A 516 59.53 -0.74 52.21
C HIS A 516 58.51 -1.51 53.04
N ILE A 517 57.35 -0.91 53.33
CA ILE A 517 56.24 -1.56 54.10
C ILE A 517 55.49 -2.47 53.11
N ASN A 518 55.56 -3.79 53.35
CA ASN A 518 55.02 -4.85 52.46
C ASN A 518 54.06 -5.72 53.25
N PRO A 519 52.76 -5.35 53.32
CA PRO A 519 51.73 -6.22 53.89
C PRO A 519 51.60 -7.55 53.14
N THR A 520 51.58 -8.65 53.89
CA THR A 520 51.32 -10.03 53.41
C THR A 520 50.21 -10.61 54.30
N ALA A 521 49.51 -11.65 53.83
CA ALA A 521 48.45 -12.34 54.59
C ALA A 521 48.96 -12.63 56.00
N ASP A 522 50.19 -13.16 56.10
CA ASP A 522 50.84 -13.61 57.36
C ASP A 522 50.95 -12.42 58.32
N LYS A 523 51.37 -11.25 57.84
CA LYS A 523 51.54 -10.04 58.69
C LYS A 523 50.15 -9.50 59.12
N MET A 524 49.17 -9.53 58.23
CA MET A 524 47.80 -9.01 58.53
C MET A 524 47.14 -9.90 59.59
N ILE A 525 47.38 -11.22 59.54
CA ILE A 525 46.91 -12.17 60.59
C ILE A 525 47.57 -11.81 61.91
N ARG A 526 48.86 -11.50 61.89
CA ARG A 526 49.63 -11.17 63.11
C ARG A 526 49.13 -9.85 63.71
N ILE A 527 48.80 -8.86 62.87
CA ILE A 527 48.23 -7.56 63.32
C ILE A 527 46.95 -7.83 64.13
N ALA A 528 46.11 -8.75 63.65
CA ALA A 528 44.80 -9.09 64.27
C ALA A 528 45.01 -9.73 65.65
N GLU A 529 46.03 -10.57 65.80
CA GLU A 529 46.43 -11.21 67.08
C GLU A 529 47.04 -10.17 68.04
N TRP A 530 47.99 -9.38 67.54
CA TRP A 530 48.61 -8.26 68.30
C TRP A 530 47.52 -7.30 68.81
N ALA A 531 46.53 -6.99 67.96
CA ALA A 531 45.43 -6.04 68.27
C ALA A 531 44.50 -6.62 69.36
N THR A 532 44.30 -7.94 69.38
CA THR A 532 43.37 -8.63 70.31
C THR A 532 43.74 -8.30 71.77
N GLY A 533 45.03 -8.33 72.11
CA GLY A 533 45.52 -8.13 73.50
C GLY A 533 45.91 -6.70 73.81
N HIS A 534 45.76 -5.76 72.88
CA HIS A 534 46.29 -4.38 73.01
C HIS A 534 45.52 -3.62 74.10
N HIS A 535 46.22 -2.72 74.82
CA HIS A 535 45.67 -1.92 75.96
C HIS A 535 44.80 -0.78 75.45
N ARG A 536 44.98 -0.35 74.19
CA ARG A 536 44.22 0.76 73.58
C ARG A 536 42.88 0.22 73.08
N PRO A 537 41.73 0.71 73.60
CA PRO A 537 40.42 0.26 73.13
C PRO A 537 40.17 0.47 71.62
N GLU A 538 40.72 1.55 71.04
CA GLU A 538 40.55 1.87 69.59
C GLU A 538 41.26 0.81 68.75
N ILE A 539 42.46 0.38 69.16
CA ILE A 539 43.23 -0.70 68.45
C ILE A 539 42.39 -1.99 68.50
N ARG A 540 41.89 -2.37 69.68
CA ARG A 540 41.01 -3.56 69.83
C ARG A 540 39.80 -3.42 68.90
N GLU A 541 39.07 -2.30 69.00
CA GLU A 541 37.83 -2.00 68.23
C GLU A 541 38.05 -2.13 66.72
N LEU A 542 39.15 -1.59 66.20
CA LEU A 542 39.39 -1.42 64.74
C LEU A 542 40.08 -2.65 64.14
N LEU A 543 40.93 -3.34 64.89
CA LEU A 543 41.93 -4.28 64.31
C LEU A 543 41.83 -5.70 64.90
N ALA A 544 41.26 -5.87 66.10
CA ALA A 544 41.18 -7.18 66.79
C ALA A 544 40.28 -8.13 65.98
N ALA A 545 40.76 -9.35 65.75
CA ALA A 545 40.04 -10.42 65.03
C ALA A 545 40.78 -11.74 65.23
N SER A 546 40.09 -12.86 65.06
CA SER A 546 40.68 -14.22 65.05
C SER A 546 41.42 -14.44 63.73
N ALA A 547 42.39 -15.35 63.70
CA ALA A 547 43.10 -15.81 62.49
C ALA A 547 42.08 -16.15 61.39
N GLU A 548 41.02 -16.89 61.75
CA GLU A 548 39.98 -17.40 60.81
C GLU A 548 39.21 -16.23 60.18
N GLU A 549 38.91 -15.19 60.97
CA GLU A 549 38.17 -13.97 60.51
C GLU A 549 38.98 -13.24 59.44
N VAL A 550 40.30 -13.10 59.63
CA VAL A 550 41.20 -12.37 58.69
C VAL A 550 41.27 -13.14 57.37
N ARG A 551 41.33 -14.48 57.43
CA ARG A 551 41.28 -15.33 56.21
C ARG A 551 39.91 -15.19 55.54
N ALA A 552 38.82 -15.23 56.30
CA ALA A 552 37.43 -15.05 55.78
C ALA A 552 37.32 -13.72 55.03
N ALA A 553 37.88 -12.64 55.58
CA ALA A 553 37.83 -11.27 55.01
C ALA A 553 38.62 -11.21 53.70
N MET A 554 39.70 -11.98 53.59
CA MET A 554 40.66 -11.95 52.44
C MET A 554 40.17 -12.85 51.29
N ARG A 555 39.15 -13.68 51.51
CA ARG A 555 38.48 -14.44 50.42
C ARG A 555 37.80 -13.44 49.47
N ARG B 17 64.92 24.37 12.91
CA ARG B 17 65.04 24.37 11.42
C ARG B 17 63.69 24.07 10.78
N PRO B 18 63.60 24.01 9.43
CA PRO B 18 62.33 23.72 8.75
C PRO B 18 61.84 22.30 9.04
N TYR B 19 60.52 22.13 9.14
CA TYR B 19 59.86 20.80 9.08
C TYR B 19 59.86 20.36 7.60
N ASP B 20 59.89 19.05 7.38
CA ASP B 20 59.71 18.47 6.02
C ASP B 20 58.25 18.69 5.63
N VAL B 21 57.32 18.26 6.48
CA VAL B 21 55.85 18.38 6.22
C VAL B 21 55.18 18.99 7.46
N VAL B 22 54.27 19.94 7.22
CA VAL B 22 53.29 20.42 8.24
C VAL B 22 51.93 19.86 7.83
N ILE B 23 51.25 19.19 8.76
CA ILE B 23 49.90 18.57 8.53
C ILE B 23 48.90 19.35 9.40
N ILE B 24 47.90 19.98 8.77
CA ILE B 24 46.79 20.68 9.48
C ILE B 24 45.66 19.67 9.67
N GLY B 25 45.39 19.30 10.93
CA GLY B 25 44.37 18.29 11.29
C GLY B 25 45.03 17.06 11.91
N SER B 26 44.65 16.76 13.15
CA SER B 26 45.21 15.64 13.94
C SER B 26 44.14 14.55 14.13
N GLY B 27 43.19 14.43 13.20
CA GLY B 27 42.31 13.25 13.06
C GLY B 27 43.06 12.09 12.44
N LEU B 28 42.39 10.97 12.17
CA LEU B 28 43.00 9.73 11.63
C LEU B 28 43.82 10.04 10.37
N SER B 29 43.26 10.78 9.41
CA SER B 29 43.92 11.03 8.11
C SER B 29 45.28 11.70 8.33
N GLY B 30 45.35 12.69 9.21
CA GLY B 30 46.59 13.45 9.50
C GLY B 30 47.62 12.62 10.25
N THR B 31 47.20 11.81 11.23
CA THR B 31 48.12 11.10 12.17
C THR B 31 48.59 9.78 11.55
N MET B 32 47.76 9.12 10.73
CA MET B 32 48.21 7.95 9.94
C MET B 32 49.32 8.40 8.99
N LEU B 33 49.15 9.55 8.31
CA LEU B 33 50.17 10.10 7.38
C LEU B 33 51.41 10.55 8.16
N GLY B 34 51.23 11.31 9.24
CA GLY B 34 52.35 11.78 10.09
C GLY B 34 53.17 10.62 10.65
N SER B 35 52.50 9.53 11.05
CA SER B 35 53.14 8.29 11.57
C SER B 35 54.02 7.68 10.48
N ILE B 36 53.48 7.55 9.27
CA ILE B 36 54.18 6.99 8.08
C ILE B 36 55.44 7.82 7.84
N LEU B 37 55.29 9.14 7.71
CA LEU B 37 56.40 10.06 7.35
C LEU B 37 57.45 10.08 8.47
N ALA B 38 57.03 10.14 9.73
CA ALA B 38 57.93 10.22 10.90
C ALA B 38 58.70 8.90 11.06
N LYS B 39 58.07 7.78 10.73
CA LYS B 39 58.70 6.43 10.82
C LYS B 39 59.83 6.34 9.78
N HIS B 40 59.67 6.96 8.61
CA HIS B 40 60.66 7.00 7.51
C HIS B 40 61.64 8.16 7.70
N GLY B 41 61.67 8.79 8.88
CA GLY B 41 62.71 9.72 9.32
C GLY B 41 62.46 11.17 8.95
N PHE B 42 61.32 11.49 8.33
CA PHE B 42 60.98 12.90 7.94
C PHE B 42 60.53 13.67 9.20
N ARG B 43 60.83 14.97 9.26
CA ARG B 43 60.49 15.87 10.41
C ARG B 43 59.09 16.48 10.20
N ILE B 44 58.14 16.13 11.07
CA ILE B 44 56.69 16.40 10.89
C ILE B 44 56.17 17.31 12.02
N MET B 45 55.36 18.30 11.65
CA MET B 45 54.51 19.10 12.59
C MET B 45 53.04 18.83 12.31
N LEU B 46 52.29 18.38 13.33
CA LEU B 46 50.81 18.26 13.33
C LEU B 46 50.21 19.51 13.99
N LEU B 47 49.38 20.28 13.27
CA LEU B 47 48.61 21.42 13.83
C LEU B 47 47.13 21.04 13.90
N ASP B 48 46.46 21.39 14.99
CA ASP B 48 45.00 21.20 15.15
C ASP B 48 44.45 22.31 16.04
N GLY B 49 43.27 22.83 15.69
CA GLY B 49 42.54 23.87 16.44
C GLY B 49 41.86 23.31 17.68
N ALA B 50 41.62 22.00 17.73
CA ALA B 50 41.06 21.28 18.90
C ALA B 50 42.20 20.55 19.63
N HIS B 51 41.86 19.77 20.65
CA HIS B 51 42.80 18.96 21.48
C HIS B 51 42.18 17.59 21.68
N HIS B 52 43.00 16.53 21.70
CA HIS B 52 42.56 15.16 22.07
C HIS B 52 42.40 15.08 23.58
N PRO B 53 41.40 14.35 24.11
CA PRO B 53 40.41 13.63 23.30
C PRO B 53 39.27 14.51 22.78
N ARG B 54 38.65 14.12 21.66
CA ARG B 54 37.51 14.86 21.08
C ARG B 54 36.67 13.93 20.22
N PHE B 55 35.36 14.16 20.24
CA PHE B 55 34.37 13.45 19.40
C PHE B 55 34.69 13.74 17.93
N ALA B 56 34.57 12.71 17.10
CA ALA B 56 34.58 12.79 15.63
C ALA B 56 33.56 11.78 15.12
N VAL B 57 32.88 12.13 14.03
CA VAL B 57 31.88 11.24 13.37
C VAL B 57 32.65 10.46 12.30
N GLY B 58 32.07 9.37 11.77
CA GLY B 58 32.76 8.44 10.85
C GLY B 58 33.21 7.18 11.59
N GLU B 59 32.25 6.36 12.00
CA GLU B 59 32.41 5.36 13.08
C GLU B 59 32.32 3.91 12.55
N SER B 60 31.72 3.69 11.39
CA SER B 60 31.47 2.34 10.82
C SER B 60 32.56 2.03 9.78
N THR B 61 33.19 0.87 9.87
CA THR B 61 34.25 0.40 8.91
C THR B 61 33.64 -0.61 7.93
N ILE B 62 34.21 -0.68 6.73
CA ILE B 62 33.78 -1.62 5.64
C ILE B 62 34.99 -2.48 5.26
N GLY B 63 34.75 -3.56 4.52
CA GLY B 63 35.80 -4.48 4.03
C GLY B 63 36.96 -3.73 3.40
N GLN B 64 36.68 -2.77 2.53
CA GLN B 64 37.71 -2.05 1.73
C GLN B 64 38.64 -1.25 2.66
N THR B 65 38.14 -0.60 3.72
CA THR B 65 39.00 0.18 4.65
C THR B 65 39.90 -0.80 5.42
N LEU B 66 39.36 -1.94 5.84
CA LEU B 66 40.12 -2.96 6.61
C LEU B 66 41.30 -3.44 5.77
N VAL B 67 41.06 -3.87 4.52
CA VAL B 67 42.12 -4.43 3.64
C VAL B 67 43.11 -3.32 3.27
N VAL B 68 42.65 -2.08 3.03
CA VAL B 68 43.56 -0.96 2.66
C VAL B 68 44.32 -0.48 3.91
N LEU B 69 43.75 -0.61 5.12
CA LEU B 69 44.52 -0.32 6.38
C LEU B 69 45.67 -1.32 6.49
N ARG B 70 45.41 -2.61 6.28
CA ARG B 70 46.43 -3.70 6.30
C ARG B 70 47.51 -3.41 5.25
N LEU B 71 47.11 -2.96 4.05
CA LEU B 71 48.02 -2.64 2.93
C LEU B 71 48.97 -1.50 3.34
N ILE B 72 48.42 -0.38 3.83
CA ILE B 72 49.19 0.79 4.31
C ILE B 72 50.19 0.34 5.37
N SER B 73 49.71 -0.40 6.39
CA SER B 73 50.50 -0.85 7.56
C SER B 73 51.70 -1.69 7.08
N ASP B 74 51.45 -2.68 6.22
CA ASP B 74 52.47 -3.64 5.73
C ASP B 74 53.44 -2.92 4.78
N ARG B 75 52.91 -2.10 3.86
CA ARG B 75 53.69 -1.41 2.79
C ARG B 75 54.61 -0.33 3.37
N TYR B 76 54.16 0.43 4.39
CA TYR B 76 54.92 1.58 4.96
C TYR B 76 55.53 1.23 6.32
N GLY B 77 55.27 0.04 6.86
CA GLY B 77 55.90 -0.47 8.09
C GLY B 77 55.45 0.25 9.35
N VAL B 78 54.14 0.56 9.46
CA VAL B 78 53.50 1.19 10.66
C VAL B 78 52.50 0.20 11.22
N PRO B 79 52.87 -0.63 12.22
CA PRO B 79 51.96 -1.66 12.75
C PRO B 79 50.66 -1.12 13.38
N GLU B 80 50.71 0.06 14.00
CA GLU B 80 49.54 0.66 14.71
C GLU B 80 48.34 0.74 13.75
N ILE B 81 48.58 1.09 12.48
CA ILE B 81 47.52 1.24 11.44
C ILE B 81 46.79 -0.11 11.25
N ALA B 82 47.49 -1.25 11.34
CA ALA B 82 46.89 -2.59 11.13
C ALA B 82 45.99 -2.95 12.33
N ASN B 83 46.21 -2.32 13.50
CA ASN B 83 45.40 -2.57 14.73
C ASN B 83 44.02 -1.94 14.58
N LEU B 84 43.80 -1.14 13.54
CA LEU B 84 42.47 -0.55 13.19
C LEU B 84 41.71 -1.49 12.24
N ALA B 85 42.37 -2.52 11.70
CA ALA B 85 41.85 -3.37 10.59
C ALA B 85 41.03 -4.55 11.12
N SER B 86 40.96 -4.75 12.43
CA SER B 86 40.25 -5.91 13.04
C SER B 86 39.59 -5.49 14.37
N PHE B 87 38.32 -5.86 14.58
CA PHE B 87 37.57 -5.60 15.82
C PHE B 87 38.40 -6.05 17.03
N GLN B 88 39.02 -7.24 16.92
CA GLN B 88 39.81 -7.89 17.99
C GLN B 88 41.07 -7.04 18.29
N ASP B 89 41.74 -6.54 17.26
CA ASP B 89 43.00 -5.76 17.42
C ASP B 89 42.66 -4.36 17.96
N VAL B 90 41.50 -3.80 17.59
CA VAL B 90 41.01 -2.51 18.12
C VAL B 90 40.81 -2.65 19.65
N LEU B 91 40.11 -3.69 20.11
CA LEU B 91 39.86 -3.93 21.56
C LEU B 91 41.20 -4.17 22.28
N ALA B 92 42.12 -4.94 21.68
CA ALA B 92 43.40 -5.36 22.32
C ALA B 92 44.38 -4.17 22.42
N ASN B 93 44.34 -3.21 21.48
CA ASN B 93 45.44 -2.23 21.30
C ASN B 93 44.97 -0.76 21.44
N VAL B 94 43.72 -0.45 21.10
CA VAL B 94 43.22 0.96 21.12
C VAL B 94 42.50 1.18 22.47
N SER B 95 41.35 0.56 22.66
CA SER B 95 40.60 0.57 23.95
C SER B 95 39.46 -0.44 23.87
N SER B 96 38.80 -0.70 25.00
CA SER B 96 37.61 -1.60 25.09
C SER B 96 36.34 -0.89 24.59
N SER B 97 36.42 0.37 24.16
CA SER B 97 35.24 1.28 24.00
C SER B 97 34.59 1.20 22.60
N HIS B 98 34.86 0.15 21.81
CA HIS B 98 34.38 0.04 20.41
C HIS B 98 33.33 -1.06 20.31
N GLY B 99 32.42 -0.96 19.34
CA GLY B 99 31.42 -2.01 19.05
C GLY B 99 31.89 -2.92 17.93
N GLN B 100 31.22 -4.06 17.75
CA GLN B 100 31.43 -4.96 16.58
C GLN B 100 30.53 -4.49 15.43
N LYS B 101 30.92 -4.83 14.20
CA LYS B 101 30.11 -4.67 12.98
C LYS B 101 30.17 -5.98 12.19
N SER B 102 29.21 -6.88 12.39
CA SER B 102 29.15 -8.19 11.68
C SER B 102 28.40 -8.02 10.36
N ASN B 103 27.65 -6.92 10.18
CA ASN B 103 26.75 -6.78 9.00
C ASN B 103 26.37 -5.32 8.75
N PHE B 104 25.90 -5.03 7.53
CA PHE B 104 25.09 -3.85 7.16
C PHE B 104 23.63 -4.29 7.15
N GLY B 105 22.79 -3.66 7.96
CA GLY B 105 21.35 -3.91 8.03
C GLY B 105 20.56 -2.75 7.45
N PHE B 106 19.49 -3.07 6.73
CA PHE B 106 18.61 -2.07 6.05
C PHE B 106 17.15 -2.45 6.31
N MET B 107 16.38 -1.51 6.86
CA MET B 107 14.95 -1.68 7.22
C MET B 107 14.17 -0.49 6.64
N PHE B 108 13.24 -0.77 5.73
CA PHE B 108 12.32 0.24 5.12
C PHE B 108 11.17 0.53 6.08
N HIS B 109 10.84 1.81 6.27
CA HIS B 109 9.74 2.30 7.13
C HIS B 109 8.86 3.29 6.35
N ARG B 110 7.54 3.19 6.50
CA ARG B 110 6.56 4.19 6.00
C ARG B 110 5.88 4.84 7.20
N ASP B 111 5.51 6.13 7.07
CA ASP B 111 4.88 6.94 8.15
C ASP B 111 3.70 6.17 8.75
N GLY B 112 3.72 5.97 10.06
CA GLY B 112 2.61 5.41 10.86
C GLY B 112 2.44 3.92 10.68
N GLU B 113 3.39 3.22 10.04
CA GLU B 113 3.27 1.76 9.76
C GLU B 113 4.42 1.00 10.43
N GLU B 114 4.17 -0.25 10.81
CA GLU B 114 5.18 -1.26 11.20
C GLU B 114 6.07 -1.56 10.01
N PRO B 115 7.37 -1.86 10.21
CA PRO B 115 8.25 -2.22 9.10
C PRO B 115 7.78 -3.53 8.44
N ASP B 116 7.71 -3.54 7.10
CA ASP B 116 7.43 -4.75 6.29
C ASP B 116 8.64 -5.67 6.37
N PRO B 117 8.50 -6.89 6.94
CA PRO B 117 9.63 -7.81 7.06
C PRO B 117 10.15 -8.37 5.72
N ASN B 118 9.46 -8.07 4.61
CA ASN B 118 9.91 -8.43 3.24
C ASN B 118 10.62 -7.25 2.58
N GLU B 119 10.76 -6.11 3.29
CA GLU B 119 11.43 -4.88 2.80
C GLU B 119 12.66 -4.60 3.67
N THR B 120 13.48 -5.62 3.93
CA THR B 120 14.76 -5.50 4.68
C THR B 120 15.90 -6.09 3.83
N SER B 121 17.12 -5.59 4.04
CA SER B 121 18.37 -6.14 3.45
C SER B 121 19.39 -6.36 4.57
N GLN B 122 20.22 -7.41 4.44
CA GLN B 122 21.42 -7.61 5.27
C GLN B 122 22.57 -8.08 4.38
N PHE B 123 23.71 -7.40 4.47
CA PHE B 123 25.01 -7.89 3.99
C PHE B 123 25.87 -8.21 5.21
N ARG B 124 26.01 -9.50 5.53
CA ARG B 124 26.96 -10.01 6.55
C ARG B 124 28.35 -10.04 5.92
N ILE B 125 29.32 -9.36 6.55
CA ILE B 125 30.67 -9.12 5.96
C ILE B 125 31.44 -10.43 6.01
N PRO B 126 31.94 -10.93 4.86
CA PRO B 126 32.65 -12.21 4.82
C PRO B 126 33.97 -12.15 5.59
N SER B 127 34.37 -13.29 6.19
CA SER B 127 35.63 -13.47 6.97
C SER B 127 36.83 -12.89 6.20
N ILE B 128 36.89 -13.17 4.89
CA ILE B 128 38.08 -12.92 4.01
C ILE B 128 38.50 -11.45 4.05
N VAL B 129 37.55 -10.50 4.10
CA VAL B 129 37.87 -9.03 4.14
C VAL B 129 38.21 -8.62 5.57
N GLY B 130 37.77 -9.38 6.58
CA GLY B 130 38.15 -9.18 8.00
C GLY B 130 36.96 -8.79 8.87
N ASN B 131 37.22 -8.54 10.16
CA ASN B 131 36.18 -8.26 11.19
C ASN B 131 36.03 -6.75 11.36
N ALA B 132 34.94 -6.17 10.83
CA ALA B 132 34.66 -4.72 10.85
C ALA B 132 34.28 -4.29 12.28
N ALA B 133 34.41 -3.00 12.58
CA ALA B 133 34.18 -2.42 13.93
C ALA B 133 33.34 -1.16 13.83
N HIS B 134 32.70 -0.80 14.94
CA HIS B 134 32.15 0.55 15.22
C HIS B 134 33.19 1.34 16.02
N PHE B 135 33.92 2.24 15.36
CA PHE B 135 35.00 3.06 15.96
C PHE B 135 34.39 4.17 16.83
N PHE B 136 34.72 4.13 18.13
CA PHE B 136 34.61 5.28 19.05
C PHE B 136 35.80 6.18 18.74
N ARG B 137 35.57 7.17 17.88
CA ARG B 137 36.63 7.92 17.15
C ARG B 137 37.49 8.71 18.14
N GLN B 138 36.96 9.16 19.29
CA GLN B 138 37.81 9.83 20.31
C GLN B 138 38.97 8.91 20.69
N ASP B 139 38.77 7.58 20.73
CA ASP B 139 39.80 6.60 21.16
C ASP B 139 40.73 6.23 19.99
N THR B 140 40.21 5.96 18.78
CA THR B 140 41.06 5.63 17.59
C THR B 140 41.94 6.84 17.26
N ASP B 141 41.37 8.05 17.34
CA ASP B 141 42.08 9.30 16.93
C ASP B 141 43.13 9.66 17.99
N SER B 142 42.85 9.46 19.27
CA SER B 142 43.84 9.61 20.37
C SER B 142 45.00 8.63 20.17
N TYR B 143 44.69 7.37 19.86
CA TYR B 143 45.65 6.25 19.68
C TYR B 143 46.64 6.58 18.55
N MET B 144 46.14 7.02 17.40
CA MET B 144 46.98 7.32 16.21
C MET B 144 47.78 8.61 16.44
N PHE B 145 47.22 9.59 17.16
CA PHE B 145 47.95 10.82 17.58
C PHE B 145 49.13 10.42 18.48
N HIS B 146 48.90 9.57 19.47
CA HIS B 146 49.95 9.08 20.41
C HIS B 146 51.05 8.32 19.64
N ALA B 147 50.65 7.47 18.68
CA ALA B 147 51.59 6.75 17.78
C ALA B 147 52.45 7.75 17.00
N ALA B 148 51.82 8.76 16.39
CA ALA B 148 52.49 9.79 15.55
C ALA B 148 53.54 10.54 16.38
N VAL B 149 53.22 10.93 17.62
CA VAL B 149 54.17 11.68 18.50
C VAL B 149 55.33 10.75 18.89
N ARG B 150 55.03 9.49 19.20
CA ARG B 150 56.03 8.47 19.60
C ARG B 150 57.05 8.26 18.47
N TYR B 151 56.58 8.25 17.21
CA TYR B 151 57.45 8.14 15.99
C TYR B 151 58.29 9.41 15.80
N GLY B 152 57.90 10.53 16.41
CA GLY B 152 58.72 11.75 16.50
C GLY B 152 58.07 12.97 15.84
N CYS B 153 56.78 12.90 15.47
CA CYS B 153 55.98 14.08 15.06
C CYS B 153 55.93 15.08 16.23
N ASP B 154 56.23 16.36 15.96
CA ASP B 154 55.87 17.47 16.87
C ASP B 154 54.40 17.79 16.66
N ALA B 155 53.75 18.41 17.65
CA ALA B 155 52.32 18.77 17.57
C ALA B 155 52.06 20.08 18.33
N ARG B 156 51.15 20.89 17.78
CA ARG B 156 50.51 22.02 18.49
C ARG B 156 49.00 21.80 18.40
N GLN B 157 48.35 21.76 19.56
CA GLN B 157 46.88 21.64 19.70
C GLN B 157 46.38 22.99 20.22
N TYR B 158 45.08 23.24 20.10
CA TYR B 158 44.47 24.59 20.33
C TYR B 158 45.27 25.61 19.50
N TYR B 159 45.66 25.22 18.28
CA TYR B 159 46.42 26.05 17.32
C TYR B 159 45.47 26.43 16.16
N ARG B 160 45.06 27.70 16.11
CA ARG B 160 44.17 28.21 15.03
C ARG B 160 45.06 28.75 13.92
N VAL B 161 44.96 28.19 12.73
CA VAL B 161 45.73 28.61 11.52
C VAL B 161 45.06 29.88 10.97
N GLU B 162 45.82 30.98 10.83
CA GLU B 162 45.33 32.29 10.34
C GLU B 162 45.74 32.53 8.89
N ASN B 163 46.94 32.10 8.50
CA ASN B 163 47.44 32.36 7.12
C ASN B 163 48.38 31.22 6.71
N ILE B 164 48.33 30.86 5.43
CA ILE B 164 49.20 29.85 4.76
C ILE B 164 49.84 30.53 3.56
N GLU B 165 51.18 30.58 3.52
CA GLU B 165 51.96 31.38 2.53
C GLU B 165 53.07 30.51 1.92
N PHE B 166 52.96 30.19 0.63
CA PHE B 166 53.92 29.38 -0.13
C PHE B 166 54.95 30.31 -0.79
N ASP B 167 56.16 29.80 -0.99
CA ASP B 167 57.23 30.44 -1.81
C ASP B 167 58.04 29.32 -2.46
N ASP B 168 59.13 29.67 -3.15
CA ASP B 168 59.95 28.72 -3.94
C ASP B 168 60.60 27.69 -3.01
N GLY B 169 60.78 28.03 -1.72
CA GLY B 169 61.54 27.25 -0.73
C GLY B 169 60.67 26.41 0.21
N GLY B 170 59.35 26.64 0.25
CA GLY B 170 58.44 25.88 1.14
C GLY B 170 57.17 26.66 1.47
N VAL B 171 56.70 26.56 2.72
CA VAL B 171 55.42 27.20 3.16
C VAL B 171 55.60 27.71 4.58
N THR B 172 54.92 28.83 4.91
CA THR B 172 54.81 29.39 6.27
C THR B 172 53.34 29.37 6.72
N VAL B 173 53.06 28.68 7.82
CA VAL B 173 51.73 28.69 8.50
C VAL B 173 51.82 29.68 9.66
N SER B 174 50.93 30.67 9.70
CA SER B 174 50.81 31.67 10.79
C SER B 174 49.66 31.30 11.72
N GLY B 175 49.91 31.35 13.03
CA GLY B 175 48.91 31.06 14.08
C GLY B 175 48.36 32.34 14.70
N ALA B 176 47.12 32.28 15.19
CA ALA B 176 46.45 33.33 16.00
C ALA B 176 47.37 33.82 17.12
N ASP B 177 48.13 32.92 17.75
CA ASP B 177 49.05 33.22 18.88
C ASP B 177 50.30 33.96 18.39
N GLY B 178 50.36 34.32 17.10
CA GLY B 178 51.44 35.14 16.51
C GLY B 178 52.67 34.32 16.16
N SER B 179 52.67 33.01 16.41
CA SER B 179 53.77 32.09 16.05
C SER B 179 53.63 31.68 14.58
N THR B 180 54.71 31.13 14.00
CA THR B 180 54.72 30.57 12.63
C THR B 180 55.36 29.18 12.65
N VAL B 181 55.04 28.37 11.65
CA VAL B 181 55.68 27.06 11.37
C VAL B 181 56.19 27.12 9.93
N ARG B 182 57.46 26.77 9.73
CA ARG B 182 58.12 26.68 8.40
C ARG B 182 58.27 25.21 8.01
N ALA B 183 57.86 24.86 6.80
CA ALA B 183 57.98 23.49 6.24
C ALA B 183 58.18 23.54 4.72
N ARG B 184 58.58 22.41 4.15
CA ARG B 184 58.85 22.23 2.71
C ARG B 184 57.55 21.84 1.99
N TYR B 185 56.57 21.31 2.74
CA TYR B 185 55.31 20.75 2.19
C TYR B 185 54.19 20.88 3.23
N LEU B 186 52.98 21.17 2.76
CA LEU B 186 51.74 21.26 3.59
C LEU B 186 50.75 20.18 3.15
N VAL B 187 50.25 19.39 4.10
CA VAL B 187 49.04 18.55 3.90
C VAL B 187 47.90 19.16 4.73
N ASP B 188 46.76 19.43 4.08
CA ASP B 188 45.51 19.82 4.78
C ASP B 188 44.69 18.55 4.99
N ALA B 189 44.63 18.07 6.23
CA ALA B 189 43.94 16.85 6.66
C ALA B 189 42.76 17.22 7.59
N SER B 190 42.31 18.47 7.53
CA SER B 190 41.11 18.94 8.27
C SER B 190 39.88 18.45 7.50
N GLY B 191 38.72 19.07 7.70
CA GLY B 191 37.48 18.62 7.04
C GLY B 191 36.88 19.72 6.21
N PHE B 192 35.59 19.99 6.43
CA PHE B 192 34.79 20.99 5.69
C PHE B 192 35.36 22.39 5.92
N ARG B 193 35.92 22.67 7.10
CA ARG B 193 36.47 24.02 7.45
C ARG B 193 37.92 24.16 6.98
N SER B 194 38.40 23.30 6.07
CA SER B 194 39.79 23.31 5.54
C SER B 194 40.27 24.73 5.29
N PRO B 195 41.30 25.24 6.03
CA PRO B 195 41.81 26.58 5.78
C PRO B 195 42.48 26.69 4.40
N LEU B 196 43.11 25.61 3.92
CA LEU B 196 43.79 25.62 2.60
C LEU B 196 42.75 25.78 1.51
N ALA B 197 41.65 25.02 1.56
CA ALA B 197 40.56 25.07 0.55
C ALA B 197 39.94 26.47 0.53
N ARG B 198 39.78 27.08 1.71
CA ARG B 198 39.22 28.45 1.88
C ARG B 198 40.20 29.50 1.33
N GLN B 199 41.45 29.50 1.81
CA GLN B 199 42.40 30.60 1.55
C GLN B 199 42.89 30.59 0.09
N LEU B 200 42.87 29.44 -0.58
CA LEU B 200 43.32 29.29 -2.00
C LEU B 200 42.11 29.30 -2.95
N GLY B 201 40.88 29.36 -2.43
CA GLY B 201 39.65 29.39 -3.24
C GLY B 201 39.46 28.12 -4.05
N LEU B 202 39.65 26.96 -3.42
CA LEU B 202 39.65 25.62 -4.07
C LEU B 202 38.22 25.03 -4.15
N ARG B 203 37.27 25.54 -3.36
CA ARG B 203 35.91 24.95 -3.27
C ARG B 203 35.16 25.24 -4.56
N GLU B 204 34.49 24.23 -5.13
CA GLU B 204 33.54 24.40 -6.25
C GLU B 204 32.27 25.04 -5.68
N GLU B 205 31.94 26.25 -6.12
CA GLU B 205 30.72 26.98 -5.69
C GLU B 205 29.96 27.45 -6.93
N PRO B 206 28.80 26.83 -7.27
CA PRO B 206 28.21 25.74 -6.49
C PRO B 206 28.97 24.41 -6.70
N SER B 207 28.83 23.47 -5.79
CA SER B 207 29.35 22.08 -5.90
C SER B 207 28.76 21.41 -7.16
N ARG B 208 29.55 20.56 -7.84
CA ARG B 208 29.14 19.73 -9.01
C ARG B 208 28.32 18.50 -8.55
N LEU B 209 28.18 18.27 -7.25
CA LEU B 209 27.64 17.00 -6.70
C LEU B 209 26.11 16.92 -6.85
N LYS B 210 25.63 15.75 -7.26
CA LYS B 210 24.19 15.44 -7.51
C LYS B 210 23.48 15.15 -6.19
N HIS B 211 24.17 14.52 -5.22
CA HIS B 211 23.58 14.11 -3.91
C HIS B 211 23.29 15.35 -3.05
N HIS B 212 22.11 15.40 -2.45
CA HIS B 212 21.65 16.46 -1.51
C HIS B 212 21.23 15.81 -0.19
N ALA B 213 21.89 16.13 0.92
CA ALA B 213 21.45 15.74 2.26
C ALA B 213 22.06 16.67 3.32
N ARG B 214 21.26 16.97 4.35
CA ARG B 214 21.70 17.60 5.62
C ARG B 214 21.54 16.57 6.73
N SER B 215 22.15 16.81 7.89
CA SER B 215 22.30 15.82 8.98
C SER B 215 21.89 16.41 10.33
N ILE B 216 21.37 15.55 11.20
CA ILE B 216 21.24 15.76 12.68
C ILE B 216 21.77 14.49 13.35
N PHE B 217 22.75 14.62 14.24
CA PHE B 217 23.38 13.43 14.89
C PHE B 217 23.87 13.78 16.30
N THR B 218 24.02 12.74 17.12
CA THR B 218 24.54 12.78 18.52
C THR B 218 24.92 11.37 18.97
N HIS B 219 25.45 11.26 20.19
CA HIS B 219 25.63 9.98 20.93
C HIS B 219 24.56 9.92 22.01
N MET B 220 23.89 8.76 22.12
CA MET B 220 22.83 8.53 23.13
C MET B 220 23.23 7.34 24.01
N VAL B 221 22.76 7.37 25.26
CA VAL B 221 22.73 6.22 26.20
C VAL B 221 21.29 5.68 26.24
N GLY B 222 21.12 4.38 26.42
CA GLY B 222 19.80 3.72 26.57
C GLY B 222 19.10 3.41 25.26
N VAL B 223 19.83 3.28 24.14
CA VAL B 223 19.26 2.80 22.84
C VAL B 223 19.15 1.28 22.90
N ASP B 224 17.97 0.75 22.61
CA ASP B 224 17.68 -0.72 22.60
C ASP B 224 18.04 -1.32 21.24
N ALA B 225 18.13 -2.65 21.16
CA ALA B 225 18.33 -3.40 19.91
C ALA B 225 17.01 -3.40 19.13
N ILE B 226 17.04 -3.07 17.84
CA ILE B 226 15.82 -3.08 16.97
C ILE B 226 15.25 -4.50 16.94
N ASP B 227 16.10 -5.52 17.08
CA ASP B 227 15.73 -6.96 17.11
C ASP B 227 14.61 -7.19 18.14
N ASP B 228 14.67 -6.53 19.30
CA ASP B 228 13.73 -6.71 20.44
C ASP B 228 12.46 -5.87 20.30
N HIS B 229 12.34 -5.04 19.25
CA HIS B 229 11.22 -4.07 19.09
C HIS B 229 10.50 -4.22 17.74
N VAL B 230 10.69 -5.34 17.03
CA VAL B 230 9.95 -5.67 15.77
C VAL B 230 9.36 -7.08 15.90
N ASP B 231 8.10 -7.25 15.47
CA ASP B 231 7.32 -8.52 15.53
C ASP B 231 7.55 -9.32 14.24
N THR B 232 8.81 -9.59 13.89
CA THR B 232 9.22 -10.29 12.65
C THR B 232 8.84 -11.76 12.74
N PRO B 233 8.20 -12.34 11.71
CA PRO B 233 8.05 -13.80 11.61
C PRO B 233 9.41 -14.51 11.61
N ALA B 234 9.53 -15.58 12.40
CA ALA B 234 10.78 -16.35 12.64
C ALA B 234 11.53 -16.60 11.34
N GLU B 235 10.83 -16.96 10.26
CA GLU B 235 11.42 -17.42 8.98
C GLU B 235 12.00 -16.24 8.19
N LEU B 236 11.67 -14.99 8.55
CA LEU B 236 12.17 -13.75 7.90
C LEU B 236 13.15 -13.01 8.82
N ARG B 237 13.55 -13.60 9.95
CA ARG B 237 14.59 -13.01 10.84
C ARG B 237 15.94 -13.16 10.15
N PRO B 238 16.83 -12.16 10.28
CA PRO B 238 18.15 -12.23 9.64
C PRO B 238 19.09 -13.27 10.26
N PRO B 239 20.05 -13.81 9.48
CA PRO B 239 21.00 -14.79 9.97
C PRO B 239 21.74 -14.35 11.25
N VAL B 240 22.14 -13.08 11.31
CA VAL B 240 22.81 -12.45 12.49
C VAL B 240 21.97 -11.27 12.94
N PRO B 241 22.00 -10.90 14.25
CA PRO B 241 21.20 -9.77 14.74
C PRO B 241 21.54 -8.46 14.02
N TRP B 242 20.49 -7.66 13.76
CA TRP B 242 20.58 -6.27 13.27
C TRP B 242 21.50 -5.45 14.19
N ASN B 243 21.42 -5.68 15.51
CA ASN B 243 22.14 -4.88 16.54
C ASN B 243 23.63 -5.20 16.55
N ASP B 244 24.03 -6.33 15.96
CA ASP B 244 25.46 -6.75 15.85
C ASP B 244 26.16 -6.01 14.69
N GLY B 245 25.42 -5.19 13.92
CA GLY B 245 25.97 -4.40 12.80
C GLY B 245 25.49 -2.96 12.80
N THR B 246 25.67 -2.26 11.68
CA THR B 246 25.21 -0.88 11.43
C THR B 246 23.82 -0.94 10.80
N MET B 247 22.79 -0.58 11.56
CA MET B 247 21.38 -0.59 11.07
C MET B 247 21.10 0.75 10.36
N HIS B 248 20.49 0.67 9.18
CA HIS B 248 20.04 1.83 8.36
C HIS B 248 18.52 1.80 8.29
N HIS B 249 17.83 2.68 9.02
CA HIS B 249 16.36 2.90 8.92
C HIS B 249 16.10 3.80 7.70
N ILE B 250 15.63 3.19 6.61
CA ILE B 250 15.38 3.87 5.31
C ILE B 250 13.94 4.36 5.26
N PHE B 251 13.72 5.56 4.72
CA PHE B 251 12.39 6.14 4.42
C PHE B 251 12.52 7.08 3.22
N GLU B 252 11.40 7.68 2.81
CA GLU B 252 11.30 8.64 1.68
C GLU B 252 12.44 9.68 1.79
N ARG B 253 13.41 9.60 0.88
CA ARG B 253 14.51 10.60 0.67
C ARG B 253 15.28 10.83 1.98
N GLY B 254 15.58 9.78 2.72
CA GLY B 254 16.36 9.91 3.97
C GLY B 254 16.57 8.58 4.66
N TRP B 255 17.49 8.58 5.63
CA TRP B 255 17.82 7.37 6.42
C TRP B 255 18.40 7.76 7.78
N MET B 256 18.30 6.84 8.73
CA MET B 256 18.82 6.99 10.10
C MET B 256 19.81 5.86 10.38
N TRP B 257 20.94 6.17 11.01
CA TRP B 257 21.93 5.16 11.49
C TRP B 257 21.73 4.90 12.98
N ILE B 258 21.89 3.64 13.37
CA ILE B 258 22.10 3.15 14.76
C ILE B 258 23.42 2.37 14.76
N ILE B 259 24.44 2.93 15.42
CA ILE B 259 25.82 2.37 15.53
C ILE B 259 26.11 2.19 17.01
N PRO B 260 25.68 1.06 17.62
CA PRO B 260 25.95 0.81 19.03
C PRO B 260 27.42 0.46 19.29
N PHE B 261 27.95 0.91 20.42
CA PHE B 261 29.34 0.61 20.89
C PHE B 261 29.29 -0.51 21.92
N ASN B 262 28.07 -0.95 22.29
CA ASN B 262 27.83 -1.91 23.40
C ASN B 262 27.24 -3.22 22.87
N ASN B 263 27.43 -3.55 21.59
CA ASN B 263 26.74 -4.70 20.94
C ASN B 263 27.60 -5.97 21.03
N HIS B 264 28.23 -6.24 22.17
CA HIS B 264 29.01 -7.48 22.41
C HIS B 264 29.13 -7.72 23.91
N PRO B 265 29.24 -8.99 24.35
CA PRO B 265 29.26 -9.32 25.78
C PRO B 265 30.39 -8.60 26.53
N GLY B 266 30.06 -8.01 27.69
CA GLY B 266 31.02 -7.25 28.52
C GLY B 266 31.61 -6.04 27.80
N ALA B 267 30.83 -5.41 26.92
CA ALA B 267 31.18 -4.11 26.29
C ALA B 267 31.16 -3.03 27.38
N THR B 268 32.19 -2.19 27.42
CA THR B 268 32.37 -1.18 28.49
C THR B 268 31.66 0.13 28.12
N ASN B 269 31.45 0.40 26.82
CA ASN B 269 30.92 1.68 26.30
C ASN B 269 29.42 1.55 26.04
N PRO B 270 28.56 2.18 26.87
CA PRO B 270 27.12 2.04 26.73
C PRO B 270 26.47 2.94 25.66
N LEU B 271 27.27 3.81 25.03
CA LEU B 271 26.77 4.80 24.05
C LEU B 271 26.41 4.13 22.73
N CYS B 272 25.62 4.85 21.94
CA CYS B 272 25.16 4.49 20.58
C CYS B 272 25.17 5.76 19.75
N SER B 273 25.86 5.76 18.60
CA SER B 273 25.82 6.86 17.63
C SER B 273 24.49 6.79 16.86
N VAL B 274 23.76 7.90 16.84
CA VAL B 274 22.46 8.03 16.14
C VAL B 274 22.49 9.31 15.30
N GLY B 275 21.97 9.21 14.07
CA GLY B 275 21.97 10.30 13.10
C GLY B 275 20.92 10.08 12.02
N ILE B 276 20.46 11.17 11.43
CA ILE B 276 19.45 11.16 10.34
C ILE B 276 19.97 12.01 9.18
N GLN B 277 19.90 11.48 7.97
CA GLN B 277 20.20 12.21 6.72
C GLN B 277 18.86 12.52 6.06
N LEU B 278 18.64 13.79 5.70
CA LEU B 278 17.42 14.28 5.02
C LEU B 278 17.85 15.04 3.76
N ASP B 279 17.33 14.65 2.60
CA ASP B 279 17.39 15.49 1.37
C ASP B 279 16.67 16.80 1.67
N GLU B 280 17.39 17.92 1.66
CA GLU B 280 16.87 19.22 2.17
C GLU B 280 15.93 19.86 1.13
N ARG B 281 15.92 19.37 -0.11
CA ARG B 281 14.94 19.76 -1.17
C ARG B 281 13.56 19.17 -0.83
N ARG B 282 13.52 18.03 -0.15
CA ARG B 282 12.29 17.28 0.21
C ARG B 282 11.89 17.59 1.67
N TYR B 283 12.87 17.94 2.51
CA TYR B 283 12.71 18.27 3.95
C TYR B 283 13.39 19.60 4.24
N PRO B 284 12.71 20.74 4.03
CA PRO B 284 13.35 22.04 4.20
C PRO B 284 13.65 22.34 5.67
N ALA B 285 14.67 23.18 5.90
CA ALA B 285 15.16 23.63 7.23
C ALA B 285 13.98 23.95 8.14
N ARG B 286 14.05 23.53 9.40
CA ARG B 286 13.07 23.84 10.49
C ARG B 286 13.81 24.60 11.59
N PRO B 287 14.16 25.89 11.37
CA PRO B 287 14.85 26.67 12.41
C PRO B 287 13.92 27.04 13.57
N ASP B 288 12.62 26.78 13.44
CA ASP B 288 11.62 26.88 14.53
C ASP B 288 11.83 25.74 15.54
N LEU B 289 12.32 24.57 15.11
CA LEU B 289 12.60 23.41 15.99
C LEU B 289 14.07 23.46 16.46
N THR B 290 14.35 23.01 17.69
CA THR B 290 15.73 22.66 18.14
C THR B 290 16.18 21.44 17.34
N PRO B 291 17.50 21.20 17.22
CA PRO B 291 17.99 19.96 16.61
C PRO B 291 17.34 18.69 17.18
N GLU B 292 17.24 18.59 18.52
CA GLU B 292 16.63 17.43 19.23
C GLU B 292 15.16 17.30 18.80
N GLU B 293 14.39 18.39 18.82
CA GLU B 293 12.96 18.41 18.42
C GLU B 293 12.80 17.90 16.98
N GLU B 294 13.61 18.42 16.03
CA GLU B 294 13.53 17.99 14.60
C GLU B 294 13.88 16.50 14.51
N PHE B 295 14.89 16.04 15.27
CA PHE B 295 15.31 14.62 15.26
C PHE B 295 14.12 13.75 15.68
N TRP B 296 13.48 14.05 16.82
CA TRP B 296 12.37 13.24 17.39
C TRP B 296 11.12 13.33 16.50
N SER B 297 10.91 14.45 15.80
CA SER B 297 9.75 14.65 14.90
C SER B 297 9.83 13.64 13.73
N HIS B 298 11.03 13.14 13.42
CA HIS B 298 11.24 12.09 12.37
C HIS B 298 11.12 10.70 12.99
N VAL B 299 11.63 10.52 14.22
CA VAL B 299 11.51 9.23 14.98
C VAL B 299 10.01 8.89 15.14
N ASP B 300 9.18 9.89 15.44
CA ASP B 300 7.74 9.74 15.76
C ASP B 300 6.95 9.25 14.52
N ARG B 301 7.52 9.40 13.32
CA ARG B 301 6.92 8.92 12.05
C ARG B 301 6.86 7.38 12.01
N PHE B 302 7.82 6.69 12.65
CA PHE B 302 8.07 5.24 12.44
C PHE B 302 7.99 4.48 13.76
N PRO B 303 6.83 3.83 14.05
CA PRO B 303 6.59 3.19 15.35
C PRO B 303 7.74 2.31 15.89
N ALA B 304 8.36 1.49 15.02
CA ALA B 304 9.45 0.55 15.39
C ALA B 304 10.67 1.35 15.85
N VAL B 305 11.03 2.42 15.13
CA VAL B 305 12.19 3.29 15.49
C VAL B 305 11.87 3.98 16.82
N GLN B 306 10.66 4.51 16.96
CA GLN B 306 10.14 5.16 18.18
C GLN B 306 10.32 4.24 19.39
N ARG B 307 9.99 2.95 19.23
CA ARG B 307 10.08 1.93 20.31
C ARG B 307 11.55 1.66 20.65
N GLN B 308 12.42 1.58 19.64
CA GLN B 308 13.87 1.32 19.80
C GLN B 308 14.51 2.43 20.64
N LEU B 309 14.10 3.68 20.44
CA LEU B 309 14.76 4.89 21.00
C LEU B 309 13.97 5.44 22.18
N LYS B 310 12.93 4.72 22.65
CA LYS B 310 11.98 5.20 23.68
C LYS B 310 12.73 5.72 24.92
N GLY B 311 13.68 4.95 25.44
CA GLY B 311 14.42 5.31 26.66
C GLY B 311 15.73 6.03 26.40
N ALA B 312 16.05 6.36 25.13
CA ALA B 312 17.34 6.93 24.70
C ALA B 312 17.43 8.40 25.11
N ARG B 313 18.58 8.79 25.68
CA ARG B 313 18.89 10.21 26.04
C ARG B 313 20.25 10.56 25.44
N SER B 314 20.35 11.77 24.86
CA SER B 314 21.61 12.33 24.29
C SER B 314 22.58 12.68 25.40
N VAL B 315 23.88 12.45 25.17
CA VAL B 315 24.96 12.81 26.15
C VAL B 315 25.85 13.89 25.54
N ARG B 316 25.47 14.44 24.39
CA ARG B 316 26.24 15.49 23.68
C ARG B 316 25.30 16.63 23.28
N GLU B 317 25.86 17.81 23.07
CA GLU B 317 25.22 18.91 22.30
C GLU B 317 24.97 18.37 20.88
N TRP B 318 23.73 18.48 20.41
CA TRP B 318 23.30 17.97 19.08
C TRP B 318 24.06 18.74 17.99
N VAL B 319 24.35 18.07 16.87
CA VAL B 319 24.88 18.72 15.63
C VAL B 319 23.77 18.69 14.59
N ARG B 320 23.48 19.85 14.01
CA ARG B 320 22.54 20.00 12.89
C ARG B 320 23.27 20.80 11.80
N THR B 321 23.28 20.27 10.58
CA THR B 321 24.05 20.83 9.45
C THR B 321 23.07 21.43 8.45
N ASP B 322 23.60 22.30 7.60
CA ASP B 322 23.00 22.63 6.28
C ASP B 322 23.37 21.50 5.31
N ARG B 323 23.18 21.70 4.01
CA ARG B 323 23.63 20.73 2.98
C ARG B 323 25.11 20.42 3.22
N MET B 324 25.45 19.15 3.43
CA MET B 324 26.79 18.67 3.88
C MET B 324 27.75 18.47 2.71
N GLN B 325 27.27 18.43 1.47
CA GLN B 325 28.10 18.03 0.31
C GLN B 325 28.99 19.22 -0.09
N TYR B 326 30.25 18.94 -0.40
CA TYR B 326 31.20 19.95 -0.94
C TYR B 326 32.24 19.22 -1.79
N SER B 327 32.78 19.93 -2.78
CA SER B 327 33.77 19.41 -3.76
C SER B 327 34.78 20.52 -4.05
N SER B 328 35.91 20.14 -4.64
CA SER B 328 37.06 21.04 -4.92
C SER B 328 37.42 20.97 -6.40
N SER B 329 37.90 22.08 -6.97
CA SER B 329 38.32 22.21 -8.38
C SER B 329 39.75 21.66 -8.55
N ARG B 330 40.55 21.74 -7.48
CA ARG B 330 41.97 21.30 -7.42
C ARG B 330 42.24 20.74 -6.02
N THR B 331 42.94 19.61 -5.92
CA THR B 331 43.26 18.94 -4.62
C THR B 331 44.77 18.79 -4.41
N VAL B 332 45.61 19.12 -5.40
CA VAL B 332 47.09 19.09 -5.27
C VAL B 332 47.67 20.32 -5.94
N GLY B 333 48.75 20.84 -5.35
CA GLY B 333 49.59 21.87 -5.98
C GLY B 333 51.05 21.64 -5.67
N GLU B 334 51.89 22.54 -6.16
CA GLU B 334 53.32 22.65 -5.82
C GLU B 334 53.42 22.83 -4.29
N ARG B 335 53.85 21.77 -3.60
CA ARG B 335 54.17 21.77 -2.14
C ARG B 335 52.90 21.72 -1.27
N TRP B 336 51.77 21.24 -1.80
CA TRP B 336 50.55 21.04 -0.98
C TRP B 336 49.61 19.96 -1.54
N CYS B 337 48.93 19.26 -0.64
CA CYS B 337 47.88 18.27 -0.95
C CYS B 337 46.68 18.50 -0.03
N LEU B 338 45.50 18.50 -0.63
CA LEU B 338 44.17 18.48 0.04
C LEU B 338 43.79 17.01 0.25
N MET B 339 43.80 16.56 1.50
CA MET B 339 43.52 15.17 1.96
C MET B 339 42.00 14.92 1.82
N SER B 340 41.56 13.67 1.62
CA SER B 340 40.22 13.27 1.11
C SER B 340 39.09 14.15 1.67
N HIS B 341 38.88 14.15 2.99
CA HIS B 341 37.76 14.84 3.68
C HIS B 341 37.91 16.37 3.60
N ALA B 342 39.12 16.88 3.43
CA ALA B 342 39.38 18.33 3.21
C ALA B 342 38.97 18.71 1.78
N ALA B 343 38.97 17.75 0.86
CA ALA B 343 38.72 17.96 -0.59
C ALA B 343 37.22 17.90 -0.89
N GLY B 344 36.50 16.96 -0.27
CA GLY B 344 35.07 16.76 -0.56
C GLY B 344 34.42 15.75 0.35
N PHE B 345 33.08 15.71 0.33
CA PHE B 345 32.27 14.79 1.17
C PHE B 345 30.92 14.59 0.50
N ILE B 346 30.39 13.37 0.58
CA ILE B 346 29.06 13.00 0.01
C ILE B 346 28.08 12.77 1.17
N ASP B 347 28.28 11.70 1.95
CA ASP B 347 27.27 11.21 2.93
C ASP B 347 27.89 10.13 3.79
N PRO B 348 27.40 9.93 5.03
CA PRO B 348 27.82 8.78 5.84
C PRO B 348 27.44 7.43 5.22
N LEU B 349 26.49 7.40 4.28
CA LEU B 349 25.90 6.13 3.77
C LEU B 349 26.99 5.24 3.18
N PHE B 350 27.06 3.98 3.60
CA PHE B 350 28.00 2.93 3.11
C PHE B 350 29.42 3.19 3.62
N SER B 351 29.61 4.20 4.48
CA SER B 351 30.87 4.43 5.24
C SER B 351 32.06 4.50 4.27
N ARG B 352 31.95 5.31 3.22
CA ARG B 352 32.99 5.43 2.16
C ARG B 352 34.10 6.36 2.63
N GLY B 353 33.80 7.30 3.54
CA GLY B 353 34.73 8.34 4.02
C GLY B 353 36.11 7.79 4.36
N LEU B 354 36.18 6.78 5.23
CA LEU B 354 37.44 6.24 5.79
C LEU B 354 38.15 5.39 4.73
N SER B 355 37.40 4.75 3.83
CA SER B 355 37.92 4.06 2.62
C SER B 355 38.63 5.08 1.74
N ASN B 356 37.93 6.15 1.36
CA ASN B 356 38.45 7.28 0.55
C ASN B 356 39.74 7.80 1.20
N THR B 357 39.73 8.05 2.51
CA THR B 357 40.88 8.55 3.30
C THR B 357 42.09 7.62 3.09
N CYS B 358 41.89 6.32 3.31
CA CYS B 358 42.96 5.29 3.28
C CYS B 358 43.53 5.17 1.87
N GLU B 359 42.67 5.17 0.84
CA GLU B 359 43.09 5.13 -0.59
C GLU B 359 44.04 6.29 -0.87
N ILE B 360 43.71 7.51 -0.42
CA ILE B 360 44.52 8.73 -0.70
C ILE B 360 45.87 8.61 0.04
N ILE B 361 45.87 8.20 1.30
CA ILE B 361 47.12 8.04 2.11
C ILE B 361 48.04 7.02 1.41
N ASN B 362 47.47 5.93 0.91
CA ASN B 362 48.24 4.87 0.20
C ASN B 362 48.88 5.47 -1.06
N ALA B 363 48.12 6.18 -1.88
CA ALA B 363 48.60 6.78 -3.16
C ALA B 363 49.56 7.94 -2.88
N LEU B 364 49.31 8.77 -1.87
CA LEU B 364 50.09 10.02 -1.63
C LEU B 364 51.46 9.71 -0.99
N SER B 365 51.52 8.79 -0.04
CA SER B 365 52.63 8.67 0.93
C SER B 365 53.97 8.40 0.21
N TRP B 366 54.01 7.43 -0.70
CA TRP B 366 55.27 7.06 -1.40
C TRP B 366 55.69 8.17 -2.36
N ARG B 367 54.74 8.79 -3.08
CA ARG B 367 55.04 9.90 -4.03
C ARG B 367 55.64 11.07 -3.27
N LEU B 368 55.07 11.39 -2.11
CA LEU B 368 55.49 12.54 -1.27
C LEU B 368 56.89 12.28 -0.73
N MET B 369 57.15 11.08 -0.21
CA MET B 369 58.47 10.74 0.37
C MET B 369 59.51 10.78 -0.74
N ALA B 370 59.16 10.37 -1.97
CA ALA B 370 60.04 10.44 -3.16
C ALA B 370 60.36 11.90 -3.48
N ALA B 371 59.35 12.78 -3.47
CA ALA B 371 59.49 14.23 -3.76
C ALA B 371 60.40 14.90 -2.71
N LEU B 372 60.23 14.55 -1.43
CA LEU B 372 61.04 15.15 -0.34
C LEU B 372 62.50 14.72 -0.48
N ARG B 373 62.73 13.44 -0.82
CA ARG B 373 64.10 12.86 -1.05
C ARG B 373 64.77 13.55 -2.24
N GLU B 374 64.04 13.76 -3.33
CA GLU B 374 64.58 14.31 -4.60
C GLU B 374 64.61 15.84 -4.56
N ASP B 375 63.99 16.46 -3.54
CA ASP B 375 63.73 17.92 -3.43
C ASP B 375 63.13 18.45 -4.74
N ASP B 376 62.19 17.70 -5.31
CA ASP B 376 61.47 18.03 -6.57
C ASP B 376 59.96 17.91 -6.33
N PHE B 377 59.25 19.03 -6.41
CA PHE B 377 57.81 19.17 -6.04
C PHE B 377 56.96 19.51 -7.27
N ALA B 378 57.42 19.15 -8.47
CA ALA B 378 56.62 19.19 -9.72
C ALA B 378 55.28 18.49 -9.49
N VAL B 379 54.17 19.18 -9.74
CA VAL B 379 52.78 18.70 -9.47
C VAL B 379 52.47 17.46 -10.32
N GLU B 380 53.14 17.32 -11.47
CA GLU B 380 52.98 16.18 -12.43
C GLU B 380 53.23 14.84 -11.72
N ARG B 381 54.09 14.81 -10.69
CA ARG B 381 54.33 13.60 -9.86
C ARG B 381 53.04 13.21 -9.12
N PHE B 382 52.16 14.18 -8.83
CA PHE B 382 50.98 14.01 -7.96
C PHE B 382 49.67 13.97 -8.77
N ALA B 383 49.77 13.91 -10.10
CA ALA B 383 48.62 13.94 -11.05
C ALA B 383 47.64 12.79 -10.74
N TYR B 384 48.13 11.59 -10.43
CA TYR B 384 47.25 10.44 -10.09
C TYR B 384 46.48 10.73 -8.78
N VAL B 385 47.10 11.41 -7.80
CA VAL B 385 46.42 11.70 -6.50
C VAL B 385 45.17 12.53 -6.79
N GLU B 386 45.32 13.59 -7.59
CA GLU B 386 44.21 14.46 -8.07
C GLU B 386 43.13 13.60 -8.74
N GLU B 387 43.51 12.75 -9.70
CA GLU B 387 42.57 11.90 -10.48
C GLU B 387 41.83 10.96 -9.53
N LEU B 388 42.52 10.34 -8.59
CA LEU B 388 41.93 9.43 -7.57
C LEU B 388 40.96 10.22 -6.68
N GLU B 389 41.39 11.40 -6.21
CA GLU B 389 40.62 12.26 -5.28
C GLU B 389 39.25 12.59 -5.91
N GLN B 390 39.25 13.12 -7.14
CA GLN B 390 38.02 13.54 -7.86
C GLN B 390 37.19 12.29 -8.21
N GLY B 391 37.85 11.18 -8.54
CA GLY B 391 37.20 9.92 -8.93
C GLY B 391 36.45 9.29 -7.78
N LEU B 392 37.07 9.19 -6.61
CA LEU B 392 36.44 8.70 -5.37
C LEU B 392 35.14 9.47 -5.15
N LEU B 393 35.21 10.80 -5.21
CA LEU B 393 34.05 11.69 -4.92
C LEU B 393 32.95 11.44 -5.96
N ASP B 394 33.31 11.38 -7.24
CA ASP B 394 32.30 11.26 -8.34
C ASP B 394 31.58 9.92 -8.23
N TRP B 395 32.30 8.82 -8.02
CA TRP B 395 31.72 7.46 -7.89
C TRP B 395 30.90 7.36 -6.59
N ASN B 396 31.41 7.94 -5.49
CA ASN B 396 30.70 7.99 -4.18
C ASN B 396 29.38 8.75 -4.38
N ASP B 397 29.41 9.86 -5.12
CA ASP B 397 28.23 10.73 -5.38
C ASP B 397 27.11 9.91 -6.02
N LYS B 398 27.45 9.12 -7.04
CA LYS B 398 26.48 8.28 -7.80
C LYS B 398 25.92 7.17 -6.90
N LEU B 399 26.78 6.45 -6.18
CA LEU B 399 26.39 5.37 -5.23
C LEU B 399 25.26 5.88 -4.32
N VAL B 400 25.45 7.05 -3.71
CA VAL B 400 24.56 7.59 -2.64
C VAL B 400 23.32 8.22 -3.30
N ASN B 401 23.49 9.02 -4.36
CA ASN B 401 22.37 9.65 -5.09
C ASN B 401 21.43 8.55 -5.60
N ASN B 402 21.96 7.51 -6.24
CA ASN B 402 21.20 6.33 -6.73
C ASN B 402 20.39 5.73 -5.56
N SER B 403 21.03 5.52 -4.41
CA SER B 403 20.41 4.90 -3.20
C SER B 403 19.25 5.77 -2.69
N PHE B 404 19.44 7.08 -2.58
CA PHE B 404 18.43 8.03 -2.04
C PHE B 404 17.19 8.01 -2.93
N ILE B 405 17.38 7.94 -4.25
CA ILE B 405 16.29 7.83 -5.26
C ILE B 405 15.55 6.51 -5.04
N SER B 406 16.28 5.43 -4.80
CA SER B 406 15.74 4.04 -4.72
C SER B 406 14.94 3.84 -3.43
N PHE B 407 15.13 4.69 -2.41
CA PHE B 407 14.45 4.57 -1.09
C PHE B 407 12.92 4.68 -1.24
N SER B 408 12.43 5.23 -2.36
CA SER B 408 10.98 5.40 -2.65
C SER B 408 10.35 4.07 -3.09
N HIS B 409 11.17 3.09 -3.50
CA HIS B 409 10.69 1.82 -4.10
C HIS B 409 11.65 0.68 -3.78
N TYR B 410 11.28 -0.19 -2.82
CA TYR B 410 12.13 -1.30 -2.33
C TYR B 410 12.65 -2.17 -3.47
N PRO B 411 11.83 -2.60 -4.46
CA PRO B 411 12.33 -3.44 -5.55
C PRO B 411 13.50 -2.81 -6.34
N LEU B 412 13.54 -1.48 -6.43
CA LEU B 412 14.67 -0.72 -7.06
C LEU B 412 15.87 -0.70 -6.10
N TRP B 413 15.67 -0.39 -4.82
CA TRP B 413 16.75 -0.42 -3.79
C TRP B 413 17.41 -1.81 -3.78
N ASN B 414 16.60 -2.86 -3.89
CA ASN B 414 17.04 -4.28 -3.87
C ASN B 414 18.16 -4.49 -4.90
N SER B 415 18.06 -3.85 -6.07
CA SER B 415 19.07 -3.92 -7.15
C SER B 415 20.30 -3.09 -6.77
N VAL B 416 20.11 -1.86 -6.26
CA VAL B 416 21.24 -0.99 -5.80
C VAL B 416 22.02 -1.79 -4.76
N PHE B 417 21.31 -2.39 -3.81
CA PHE B 417 21.88 -3.11 -2.64
C PHE B 417 22.85 -4.21 -3.11
N ARG B 418 22.43 -5.10 -4.01
CA ARG B 418 23.25 -6.28 -4.44
C ARG B 418 24.36 -5.85 -5.40
N ILE B 419 24.12 -4.88 -6.29
CA ILE B 419 25.18 -4.33 -7.19
C ILE B 419 26.30 -3.73 -6.31
N TRP B 420 25.95 -2.98 -5.26
CA TRP B 420 26.95 -2.39 -4.32
C TRP B 420 27.69 -3.49 -3.55
N ALA B 421 26.97 -4.38 -2.87
CA ALA B 421 27.55 -5.37 -1.92
C ALA B 421 28.36 -6.44 -2.68
N SER B 422 27.96 -6.83 -3.88
CA SER B 422 28.69 -7.84 -4.71
C SER B 422 30.13 -7.36 -4.95
N ALA B 423 30.34 -6.04 -5.06
CA ALA B 423 31.66 -5.39 -5.26
C ALA B 423 32.56 -5.53 -4.02
N SER B 424 32.02 -5.71 -2.81
CA SER B 424 32.80 -5.84 -1.55
C SER B 424 33.85 -6.95 -1.71
N VAL B 425 33.39 -8.18 -1.96
CA VAL B 425 34.27 -9.39 -2.08
C VAL B 425 35.26 -9.16 -3.23
N ILE B 426 34.75 -8.71 -4.39
CA ILE B 426 35.53 -8.67 -5.66
C ILE B 426 36.62 -7.60 -5.53
N GLY B 427 36.22 -6.37 -5.18
CA GLY B 427 37.13 -5.23 -4.91
C GLY B 427 38.02 -5.51 -3.72
N GLY B 428 37.50 -6.18 -2.69
CA GLY B 428 38.26 -6.61 -1.51
C GLY B 428 39.39 -7.56 -1.88
N LYS B 429 39.09 -8.64 -2.60
CA LYS B 429 40.09 -9.68 -2.96
C LYS B 429 41.10 -9.09 -3.96
N ARG B 430 40.70 -8.10 -4.76
CA ARG B 430 41.65 -7.38 -5.68
C ARG B 430 42.79 -6.78 -4.86
N ILE B 431 42.47 -6.12 -3.74
CA ILE B 431 43.47 -5.40 -2.91
C ILE B 431 44.26 -6.44 -2.08
N LEU B 432 43.59 -7.47 -1.56
CA LEU B 432 44.25 -8.60 -0.83
C LEU B 432 45.32 -9.26 -1.69
N ASN B 433 44.98 -9.64 -2.92
CA ASN B 433 45.87 -10.39 -3.86
C ASN B 433 47.14 -9.57 -4.11
N ALA B 434 47.01 -8.26 -4.31
CA ALA B 434 48.13 -7.32 -4.55
C ALA B 434 49.04 -7.25 -3.31
N LEU B 435 48.43 -7.31 -2.13
CA LEU B 435 49.14 -7.23 -0.84
C LEU B 435 49.95 -8.52 -0.60
N THR B 436 49.34 -9.69 -0.84
CA THR B 436 49.98 -11.03 -0.74
C THR B 436 51.18 -11.10 -1.69
N ARG B 437 51.02 -10.65 -2.94
CA ARG B 437 52.10 -10.65 -3.96
C ARG B 437 53.31 -9.86 -3.44
N THR B 438 53.09 -8.66 -2.93
CA THR B 438 54.13 -7.70 -2.45
C THR B 438 54.82 -8.28 -1.22
N LYS B 439 54.09 -9.01 -0.37
CA LYS B 439 54.64 -9.66 0.85
C LYS B 439 55.66 -10.74 0.44
N GLU B 440 55.29 -11.59 -0.52
CA GLU B 440 56.06 -12.81 -0.91
C GLU B 440 57.24 -12.42 -1.79
N THR B 441 57.03 -11.57 -2.80
CA THR B 441 58.09 -11.11 -3.75
C THR B 441 58.96 -10.05 -3.07
N GLY B 442 58.41 -9.31 -2.10
CA GLY B 442 59.09 -8.17 -1.45
C GLY B 442 59.19 -6.96 -2.38
N ASP B 443 58.45 -6.98 -3.50
CA ASP B 443 58.44 -5.88 -4.50
C ASP B 443 57.16 -5.04 -4.33
N ASP B 444 57.33 -3.75 -4.06
CA ASP B 444 56.24 -2.75 -3.90
C ASP B 444 55.48 -2.59 -5.22
N SER B 445 56.16 -2.91 -6.34
CA SER B 445 55.63 -3.12 -7.71
C SER B 445 54.12 -3.45 -7.71
N HIS B 446 53.71 -4.52 -7.02
CA HIS B 446 52.37 -5.15 -7.13
C HIS B 446 51.30 -4.31 -6.41
N CYS B 447 51.69 -3.44 -5.48
CA CYS B 447 50.81 -2.44 -4.81
C CYS B 447 50.73 -1.17 -5.67
N GLN B 448 51.86 -0.72 -6.21
CA GLN B 448 51.94 0.45 -7.15
C GLN B 448 51.01 0.19 -8.34
N ALA B 449 50.85 -1.07 -8.74
CA ALA B 449 50.06 -1.51 -9.93
C ALA B 449 48.56 -1.26 -9.71
N LEU B 450 48.11 -1.10 -8.46
CA LEU B 450 46.69 -0.78 -8.14
C LEU B 450 46.35 0.62 -8.67
N ASP B 451 47.34 1.48 -8.84
CA ASP B 451 47.19 2.87 -9.38
C ASP B 451 46.94 2.85 -10.90
N ASP B 452 47.10 1.70 -11.57
CA ASP B 452 47.05 1.58 -13.06
C ASP B 452 45.66 1.11 -13.53
N ASN B 453 44.65 1.10 -12.65
CA ASN B 453 43.27 0.69 -13.00
C ASN B 453 42.66 1.74 -13.93
N PRO B 454 41.67 1.36 -14.77
CA PRO B 454 41.09 2.30 -15.72
C PRO B 454 39.96 3.22 -15.20
N TYR B 455 39.59 3.12 -13.91
CA TYR B 455 38.46 3.88 -13.30
C TYR B 455 38.84 4.33 -11.90
N PRO B 456 39.73 5.34 -11.76
CA PRO B 456 40.21 5.76 -10.45
C PRO B 456 39.03 6.16 -9.55
N GLY B 457 38.93 5.52 -8.38
CA GLY B 457 37.95 5.85 -7.33
C GLY B 457 36.76 4.90 -7.31
N LEU B 458 36.62 4.04 -8.32
CA LEU B 458 35.55 3.02 -8.37
C LEU B 458 36.03 1.79 -7.59
N TRP B 459 35.21 1.31 -6.65
CA TRP B 459 35.57 0.30 -5.60
C TRP B 459 35.76 -1.10 -6.19
N CYS B 460 35.33 -1.34 -7.44
CA CYS B 460 35.57 -2.59 -8.21
C CYS B 460 35.85 -2.22 -9.67
N PRO B 461 37.08 -1.73 -9.99
CA PRO B 461 37.31 -1.04 -11.26
C PRO B 461 37.52 -2.00 -12.45
N LEU B 462 36.53 -2.88 -12.70
CA LEU B 462 36.52 -3.84 -13.83
C LEU B 462 35.42 -3.42 -14.81
N ASP B 463 35.68 -3.60 -16.12
CA ASP B 463 34.79 -3.14 -17.22
C ASP B 463 33.35 -3.61 -17.01
N PHE B 464 33.14 -4.87 -16.63
CA PHE B 464 31.79 -5.48 -16.47
C PHE B 464 31.05 -4.82 -15.31
N TYR B 465 31.77 -4.44 -14.23
CA TYR B 465 31.17 -3.74 -13.06
C TYR B 465 30.87 -2.28 -13.45
N LYS B 466 31.81 -1.60 -14.10
CA LYS B 466 31.65 -0.18 -14.53
C LYS B 466 30.38 -0.07 -15.37
N GLU B 467 30.16 -1.03 -16.29
CA GLU B 467 29.00 -1.06 -17.23
C GLU B 467 27.71 -1.30 -16.45
N ALA B 468 27.70 -2.24 -15.50
CA ALA B 468 26.52 -2.57 -14.67
C ALA B 468 26.14 -1.35 -13.81
N PHE B 469 27.13 -0.66 -13.24
CA PHE B 469 26.90 0.50 -12.35
C PHE B 469 26.46 1.72 -13.17
N ASP B 470 27.04 1.89 -14.37
CA ASP B 470 26.68 2.95 -15.35
C ASP B 470 25.18 2.89 -15.66
N GLU B 471 24.65 1.68 -15.91
CA GLU B 471 23.23 1.42 -16.25
C GLU B 471 22.35 1.70 -15.02
N LEU B 472 22.74 1.21 -13.85
CA LEU B 472 22.02 1.50 -12.57
C LEU B 472 21.89 3.02 -12.38
N THR B 473 22.96 3.77 -12.69
CA THR B 473 23.04 5.25 -12.52
C THR B 473 22.11 5.94 -13.52
N GLU B 474 22.12 5.49 -14.78
CA GLU B 474 21.30 6.09 -15.87
C GLU B 474 19.81 5.87 -15.55
N LEU B 475 19.45 4.68 -15.09
CA LEU B 475 18.04 4.35 -14.76
C LEU B 475 17.59 5.17 -13.54
N CYS B 476 18.39 5.20 -12.47
CA CYS B 476 18.07 5.93 -11.21
C CYS B 476 17.87 7.43 -11.50
N GLU B 477 18.72 8.03 -12.33
CA GLU B 477 18.65 9.49 -12.62
C GLU B 477 17.41 9.79 -13.47
N ALA B 478 16.99 8.84 -14.32
CA ALA B 478 15.79 8.98 -15.18
C ALA B 478 14.53 8.87 -14.32
N VAL B 479 14.57 8.03 -13.27
CA VAL B 479 13.48 7.93 -12.24
C VAL B 479 13.40 9.28 -11.52
N ASP B 480 14.55 9.83 -11.12
CA ASP B 480 14.68 11.12 -10.38
C ASP B 480 14.07 12.26 -11.22
N ALA B 481 14.34 12.28 -12.52
CA ALA B 481 13.87 13.32 -13.48
C ALA B 481 12.41 13.08 -13.87
N GLY B 482 11.87 11.89 -13.58
CA GLY B 482 10.47 11.52 -13.87
C GLY B 482 10.28 11.10 -15.32
N HIS B 483 11.33 10.65 -16.00
CA HIS B 483 11.29 10.18 -17.42
C HIS B 483 10.95 8.70 -17.46
N THR B 484 11.48 7.94 -16.50
CA THR B 484 11.23 6.47 -16.32
C THR B 484 10.56 6.27 -14.96
N THR B 485 9.69 5.27 -14.85
CA THR B 485 9.02 4.94 -13.57
C THR B 485 9.99 4.12 -12.72
N ALA B 486 9.93 4.30 -11.39
CA ALA B 486 10.68 3.48 -10.42
C ALA B 486 10.40 2.00 -10.67
N GLU B 487 9.17 1.67 -11.09
CA GLU B 487 8.70 0.29 -11.37
C GLU B 487 9.40 -0.25 -12.63
N GLU B 488 9.48 0.55 -13.69
CA GLU B 488 10.17 0.21 -14.98
C GLU B 488 11.65 -0.08 -14.67
N ALA B 489 12.31 0.84 -13.96
CA ALA B 489 13.75 0.73 -13.59
C ALA B 489 14.00 -0.57 -12.81
N ALA B 490 13.10 -0.92 -11.89
CA ALA B 490 13.20 -2.11 -11.02
C ALA B 490 13.10 -3.40 -11.85
N ARG B 491 12.21 -3.45 -12.84
CA ARG B 491 12.02 -4.64 -13.71
C ARG B 491 13.27 -4.83 -14.59
N VAL B 492 13.75 -3.78 -15.25
CA VAL B 492 14.95 -3.84 -16.14
C VAL B 492 16.16 -4.32 -15.32
N LEU B 493 16.39 -3.76 -14.14
CA LEU B 493 17.56 -4.08 -13.29
C LEU B 493 17.44 -5.51 -12.74
N GLU B 494 16.22 -5.92 -12.34
CA GLU B 494 15.95 -7.29 -11.84
C GLU B 494 16.32 -8.29 -12.96
N GLN B 495 16.02 -7.96 -14.21
CA GLN B 495 16.35 -8.79 -15.41
C GLN B 495 17.86 -8.88 -15.60
N ARG B 496 18.57 -7.76 -15.47
CA ARG B 496 20.06 -7.69 -15.65
C ARG B 496 20.74 -8.53 -14.56
N VAL B 497 20.24 -8.45 -13.32
CA VAL B 497 20.74 -9.25 -12.16
C VAL B 497 20.58 -10.74 -12.48
N ARG B 498 19.35 -11.16 -12.79
CA ARG B 498 18.99 -12.59 -13.01
C ARG B 498 19.78 -13.18 -14.18
N GLU B 499 20.10 -12.36 -15.20
CA GLU B 499 20.78 -12.79 -16.45
C GLU B 499 22.30 -12.65 -16.33
N SER B 500 22.82 -12.03 -15.26
CA SER B 500 24.27 -11.77 -15.06
C SER B 500 25.00 -13.10 -14.85
N ASP B 501 26.30 -13.15 -15.14
CA ASP B 501 27.18 -14.33 -14.90
C ASP B 501 28.21 -14.04 -13.80
N TRP B 502 28.34 -12.79 -13.33
CA TRP B 502 29.47 -12.37 -12.45
C TRP B 502 29.04 -12.20 -10.99
N MET B 503 27.74 -12.19 -10.69
CA MET B 503 27.22 -11.77 -9.36
C MET B 503 27.22 -12.95 -8.37
N LEU B 504 28.41 -13.52 -8.12
CA LEU B 504 28.71 -14.48 -7.03
C LEU B 504 27.48 -15.32 -6.70
N PRO B 505 27.04 -16.23 -7.61
CA PRO B 505 25.76 -16.92 -7.47
C PRO B 505 25.56 -17.66 -6.14
N ALA B 506 26.60 -18.31 -5.63
CA ALA B 506 26.58 -19.13 -4.40
C ALA B 506 26.17 -18.30 -3.17
N LEU B 507 26.40 -16.97 -3.17
CA LEU B 507 26.07 -16.08 -2.02
C LEU B 507 24.68 -15.45 -2.18
N GLY B 508 24.06 -15.57 -3.36
CA GLY B 508 22.67 -15.17 -3.62
C GLY B 508 22.56 -13.75 -4.18
N PHE B 509 23.66 -13.18 -4.66
CA PHE B 509 23.73 -11.79 -5.17
C PHE B 509 22.94 -11.67 -6.50
N ASN B 510 22.92 -12.75 -7.29
CA ASN B 510 22.21 -12.80 -8.60
C ASN B 510 20.73 -13.16 -8.41
N ASP B 511 20.28 -13.34 -7.17
CA ASP B 511 18.88 -13.73 -6.83
C ASP B 511 18.20 -12.58 -6.07
N PRO B 512 17.36 -11.78 -6.75
CA PRO B 512 16.58 -10.72 -6.10
C PRO B 512 15.73 -11.16 -4.89
N ASP B 513 15.36 -12.44 -4.80
CA ASP B 513 14.51 -13.00 -3.72
C ASP B 513 15.34 -13.26 -2.46
N THR B 514 16.68 -13.28 -2.56
CA THR B 514 17.61 -13.44 -1.42
C THR B 514 17.96 -12.05 -0.86
N HIS B 515 17.31 -11.65 0.22
CA HIS B 515 17.43 -10.31 0.85
C HIS B 515 18.59 -10.29 1.85
N HIS B 516 18.87 -11.43 2.49
CA HIS B 516 19.91 -11.59 3.53
C HIS B 516 21.10 -12.38 2.96
N ILE B 517 22.17 -11.67 2.59
CA ILE B 517 23.41 -12.29 2.02
C ILE B 517 24.28 -12.70 3.21
N ASN B 518 24.55 -14.01 3.32
CA ASN B 518 25.16 -14.66 4.51
C ASN B 518 26.33 -15.54 4.06
N PRO B 519 27.54 -14.96 3.84
CA PRO B 519 28.71 -15.73 3.42
C PRO B 519 29.24 -16.65 4.52
N THR B 520 29.03 -17.95 4.37
CA THR B 520 29.60 -19.03 5.23
C THR B 520 30.81 -19.62 4.52
N ALA B 521 31.62 -20.42 5.24
CA ALA B 521 32.80 -21.14 4.72
C ALA B 521 32.37 -22.02 3.53
N ASP B 522 31.27 -22.77 3.69
CA ASP B 522 30.69 -23.67 2.65
C ASP B 522 30.44 -22.88 1.35
N LYS B 523 29.89 -21.67 1.46
CA LYS B 523 29.50 -20.83 0.30
C LYS B 523 30.76 -20.22 -0.35
N MET B 524 31.74 -19.78 0.45
CA MET B 524 32.99 -19.14 -0.06
C MET B 524 33.83 -20.18 -0.82
N ILE B 525 33.80 -21.45 -0.40
CA ILE B 525 34.46 -22.59 -1.08
C ILE B 525 33.81 -22.76 -2.47
N ARG B 526 32.47 -22.78 -2.51
CA ARG B 526 31.65 -22.90 -3.76
C ARG B 526 32.00 -21.75 -4.71
N ILE B 527 32.17 -20.53 -4.17
CA ILE B 527 32.56 -19.32 -4.96
C ILE B 527 33.89 -19.61 -5.66
N ALA B 528 34.84 -20.23 -4.95
CA ALA B 528 36.19 -20.59 -5.47
C ALA B 528 36.08 -21.63 -6.60
N GLU B 529 35.22 -22.65 -6.45
CA GLU B 529 34.93 -23.68 -7.49
C GLU B 529 34.44 -22.99 -8.78
N TRP B 530 33.34 -22.24 -8.64
CA TRP B 530 32.63 -21.50 -9.71
C TRP B 530 33.58 -20.55 -10.44
N ALA B 531 34.49 -19.89 -9.71
CA ALA B 531 35.47 -18.93 -10.27
C ALA B 531 36.48 -19.66 -11.16
N THR B 532 36.97 -20.82 -10.72
CA THR B 532 38.13 -21.56 -11.31
C THR B 532 37.94 -21.73 -12.83
N GLY B 533 36.72 -22.02 -13.28
CA GLY B 533 36.39 -22.26 -14.70
C GLY B 533 35.40 -21.24 -15.25
N HIS B 534 35.56 -19.97 -14.88
CA HIS B 534 34.72 -18.84 -15.38
C HIS B 534 35.34 -18.28 -16.67
N HIS B 535 34.51 -17.90 -17.64
CA HIS B 535 34.97 -17.42 -18.97
C HIS B 535 35.65 -16.05 -18.82
N ARG B 536 35.23 -15.24 -17.84
CA ARG B 536 35.79 -13.90 -17.55
C ARG B 536 37.17 -14.04 -16.89
N PRO B 537 38.26 -13.53 -17.51
CA PRO B 537 39.61 -13.62 -16.92
C PRO B 537 39.71 -13.03 -15.50
N GLU B 538 38.97 -11.94 -15.24
CA GLU B 538 39.01 -11.18 -13.96
C GLU B 538 38.51 -12.07 -12.82
N ILE B 539 37.41 -12.80 -13.05
CA ILE B 539 36.80 -13.71 -12.03
C ILE B 539 37.83 -14.78 -11.65
N ARG B 540 38.49 -15.40 -12.65
CA ARG B 540 39.58 -16.40 -12.46
C ARG B 540 40.68 -15.78 -11.60
N GLU B 541 41.25 -14.67 -12.08
CA GLU B 541 42.40 -13.95 -11.46
C GLU B 541 42.11 -13.64 -9.98
N LEU B 542 40.87 -13.30 -9.63
CA LEU B 542 40.50 -12.71 -8.32
C LEU B 542 40.02 -13.79 -7.34
N LEU B 543 39.14 -14.70 -7.76
CA LEU B 543 38.32 -15.55 -6.85
C LEU B 543 38.74 -17.03 -6.90
N ALA B 544 39.50 -17.47 -7.90
CA ALA B 544 39.98 -18.87 -8.04
C ALA B 544 41.08 -19.13 -7.00
N PRO C 18 -19.04 -26.85 -46.27
CA PRO C 18 -18.22 -26.77 -45.04
C PRO C 18 -18.14 -25.33 -44.52
N TYR C 19 -18.66 -25.09 -43.30
CA TYR C 19 -18.61 -23.78 -42.60
C TYR C 19 -17.18 -23.50 -42.16
N ASP C 20 -16.79 -22.23 -42.11
CA ASP C 20 -15.48 -21.78 -41.56
C ASP C 20 -15.50 -21.93 -40.03
N VAL C 21 -16.56 -21.43 -39.39
CA VAL C 21 -16.72 -21.44 -37.90
C VAL C 21 -18.13 -21.91 -37.54
N VAL C 22 -18.23 -22.86 -36.61
CA VAL C 22 -19.48 -23.17 -35.88
C VAL C 22 -19.39 -22.49 -34.51
N ILE C 23 -20.41 -21.71 -34.15
CA ILE C 23 -20.51 -20.98 -32.85
C ILE C 23 -21.67 -21.60 -32.06
N ILE C 24 -21.36 -22.21 -30.90
CA ILE C 24 -22.38 -22.75 -29.95
C ILE C 24 -22.72 -21.64 -28.96
N GLY C 25 -23.99 -21.18 -28.97
CA GLY C 25 -24.46 -20.05 -28.16
C GLY C 25 -24.79 -18.84 -29.02
N SER C 26 -26.05 -18.36 -28.95
CA SER C 26 -26.57 -17.24 -29.76
C SER C 26 -26.87 -16.03 -28.86
N GLY C 27 -26.27 -15.97 -27.67
CA GLY C 27 -26.23 -14.75 -26.85
C GLY C 27 -25.27 -13.72 -27.44
N LEU C 28 -25.13 -12.57 -26.78
CA LEU C 28 -24.30 -11.42 -27.23
C LEU C 28 -22.93 -11.87 -27.74
N SER C 29 -22.23 -12.72 -27.00
CA SER C 29 -20.81 -13.06 -27.30
C SER C 29 -20.73 -13.84 -28.62
N GLY C 30 -21.64 -14.79 -28.83
CA GLY C 30 -21.71 -15.59 -30.06
C GLY C 30 -22.08 -14.74 -31.28
N THR C 31 -23.04 -13.82 -31.14
CA THR C 31 -23.64 -13.07 -32.28
C THR C 31 -22.78 -11.86 -32.62
N MET C 32 -22.04 -11.30 -31.66
CA MET C 32 -21.02 -10.26 -31.95
C MET C 32 -19.88 -10.90 -32.74
N LEU C 33 -19.39 -12.07 -32.32
CA LEU C 33 -18.33 -12.79 -33.06
C LEU C 33 -18.88 -13.21 -34.44
N GLY C 34 -20.09 -13.78 -34.48
CA GLY C 34 -20.76 -14.20 -35.72
C GLY C 34 -20.89 -13.05 -36.71
N SER C 35 -21.31 -11.88 -36.23
CA SER C 35 -21.49 -10.64 -37.03
C SER C 35 -20.14 -10.25 -37.66
N ILE C 36 -19.08 -10.19 -36.86
CA ILE C 36 -17.72 -9.77 -37.30
C ILE C 36 -17.24 -10.71 -38.41
N LEU C 37 -17.31 -12.02 -38.18
CA LEU C 37 -16.79 -13.05 -39.13
C LEU C 37 -17.61 -13.03 -40.42
N ALA C 38 -18.94 -12.95 -40.34
CA ALA C 38 -19.86 -12.97 -41.49
C ALA C 38 -19.66 -11.70 -42.33
N LYS C 39 -19.46 -10.55 -41.67
CA LYS C 39 -19.22 -9.25 -42.35
C LYS C 39 -17.95 -9.36 -43.22
N HIS C 40 -16.94 -10.10 -42.76
CA HIS C 40 -15.64 -10.31 -43.45
C HIS C 40 -15.71 -11.49 -44.43
N GLY C 41 -16.92 -12.02 -44.69
CA GLY C 41 -17.19 -12.96 -45.80
C GLY C 41 -16.89 -14.42 -45.46
N PHE C 42 -16.77 -14.76 -44.18
CA PHE C 42 -16.57 -16.17 -43.71
C PHE C 42 -17.93 -16.82 -43.50
N ARG C 43 -18.03 -18.14 -43.73
CA ARG C 43 -19.27 -18.94 -43.60
C ARG C 43 -19.45 -19.37 -42.14
N ILE C 44 -20.47 -18.84 -41.46
CA ILE C 44 -20.70 -19.04 -39.99
C ILE C 44 -22.03 -19.79 -39.80
N MET C 45 -22.04 -20.78 -38.89
CA MET C 45 -23.27 -21.43 -38.38
C MET C 45 -23.39 -21.13 -36.87
N LEU C 46 -24.48 -20.47 -36.46
CA LEU C 46 -24.85 -20.24 -35.04
C LEU C 46 -25.74 -21.40 -34.57
N LEU C 47 -25.36 -22.07 -33.48
CA LEU C 47 -26.17 -23.14 -32.83
C LEU C 47 -26.58 -22.66 -31.43
N ASP C 48 -27.85 -22.86 -31.09
CA ASP C 48 -28.35 -22.64 -29.70
C ASP C 48 -29.53 -23.58 -29.41
N GLY C 49 -29.55 -24.12 -28.19
CA GLY C 49 -30.60 -25.00 -27.66
C GLY C 49 -31.87 -24.21 -27.41
N ALA C 50 -31.76 -22.89 -27.23
CA ALA C 50 -32.89 -21.98 -26.97
C ALA C 50 -33.30 -21.27 -28.27
N HIS C 51 -34.26 -20.36 -28.18
CA HIS C 51 -34.79 -19.57 -29.32
C HIS C 51 -35.04 -18.14 -28.84
N HIS C 52 -34.70 -17.15 -29.67
CA HIS C 52 -35.01 -15.73 -29.38
C HIS C 52 -36.50 -15.53 -29.57
N PRO C 53 -37.18 -14.69 -28.74
CA PRO C 53 -36.54 -13.98 -27.64
C PRO C 53 -36.44 -14.82 -26.34
N ARG C 54 -35.43 -14.56 -25.51
CA ARG C 54 -35.27 -15.27 -24.21
C ARG C 54 -34.53 -14.37 -23.21
N PHE C 55 -34.89 -14.51 -21.93
CA PHE C 55 -34.19 -13.91 -20.77
C PHE C 55 -32.71 -14.30 -20.80
N ALA C 56 -31.85 -13.36 -20.42
CA ALA C 56 -30.45 -13.59 -20.00
C ALA C 56 -30.11 -12.59 -18.90
N VAL C 57 -29.26 -12.99 -17.96
CA VAL C 57 -28.78 -12.16 -16.83
C VAL C 57 -27.46 -11.51 -17.28
N GLY C 58 -27.01 -10.45 -16.62
CA GLY C 58 -25.85 -9.65 -17.06
C GLY C 58 -26.30 -8.41 -17.78
N GLU C 59 -26.79 -7.45 -17.01
CA GLU C 59 -27.70 -6.37 -17.46
C GLU C 59 -26.99 -5.02 -17.38
N SER C 60 -26.09 -4.83 -16.42
CA SER C 60 -25.44 -3.52 -16.12
C SER C 60 -24.14 -3.40 -16.92
N THR C 61 -23.92 -2.22 -17.54
CA THR C 61 -22.70 -1.90 -18.33
C THR C 61 -21.81 -0.97 -17.50
N ILE C 62 -20.51 -1.00 -17.77
CA ILE C 62 -19.49 -0.12 -17.13
C ILE C 62 -18.76 0.64 -18.24
N GLY C 63 -18.04 1.70 -17.88
CA GLY C 63 -17.22 2.49 -18.82
C GLY C 63 -16.42 1.60 -19.74
N GLN C 64 -15.69 0.62 -19.19
CA GLN C 64 -14.76 -0.24 -19.96
C GLN C 64 -15.53 -1.03 -21.02
N THR C 65 -16.75 -1.48 -20.73
CA THR C 65 -17.62 -2.20 -21.69
C THR C 65 -17.98 -1.26 -22.84
N LEU C 66 -18.32 -0.01 -22.52
CA LEU C 66 -18.77 1.00 -23.51
C LEU C 66 -17.63 1.33 -24.49
N VAL C 67 -16.43 1.63 -23.99
CA VAL C 67 -15.28 2.06 -24.84
C VAL C 67 -14.77 0.87 -25.65
N VAL C 68 -14.83 -0.37 -25.13
CA VAL C 68 -14.33 -1.56 -25.87
C VAL C 68 -15.37 -2.01 -26.91
N LEU C 69 -16.66 -1.74 -26.70
CA LEU C 69 -17.70 -1.95 -27.75
C LEU C 69 -17.42 -1.03 -28.95
N ARG C 70 -17.22 0.26 -28.69
CA ARG C 70 -16.89 1.28 -29.74
C ARG C 70 -15.61 0.86 -30.44
N LEU C 71 -14.62 0.36 -29.69
CA LEU C 71 -13.33 -0.14 -30.21
C LEU C 71 -13.56 -1.34 -31.14
N ILE C 72 -14.32 -2.34 -30.70
CA ILE C 72 -14.63 -3.54 -31.53
C ILE C 72 -15.35 -3.07 -32.80
N SER C 73 -16.36 -2.23 -32.65
CA SER C 73 -17.21 -1.70 -33.77
C SER C 73 -16.33 -1.06 -34.85
N ASP C 74 -15.43 -0.15 -34.44
CA ASP C 74 -14.52 0.61 -35.34
C ASP C 74 -13.52 -0.35 -36.00
N ARG C 75 -12.84 -1.17 -35.19
CA ARG C 75 -11.74 -2.06 -35.63
C ARG C 75 -12.24 -3.05 -36.69
N TYR C 76 -13.46 -3.61 -36.52
CA TYR C 76 -13.96 -4.76 -37.32
C TYR C 76 -15.08 -4.31 -38.29
N GLY C 77 -15.46 -3.02 -38.25
CA GLY C 77 -16.40 -2.41 -39.21
C GLY C 77 -17.81 -2.95 -39.04
N VAL C 78 -18.25 -3.11 -37.79
CA VAL C 78 -19.61 -3.63 -37.44
C VAL C 78 -20.33 -2.53 -36.67
N PRO C 79 -21.10 -1.65 -37.37
CA PRO C 79 -21.80 -0.54 -36.72
C PRO C 79 -22.76 -0.94 -35.58
N GLU C 80 -23.41 -2.11 -35.70
CA GLU C 80 -24.47 -2.56 -34.75
C GLU C 80 -23.89 -2.68 -33.33
N ILE C 81 -22.61 -3.03 -33.19
CA ILE C 81 -21.95 -3.27 -31.88
C ILE C 81 -21.77 -1.93 -31.14
N ALA C 82 -21.64 -0.81 -31.85
CA ALA C 82 -21.47 0.54 -31.26
C ALA C 82 -22.81 1.07 -30.74
N ASN C 83 -23.93 0.53 -31.21
CA ASN C 83 -25.29 0.97 -30.76
C ASN C 83 -25.56 0.46 -29.34
N LEU C 84 -24.74 -0.48 -28.83
CA LEU C 84 -24.82 -0.99 -27.43
C LEU C 84 -23.98 -0.11 -26.49
N ALA C 85 -23.12 0.77 -27.04
CA ALA C 85 -22.06 1.48 -26.28
C ALA C 85 -22.58 2.77 -25.64
N SER C 86 -23.89 3.00 -25.64
CA SER C 86 -24.53 4.26 -25.17
C SER C 86 -26.04 4.06 -24.95
N PHE C 87 -26.53 4.49 -23.79
CA PHE C 87 -27.97 4.48 -23.42
C PHE C 87 -28.84 5.02 -24.56
N GLN C 88 -28.39 6.11 -25.21
CA GLN C 88 -29.16 6.84 -26.25
C GLN C 88 -29.29 6.01 -27.52
N ASP C 89 -28.19 5.36 -27.95
CA ASP C 89 -28.16 4.54 -29.19
C ASP C 89 -28.83 3.18 -28.93
N VAL C 90 -28.93 2.76 -27.66
CA VAL C 90 -29.68 1.52 -27.27
C VAL C 90 -31.17 1.79 -27.49
N LEU C 91 -31.70 2.87 -26.93
CA LEU C 91 -33.12 3.28 -27.08
C LEU C 91 -33.48 3.46 -28.56
N ALA C 92 -32.60 4.07 -29.36
CA ALA C 92 -32.88 4.49 -30.74
C ALA C 92 -32.72 3.32 -31.73
N ASN C 93 -31.91 2.30 -31.44
CA ASN C 93 -31.55 1.24 -32.41
C ASN C 93 -32.01 -0.16 -31.96
N VAL C 94 -32.05 -0.43 -30.65
CA VAL C 94 -32.34 -1.80 -30.11
C VAL C 94 -33.83 -1.88 -29.76
N SER C 95 -34.27 -1.12 -28.75
CA SER C 95 -35.68 -0.99 -28.31
C SER C 95 -35.76 0.00 -27.15
N SER C 96 -36.96 0.31 -26.69
CA SER C 96 -37.23 1.32 -25.62
C SER C 96 -37.20 0.67 -24.24
N SER C 97 -36.90 -0.62 -24.14
CA SER C 97 -37.17 -1.46 -22.94
C SER C 97 -36.00 -1.45 -21.95
N HIS C 98 -35.02 -0.53 -22.10
CA HIS C 98 -33.78 -0.49 -21.29
C HIS C 98 -33.84 0.61 -20.22
N GLY C 99 -33.06 0.46 -19.15
CA GLY C 99 -32.91 1.46 -18.09
C GLY C 99 -31.66 2.29 -18.29
N GLN C 100 -31.50 3.38 -17.55
CA GLN C 100 -30.24 4.17 -17.52
C GLN C 100 -29.39 3.70 -16.34
N LYS C 101 -28.07 3.88 -16.44
CA LYS C 101 -27.11 3.70 -15.32
C LYS C 101 -26.23 4.95 -15.24
N SER C 102 -26.58 5.87 -14.34
CA SER C 102 -25.83 7.13 -14.08
C SER C 102 -24.70 6.88 -13.07
N ASN C 103 -24.82 5.83 -12.24
CA ASN C 103 -23.90 5.59 -11.10
C ASN C 103 -23.93 4.13 -10.64
N PHE C 104 -22.88 3.71 -9.94
CA PHE C 104 -22.88 2.53 -9.04
C PHE C 104 -23.18 3.02 -7.62
N GLY C 105 -24.23 2.48 -6.99
CA GLY C 105 -24.60 2.80 -5.61
C GLY C 105 -24.39 1.61 -4.68
N PHE C 106 -23.93 1.88 -3.46
CA PHE C 106 -23.66 0.87 -2.41
C PHE C 106 -24.22 1.38 -1.08
N MET C 107 -24.97 0.51 -0.40
CA MET C 107 -25.64 0.81 0.89
C MET C 107 -25.43 -0.39 1.82
N PHE C 108 -24.80 -0.15 2.98
CA PHE C 108 -24.56 -1.16 4.05
C PHE C 108 -25.83 -1.31 4.91
N HIS C 109 -26.23 -2.55 5.15
CA HIS C 109 -27.33 -2.95 6.07
C HIS C 109 -26.82 -3.99 7.07
N ARG C 110 -27.24 -3.86 8.33
CA ARG C 110 -27.07 -4.90 9.38
C ARG C 110 -28.47 -5.41 9.75
N ASP C 111 -28.58 -6.67 10.16
CA ASP C 111 -29.89 -7.35 10.45
C ASP C 111 -30.70 -6.48 11.43
N GLY C 112 -31.92 -6.10 11.04
CA GLY C 112 -32.91 -5.43 11.92
C GLY C 112 -32.58 -3.98 12.20
N GLU C 113 -31.67 -3.38 11.43
CA GLU C 113 -31.19 -1.97 11.60
C GLU C 113 -31.49 -1.17 10.33
N GLU C 114 -31.80 0.12 10.49
CA GLU C 114 -31.87 1.10 9.37
C GLU C 114 -30.48 1.22 8.77
N PRO C 115 -30.34 1.52 7.45
CA PRO C 115 -29.03 1.75 6.86
C PRO C 115 -28.41 3.03 7.45
N ASP C 116 -27.18 2.92 7.95
CA ASP C 116 -26.38 4.09 8.42
C ASP C 116 -26.03 4.94 7.20
N PRO C 117 -26.50 6.21 7.14
CA PRO C 117 -26.20 7.08 5.99
C PRO C 117 -24.73 7.51 5.86
N ASN C 118 -23.85 7.06 6.76
CA ASN C 118 -22.38 7.28 6.70
C ASN C 118 -21.68 6.04 6.11
N GLU C 119 -22.44 4.98 5.79
CA GLU C 119 -21.91 3.71 5.23
C GLU C 119 -22.53 3.45 3.86
N THR C 120 -22.55 4.50 3.02
CA THR C 120 -22.93 4.43 1.58
C THR C 120 -21.71 4.81 0.73
N SER C 121 -21.68 4.35 -0.51
CA SER C 121 -20.69 4.75 -1.54
C SER C 121 -21.43 4.95 -2.87
N GLN C 122 -21.05 5.97 -3.63
CA GLN C 122 -21.55 6.21 -5.00
C GLN C 122 -20.38 6.61 -5.90
N PHE C 123 -20.23 5.88 -7.02
CA PHE C 123 -19.41 6.30 -8.18
C PHE C 123 -20.37 6.74 -9.30
N ARG C 124 -20.51 8.05 -9.51
CA ARG C 124 -21.19 8.61 -10.70
C ARG C 124 -20.22 8.47 -11.89
N ILE C 125 -20.65 7.81 -12.96
CA ILE C 125 -19.79 7.47 -14.12
C ILE C 125 -19.53 8.77 -14.91
N PRO C 126 -18.26 9.10 -15.22
CA PRO C 126 -17.95 10.33 -15.95
C PRO C 126 -18.41 10.25 -17.41
N SER C 127 -18.89 11.38 -17.94
CA SER C 127 -19.44 11.54 -19.31
C SER C 127 -18.43 11.08 -20.37
N ILE C 128 -17.13 11.22 -20.10
CA ILE C 128 -16.05 10.97 -21.10
C ILE C 128 -16.16 9.54 -21.64
N VAL C 129 -16.41 8.55 -20.78
CA VAL C 129 -16.48 7.10 -21.15
C VAL C 129 -17.82 6.82 -21.86
N GLY C 130 -18.88 7.54 -21.51
CA GLY C 130 -20.19 7.48 -22.18
C GLY C 130 -21.34 7.37 -21.19
N ASN C 131 -22.55 7.13 -21.72
CA ASN C 131 -23.79 6.95 -20.93
C ASN C 131 -24.07 5.45 -20.85
N ALA C 132 -23.88 4.86 -19.66
CA ALA C 132 -24.11 3.42 -19.40
C ALA C 132 -25.61 3.15 -19.35
N ALA C 133 -26.00 1.89 -19.44
CA ALA C 133 -27.40 1.42 -19.49
C ALA C 133 -27.58 0.17 -18.61
N HIS C 134 -28.84 -0.10 -18.25
CA HIS C 134 -29.36 -1.43 -17.83
C HIS C 134 -29.95 -2.14 -19.05
N PHE C 135 -29.19 -3.05 -19.66
CA PHE C 135 -29.62 -3.89 -20.80
C PHE C 135 -30.71 -4.88 -20.38
N PHE C 136 -31.89 -4.74 -20.97
CA PHE C 136 -32.91 -5.82 -21.09
C PHE C 136 -32.41 -6.80 -22.15
N ARG C 137 -31.76 -7.87 -21.71
CA ARG C 137 -30.88 -8.70 -22.58
C ARG C 137 -31.72 -9.43 -23.64
N GLN C 138 -32.99 -9.73 -23.37
CA GLN C 138 -33.89 -10.36 -24.38
C GLN C 138 -33.85 -9.52 -25.68
N ASP C 139 -33.80 -8.19 -25.55
CA ASP C 139 -33.86 -7.22 -26.68
C ASP C 139 -32.46 -7.00 -27.28
N THR C 140 -31.41 -6.82 -26.46
CA THR C 140 -30.02 -6.65 -26.95
C THR C 140 -29.58 -7.92 -27.70
N ASP C 141 -29.93 -9.10 -27.19
CA ASP C 141 -29.47 -10.40 -27.73
C ASP C 141 -30.26 -10.71 -29.02
N SER C 142 -31.56 -10.44 -29.06
CA SER C 142 -32.39 -10.53 -30.28
C SER C 142 -31.86 -9.57 -31.35
N TYR C 143 -31.56 -8.33 -30.98
CA TYR C 143 -31.03 -7.28 -31.89
C TYR C 143 -29.74 -7.76 -32.57
N MET C 144 -28.81 -8.33 -31.81
CA MET C 144 -27.46 -8.73 -32.35
C MET C 144 -27.59 -10.05 -33.11
N PHE C 145 -28.52 -10.93 -32.74
CA PHE C 145 -28.84 -12.16 -33.51
C PHE C 145 -29.34 -11.76 -34.89
N HIS C 146 -30.28 -10.81 -34.97
CA HIS C 146 -30.85 -10.28 -36.24
C HIS C 146 -29.72 -9.74 -37.13
N ALA C 147 -28.81 -8.94 -36.56
CA ALA C 147 -27.61 -8.39 -37.24
C ALA C 147 -26.78 -9.53 -37.85
N ALA C 148 -26.49 -10.57 -37.05
CA ALA C 148 -25.65 -11.72 -37.45
C ALA C 148 -26.27 -12.39 -38.68
N VAL C 149 -27.57 -12.65 -38.65
CA VAL C 149 -28.28 -13.34 -39.77
C VAL C 149 -28.27 -12.41 -40.99
N ARG C 150 -28.49 -11.11 -40.80
CA ARG C 150 -28.48 -10.10 -41.89
C ARG C 150 -27.11 -10.10 -42.58
N TYR C 151 -26.02 -10.28 -41.83
CA TYR C 151 -24.63 -10.32 -42.36
C TYR C 151 -24.34 -11.64 -43.08
N GLY C 152 -25.15 -12.69 -42.89
CA GLY C 152 -25.05 -13.95 -43.63
C GLY C 152 -24.93 -15.18 -42.74
N CYS C 153 -24.84 -15.03 -41.43
CA CYS C 153 -24.79 -16.19 -40.48
C CYS C 153 -26.01 -17.09 -40.71
N ASP C 154 -25.80 -18.39 -40.89
CA ASP C 154 -26.85 -19.42 -40.75
C ASP C 154 -27.06 -19.65 -39.25
N ALA C 155 -28.26 -20.06 -38.85
CA ALA C 155 -28.67 -20.30 -37.46
C ALA C 155 -29.62 -21.50 -37.39
N ARG C 156 -29.37 -22.40 -36.43
CA ARG C 156 -30.31 -23.44 -35.98
C ARG C 156 -30.60 -23.19 -34.50
N GLN C 157 -31.84 -22.81 -34.18
CA GLN C 157 -32.35 -22.60 -32.79
C GLN C 157 -33.14 -23.85 -32.39
N TYR C 158 -33.35 -24.06 -31.09
CA TYR C 158 -33.85 -25.35 -30.50
C TYR C 158 -32.96 -26.50 -30.97
N TYR C 159 -31.65 -26.28 -31.03
CA TYR C 159 -30.64 -27.25 -31.51
C TYR C 159 -29.68 -27.60 -30.36
N ARG C 160 -29.90 -28.74 -29.70
CA ARG C 160 -29.08 -29.18 -28.53
C ARG C 160 -27.88 -30.00 -29.04
N VAL C 161 -26.68 -29.56 -28.72
CA VAL C 161 -25.39 -30.20 -29.10
C VAL C 161 -25.15 -31.42 -28.20
N GLU C 162 -25.10 -32.63 -28.77
CA GLU C 162 -24.86 -33.91 -28.06
C GLU C 162 -23.36 -34.24 -28.07
N ASN C 163 -22.71 -34.14 -29.22
CA ASN C 163 -21.29 -34.59 -29.41
C ASN C 163 -20.48 -33.55 -30.18
N ILE C 164 -19.20 -33.45 -29.84
CA ILE C 164 -18.16 -32.66 -30.57
C ILE C 164 -16.98 -33.60 -30.86
N GLU C 165 -16.61 -33.75 -32.14
CA GLU C 165 -15.47 -34.59 -32.61
C GLU C 165 -14.51 -33.72 -33.44
N PHE C 166 -13.20 -33.82 -33.17
CA PHE C 166 -12.13 -33.14 -33.92
C PHE C 166 -11.35 -34.14 -34.79
N ASP C 167 -10.95 -33.71 -35.99
CA ASP C 167 -9.99 -34.42 -36.87
C ASP C 167 -8.96 -33.40 -37.40
N ASP C 168 -8.08 -33.83 -38.29
CA ASP C 168 -6.97 -33.03 -38.88
C ASP C 168 -7.54 -31.90 -39.74
N GLY C 169 -8.75 -32.07 -40.28
CA GLY C 169 -9.36 -31.17 -41.28
C GLY C 169 -10.51 -30.32 -40.74
N GLY C 170 -10.93 -30.52 -39.49
CA GLY C 170 -12.00 -29.68 -38.90
C GLY C 170 -12.65 -30.31 -37.68
N VAL C 171 -13.90 -29.93 -37.44
CA VAL C 171 -14.70 -30.35 -36.25
C VAL C 171 -16.10 -30.72 -36.72
N THR C 172 -16.70 -31.75 -36.12
CA THR C 172 -18.10 -32.20 -36.38
C THR C 172 -18.91 -32.03 -35.10
N VAL C 173 -20.03 -31.32 -35.21
CA VAL C 173 -20.99 -31.05 -34.10
C VAL C 173 -22.27 -31.85 -34.38
N SER C 174 -22.66 -32.74 -33.47
CA SER C 174 -23.86 -33.61 -33.57
C SER C 174 -24.97 -33.06 -32.68
N GLY C 175 -26.17 -32.91 -33.23
CA GLY C 175 -27.38 -32.47 -32.51
C GLY C 175 -28.23 -33.65 -32.04
N ALA C 176 -29.13 -33.41 -31.08
CA ALA C 176 -30.13 -34.38 -30.59
C ALA C 176 -30.90 -34.99 -31.75
N ASP C 177 -31.29 -34.16 -32.73
CA ASP C 177 -32.17 -34.53 -33.87
C ASP C 177 -31.43 -35.43 -34.88
N GLY C 178 -30.21 -35.89 -34.55
CA GLY C 178 -29.44 -36.84 -35.37
C GLY C 178 -28.63 -36.17 -36.48
N SER C 179 -28.80 -34.86 -36.68
CA SER C 179 -28.10 -34.05 -37.71
C SER C 179 -26.67 -33.74 -37.24
N THR C 180 -25.83 -33.27 -38.17
CA THR C 180 -24.40 -32.95 -37.94
C THR C 180 -24.04 -31.65 -38.66
N VAL C 181 -23.18 -30.83 -38.04
CA VAL C 181 -22.62 -29.58 -38.64
C VAL C 181 -21.11 -29.73 -38.72
N ARG C 182 -20.55 -29.51 -39.91
CA ARG C 182 -19.10 -29.63 -40.23
C ARG C 182 -18.52 -28.22 -40.34
N ALA C 183 -17.43 -27.94 -39.63
CA ALA C 183 -16.72 -26.64 -39.68
C ALA C 183 -15.21 -26.85 -39.57
N ARG C 184 -14.45 -25.81 -39.94
CA ARG C 184 -12.96 -25.78 -39.81
C ARG C 184 -12.58 -25.41 -38.37
N TYR C 185 -13.48 -24.74 -37.63
CA TYR C 185 -13.19 -24.18 -36.28
C TYR C 185 -14.48 -24.10 -35.45
N LEU C 186 -14.39 -24.37 -34.15
CA LEU C 186 -15.53 -24.27 -33.20
C LEU C 186 -15.26 -23.20 -32.13
N VAL C 187 -16.23 -22.32 -31.92
CA VAL C 187 -16.25 -21.38 -30.76
C VAL C 187 -17.40 -21.81 -29.86
N ASP C 188 -17.11 -22.13 -28.60
CA ASP C 188 -18.14 -22.39 -27.56
C ASP C 188 -18.40 -21.07 -26.83
N ALA C 189 -19.52 -20.42 -27.17
CA ALA C 189 -20.00 -19.16 -26.55
C ALA C 189 -21.25 -19.45 -25.70
N SER C 190 -21.32 -20.61 -25.06
CA SER C 190 -22.39 -20.95 -24.08
C SER C 190 -21.88 -20.57 -22.68
N GLY C 191 -22.50 -21.06 -21.62
CA GLY C 191 -22.13 -20.69 -20.23
C GLY C 191 -21.58 -21.88 -19.46
N PHE C 192 -22.09 -22.10 -18.24
CA PHE C 192 -21.73 -23.20 -17.31
C PHE C 192 -21.82 -24.54 -18.04
N ARG C 193 -22.83 -24.70 -18.90
CA ARG C 193 -23.21 -25.99 -19.55
C ARG C 193 -22.34 -26.26 -20.80
N SER C 194 -21.35 -25.43 -21.09
CA SER C 194 -20.40 -25.58 -22.23
C SER C 194 -20.27 -27.05 -22.62
N PRO C 195 -20.86 -27.48 -23.77
CA PRO C 195 -20.63 -28.83 -24.26
C PRO C 195 -19.15 -29.11 -24.55
N LEU C 196 -18.38 -28.09 -24.95
CA LEU C 196 -16.94 -28.26 -25.27
C LEU C 196 -16.14 -28.52 -23.98
N ALA C 197 -16.44 -27.79 -22.91
CA ALA C 197 -15.76 -27.93 -21.59
C ALA C 197 -16.02 -29.34 -21.02
N ARG C 198 -17.25 -29.83 -21.17
CA ARG C 198 -17.68 -31.20 -20.74
C ARG C 198 -16.98 -32.24 -21.64
N GLN C 199 -17.06 -32.07 -22.96
CA GLN C 199 -16.50 -33.00 -23.97
C GLN C 199 -15.00 -33.24 -23.72
N LEU C 200 -14.24 -32.18 -23.40
CA LEU C 200 -12.75 -32.21 -23.34
C LEU C 200 -12.25 -32.25 -21.89
N GLY C 201 -13.16 -32.20 -20.90
CA GLY C 201 -12.82 -32.18 -19.47
C GLY C 201 -11.95 -30.99 -19.11
N LEU C 202 -12.37 -29.78 -19.51
CA LEU C 202 -11.59 -28.51 -19.36
C LEU C 202 -11.84 -27.89 -17.98
N ARG C 203 -12.97 -28.20 -17.34
CA ARG C 203 -13.38 -27.58 -16.05
C ARG C 203 -12.41 -28.02 -14.95
N GLU C 204 -11.69 -27.07 -14.34
CA GLU C 204 -10.89 -27.26 -13.10
C GLU C 204 -11.84 -27.72 -11.99
N GLU C 205 -11.61 -28.91 -11.44
CA GLU C 205 -12.46 -29.53 -10.39
C GLU C 205 -11.53 -30.16 -9.34
N PRO C 206 -11.33 -29.51 -8.18
CA PRO C 206 -12.06 -28.30 -7.81
C PRO C 206 -11.51 -27.01 -8.45
N SER C 207 -12.35 -25.99 -8.58
CA SER C 207 -12.01 -24.64 -9.12
C SER C 207 -10.88 -24.02 -8.30
N ARG C 208 -9.96 -23.31 -8.95
CA ARG C 208 -8.83 -22.60 -8.31
C ARG C 208 -9.31 -21.28 -7.68
N LEU C 209 -10.59 -20.92 -7.87
CA LEU C 209 -11.12 -19.56 -7.56
C LEU C 209 -11.31 -19.40 -6.05
N LYS C 210 -10.94 -18.23 -5.51
CA LYS C 210 -11.02 -17.91 -4.07
C LYS C 210 -12.45 -17.48 -3.70
N HIS C 211 -13.17 -16.86 -4.64
CA HIS C 211 -14.53 -16.32 -4.39
C HIS C 211 -15.55 -17.47 -4.32
N HIS C 212 -16.46 -17.39 -3.34
CA HIS C 212 -17.59 -18.32 -3.13
C HIS C 212 -18.88 -17.50 -3.07
N ALA C 213 -19.83 -17.78 -3.95
CA ALA C 213 -21.18 -17.19 -3.91
C ALA C 213 -22.14 -18.01 -4.77
N ARG C 214 -23.34 -18.24 -4.23
CA ARG C 214 -24.53 -18.75 -4.96
C ARG C 214 -25.52 -17.59 -5.08
N SER C 215 -26.57 -17.75 -5.87
CA SER C 215 -27.47 -16.65 -6.29
C SER C 215 -28.94 -17.10 -6.27
N ILE C 216 -29.82 -16.13 -6.01
CA ILE C 216 -31.29 -16.21 -6.26
C ILE C 216 -31.65 -14.91 -6.96
N PHE C 217 -32.26 -14.97 -8.14
CA PHE C 217 -32.58 -13.77 -8.94
C PHE C 217 -33.84 -14.00 -9.78
N THR C 218 -34.50 -12.88 -10.13
CA THR C 218 -35.71 -12.84 -10.98
C THR C 218 -35.83 -11.44 -11.59
N HIS C 219 -36.87 -11.26 -12.40
CA HIS C 219 -37.40 -9.92 -12.78
C HIS C 219 -38.67 -9.67 -11.97
N MET C 220 -38.85 -8.45 -11.47
CA MET C 220 -40.02 -8.06 -10.66
C MET C 220 -40.71 -6.84 -11.28
N VAL C 221 -41.97 -6.65 -10.91
CA VAL C 221 -42.79 -5.44 -11.21
C VAL C 221 -43.22 -4.83 -9.87
N GLY C 222 -43.22 -3.50 -9.77
CA GLY C 222 -43.63 -2.76 -8.56
C GLY C 222 -42.51 -2.58 -7.55
N VAL C 223 -41.25 -2.59 -8.00
CA VAL C 223 -40.07 -2.24 -7.15
C VAL C 223 -39.96 -0.72 -7.07
N ASP C 224 -40.03 -0.14 -5.86
CA ASP C 224 -39.94 1.32 -5.64
C ASP C 224 -38.46 1.76 -5.68
N ALA C 225 -38.21 3.06 -5.85
CA ALA C 225 -36.88 3.70 -5.72
C ALA C 225 -36.46 3.67 -4.25
N ILE C 226 -35.24 3.22 -3.96
CA ILE C 226 -34.66 3.20 -2.59
C ILE C 226 -34.62 4.61 -2.02
N ASP C 227 -34.46 5.64 -2.87
CA ASP C 227 -34.45 7.08 -2.52
C ASP C 227 -35.70 7.45 -1.71
N ASP C 228 -36.84 6.84 -2.02
CA ASP C 228 -38.17 7.21 -1.46
C ASP C 228 -38.44 6.44 -0.15
N HIS C 229 -37.57 5.51 0.26
CA HIS C 229 -37.82 4.61 1.41
C HIS C 229 -36.72 4.67 2.47
N VAL C 230 -35.76 5.61 2.35
CA VAL C 230 -34.71 5.84 3.38
C VAL C 230 -34.92 7.24 3.97
N ASP C 231 -34.72 7.37 5.29
CA ASP C 231 -34.74 8.66 6.03
C ASP C 231 -33.30 9.18 6.12
N THR C 232 -32.78 9.74 5.03
CA THR C 232 -31.38 10.23 4.88
C THR C 232 -31.34 11.73 5.17
N PRO C 233 -30.54 12.20 6.16
CA PRO C 233 -30.28 13.63 6.33
C PRO C 233 -29.85 14.29 5.01
N ALA C 234 -30.45 15.43 4.67
CA ALA C 234 -30.35 16.14 3.37
C ALA C 234 -28.90 16.20 2.88
N GLU C 235 -27.94 16.42 3.78
CA GLU C 235 -26.52 16.70 3.42
C GLU C 235 -25.76 15.40 3.10
N LEU C 236 -26.32 14.23 3.40
CA LEU C 236 -25.69 12.90 3.11
C LEU C 236 -26.43 12.19 1.97
N ARG C 237 -27.36 12.88 1.29
CA ARG C 237 -28.04 12.36 0.07
C ARG C 237 -27.08 12.48 -1.11
N PRO C 238 -26.98 11.44 -1.98
CA PRO C 238 -26.02 11.45 -3.08
C PRO C 238 -26.31 12.54 -4.11
N PRO C 239 -25.30 12.96 -4.91
CA PRO C 239 -25.51 14.00 -5.92
C PRO C 239 -26.59 13.62 -6.96
N VAL C 240 -26.69 12.33 -7.29
CA VAL C 240 -27.69 11.78 -8.26
C VAL C 240 -28.41 10.63 -7.58
N PRO C 241 -29.70 10.36 -7.94
CA PRO C 241 -30.48 9.35 -7.24
C PRO C 241 -29.91 7.93 -7.38
N TRP C 242 -29.97 7.17 -6.29
CA TRP C 242 -29.66 5.72 -6.25
C TRP C 242 -30.37 5.00 -7.41
N ASN C 243 -31.65 5.31 -7.63
CA ASN C 243 -32.54 4.61 -8.60
C ASN C 243 -32.10 4.87 -10.05
N ASP C 244 -31.30 5.92 -10.30
CA ASP C 244 -30.77 6.26 -11.65
C ASP C 244 -29.59 5.34 -12.02
N GLY C 245 -29.15 4.49 -11.08
CA GLY C 245 -27.98 3.62 -11.26
C GLY C 245 -28.24 2.21 -10.77
N THR C 246 -27.18 1.38 -10.74
CA THR C 246 -27.17 0.00 -10.19
C THR C 246 -26.98 0.09 -8.67
N MET C 247 -28.03 -0.19 -7.90
CA MET C 247 -27.96 -0.17 -6.42
C MET C 247 -27.48 -1.54 -5.92
N HIS C 248 -26.46 -1.55 -5.06
CA HIS C 248 -25.94 -2.75 -4.37
C HIS C 248 -26.26 -2.64 -2.88
N HIS C 249 -27.17 -3.47 -2.37
CA HIS C 249 -27.48 -3.59 -0.91
C HIS C 249 -26.50 -4.57 -0.28
N ILE C 250 -25.53 -4.06 0.50
CA ILE C 250 -24.40 -4.86 1.06
C ILE C 250 -24.74 -5.29 2.49
N PHE C 251 -24.44 -6.56 2.81
CA PHE C 251 -24.57 -7.16 4.16
C PHE C 251 -23.45 -8.17 4.32
N GLU C 252 -23.34 -8.79 5.50
CA GLU C 252 -22.27 -9.79 5.80
C GLU C 252 -22.24 -10.85 4.69
N ARG C 253 -21.11 -10.94 3.98
CA ARG C 253 -20.74 -12.03 3.03
C ARG C 253 -21.80 -12.18 1.93
N GLY C 254 -22.48 -11.09 1.55
CA GLY C 254 -23.45 -11.12 0.45
C GLY C 254 -23.88 -9.73 0.02
N TRP C 255 -24.60 -9.64 -1.09
CA TRP C 255 -25.15 -8.36 -1.61
C TRP C 255 -26.36 -8.63 -2.51
N MET C 256 -27.25 -7.65 -2.61
CA MET C 256 -28.45 -7.69 -3.48
C MET C 256 -28.37 -6.58 -4.53
N TRP C 257 -28.69 -6.90 -5.79
CA TRP C 257 -28.76 -5.92 -6.89
C TRP C 257 -30.20 -5.47 -7.10
N ILE C 258 -30.36 -4.20 -7.45
CA ILE C 258 -31.62 -3.56 -7.94
C ILE C 258 -31.23 -2.85 -9.24
N ILE C 259 -31.74 -3.35 -10.37
CA ILE C 259 -31.42 -2.86 -11.74
C ILE C 259 -32.76 -2.52 -12.41
N PRO C 260 -33.27 -1.27 -12.20
CA PRO C 260 -34.55 -0.87 -12.79
C PRO C 260 -34.41 -0.57 -14.28
N PHE C 261 -35.38 -1.02 -15.08
CA PHE C 261 -35.46 -0.74 -16.53
C PHE C 261 -36.36 0.48 -16.78
N ASN C 262 -36.97 1.03 -15.72
CA ASN C 262 -37.99 2.11 -15.79
C ASN C 262 -37.50 3.38 -15.10
N ASN C 263 -36.18 3.57 -14.95
CA ASN C 263 -35.61 4.65 -14.10
C ASN C 263 -35.33 5.92 -14.93
N HIS C 264 -36.22 6.26 -15.88
CA HIS C 264 -36.11 7.47 -16.72
C HIS C 264 -37.49 7.87 -17.24
N PRO C 265 -37.70 9.15 -17.66
CA PRO C 265 -39.02 9.63 -18.08
C PRO C 265 -39.54 8.88 -19.32
N GLY C 266 -40.80 8.42 -19.27
CA GLY C 266 -41.49 7.73 -20.37
C GLY C 266 -40.87 6.40 -20.72
N ALA C 267 -40.18 5.76 -19.78
CA ALA C 267 -39.65 4.38 -19.90
C ALA C 267 -40.85 3.44 -20.11
N THR C 268 -40.75 2.50 -21.05
CA THR C 268 -41.86 1.60 -21.43
C THR C 268 -41.85 0.36 -20.54
N ASN C 269 -40.66 -0.13 -20.16
CA ASN C 269 -40.45 -1.42 -19.43
C ASN C 269 -40.58 -1.18 -17.93
N PRO C 270 -41.64 -1.70 -17.27
CA PRO C 270 -41.85 -1.47 -15.84
C PRO C 270 -41.10 -2.45 -14.94
N LEU C 271 -40.33 -3.37 -15.51
CA LEU C 271 -39.62 -4.45 -14.76
C LEU C 271 -38.38 -3.88 -14.06
N CYS C 272 -37.90 -4.63 -13.07
CA CYS C 272 -36.64 -4.39 -12.32
C CYS C 272 -35.97 -5.74 -12.10
N SER C 273 -34.71 -5.89 -12.51
CA SER C 273 -33.87 -7.09 -12.20
C SER C 273 -33.45 -7.00 -10.73
N VAL C 274 -33.70 -8.08 -9.98
CA VAL C 274 -33.41 -8.18 -8.53
C VAL C 274 -32.79 -9.55 -8.26
N GLY C 275 -31.69 -9.58 -7.52
CA GLY C 275 -30.95 -10.81 -7.21
C GLY C 275 -30.09 -10.65 -5.97
N ILE C 276 -29.81 -11.77 -5.30
CA ILE C 276 -28.97 -11.81 -4.07
C ILE C 276 -27.81 -12.77 -4.34
N GLN C 277 -26.58 -12.35 -4.06
CA GLN C 277 -25.37 -13.22 -4.00
C GLN C 277 -25.12 -13.58 -2.53
N LEU C 278 -24.97 -14.88 -2.23
CA LEU C 278 -24.70 -15.38 -0.86
C LEU C 278 -23.48 -16.29 -0.87
N ASP C 279 -22.47 -15.98 -0.06
CA ASP C 279 -21.36 -16.91 0.24
C ASP C 279 -21.98 -18.16 0.88
N GLU C 280 -21.91 -19.31 0.23
CA GLU C 280 -22.65 -20.54 0.66
C GLU C 280 -21.94 -21.15 1.89
N ARG C 281 -20.72 -20.74 2.20
CA ARG C 281 -20.00 -21.14 3.44
C ARG C 281 -20.69 -20.45 4.63
N ARG C 282 -21.09 -19.18 4.46
CA ARG C 282 -21.79 -18.38 5.50
C ARG C 282 -23.29 -18.71 5.47
N TYR C 283 -23.86 -18.94 4.29
CA TYR C 283 -25.31 -19.16 4.08
C TYR C 283 -25.53 -20.53 3.45
N PRO C 284 -25.54 -21.62 4.25
CA PRO C 284 -25.77 -22.96 3.71
C PRO C 284 -27.13 -23.05 3.00
N ALA C 285 -27.26 -23.99 2.05
CA ALA C 285 -28.46 -24.17 1.20
C ALA C 285 -29.68 -24.48 2.09
N ARG C 286 -30.86 -24.00 1.66
CA ARG C 286 -32.17 -24.18 2.35
C ARG C 286 -33.13 -24.85 1.37
N PRO C 287 -32.92 -26.14 1.02
CA PRO C 287 -33.77 -26.82 0.05
C PRO C 287 -35.21 -27.01 0.56
N ASP C 288 -35.40 -26.88 1.88
CA ASP C 288 -36.73 -26.91 2.54
C ASP C 288 -37.59 -25.72 2.10
N LEU C 289 -36.98 -24.59 1.71
CA LEU C 289 -37.69 -23.36 1.27
C LEU C 289 -37.74 -23.28 -0.26
N THR C 290 -38.81 -22.69 -0.79
CA THR C 290 -38.96 -22.22 -2.20
C THR C 290 -37.92 -21.13 -2.47
N PRO C 291 -37.36 -21.03 -3.70
CA PRO C 291 -36.47 -19.91 -4.05
C PRO C 291 -37.01 -18.53 -3.65
N GLU C 292 -38.29 -18.27 -3.92
CA GLU C 292 -38.98 -17.01 -3.53
C GLU C 292 -38.96 -16.86 -2.00
N GLU C 293 -39.27 -17.94 -1.26
CA GLU C 293 -39.31 -17.93 0.22
C GLU C 293 -37.93 -17.57 0.77
N GLU C 294 -36.86 -18.13 0.19
CA GLU C 294 -35.46 -17.88 0.65
C GLU C 294 -35.10 -16.41 0.35
N PHE C 295 -35.51 -15.90 -0.81
CA PHE C 295 -35.29 -14.49 -1.21
C PHE C 295 -35.91 -13.55 -0.16
N TRP C 296 -37.20 -13.73 0.15
CA TRP C 296 -37.96 -12.83 1.05
C TRP C 296 -37.44 -12.95 2.49
N SER C 297 -36.86 -14.10 2.88
CA SER C 297 -36.24 -14.32 4.21
C SER C 297 -34.98 -13.46 4.35
N HIS C 298 -34.31 -13.13 3.24
CA HIS C 298 -33.10 -12.25 3.24
C HIS C 298 -33.54 -10.78 3.18
N VAL C 299 -34.60 -10.46 2.45
CA VAL C 299 -35.23 -9.11 2.38
C VAL C 299 -35.67 -8.68 3.78
N ASP C 300 -36.34 -9.59 4.52
CA ASP C 300 -36.96 -9.33 5.84
C ASP C 300 -35.89 -9.08 6.92
N ARG C 301 -34.60 -9.31 6.62
CA ARG C 301 -33.48 -8.97 7.54
C ARG C 301 -33.29 -7.46 7.61
N PHE C 302 -33.60 -6.73 6.54
CA PHE C 302 -33.16 -5.32 6.32
C PHE C 302 -34.38 -4.43 6.05
N PRO C 303 -34.86 -3.68 7.08
CA PRO C 303 -36.10 -2.90 6.98
C PRO C 303 -36.22 -1.96 5.77
N ALA C 304 -35.13 -1.30 5.35
CA ALA C 304 -35.11 -0.33 4.22
C ALA C 304 -35.34 -1.06 2.89
N VAL C 305 -34.77 -2.26 2.76
CA VAL C 305 -34.91 -3.15 1.56
C VAL C 305 -36.33 -3.71 1.55
N GLN C 306 -36.85 -4.07 2.73
CA GLN C 306 -38.22 -4.57 2.96
C GLN C 306 -39.23 -3.52 2.48
N ARG C 307 -39.04 -2.25 2.87
CA ARG C 307 -39.93 -1.13 2.46
C ARG C 307 -39.87 -0.97 0.93
N GLN C 308 -38.67 -1.07 0.35
CA GLN C 308 -38.44 -0.88 -1.10
C GLN C 308 -39.15 -1.96 -1.92
N LEU C 309 -39.15 -3.21 -1.45
CA LEU C 309 -39.61 -4.40 -2.23
C LEU C 309 -41.00 -4.86 -1.77
N LYS C 310 -41.69 -4.08 -0.92
CA LYS C 310 -42.95 -4.50 -0.25
C LYS C 310 -44.02 -4.86 -1.30
N GLY C 311 -44.22 -3.99 -2.29
CA GLY C 311 -45.26 -4.17 -3.33
C GLY C 311 -44.79 -5.01 -4.51
N ALA C 312 -43.52 -5.43 -4.52
CA ALA C 312 -42.87 -6.09 -5.68
C ALA C 312 -43.35 -7.53 -5.81
N ARG C 313 -43.57 -7.97 -7.04
CA ARG C 313 -44.07 -9.32 -7.41
C ARG C 313 -43.22 -9.86 -8.56
N SER C 314 -42.81 -11.12 -8.47
CA SER C 314 -41.97 -11.79 -9.49
C SER C 314 -42.81 -12.08 -10.73
N VAL C 315 -42.18 -11.98 -11.88
CA VAL C 315 -42.79 -12.05 -13.23
C VAL C 315 -42.13 -13.20 -13.98
N ARG C 316 -41.23 -13.92 -13.32
CA ARG C 316 -40.48 -15.09 -13.88
C ARG C 316 -40.44 -16.22 -12.85
N GLU C 317 -40.23 -17.45 -13.36
CA GLU C 317 -39.76 -18.59 -12.56
C GLU C 317 -38.39 -18.21 -11.98
N TRP C 318 -38.22 -18.36 -10.67
CA TRP C 318 -36.99 -17.96 -9.95
C TRP C 318 -35.81 -18.84 -10.39
N VAL C 319 -34.62 -18.28 -10.46
CA VAL C 319 -33.36 -19.06 -10.60
C VAL C 319 -32.69 -19.08 -9.23
N ARG C 320 -32.39 -20.29 -8.73
CA ARG C 320 -31.59 -20.52 -7.52
C ARG C 320 -30.45 -21.47 -7.90
N THR C 321 -29.22 -21.05 -7.66
CA THR C 321 -27.99 -21.77 -8.09
C THR C 321 -27.36 -22.47 -6.89
N ASP C 322 -26.42 -23.37 -7.17
CA ASP C 322 -25.35 -23.80 -6.23
C ASP C 322 -24.24 -22.74 -6.28
N ARG C 323 -23.04 -23.05 -5.77
CA ARG C 323 -21.84 -22.21 -5.98
C ARG C 323 -21.70 -21.95 -7.49
N MET C 324 -21.64 -20.68 -7.89
CA MET C 324 -21.72 -20.25 -9.32
C MET C 324 -20.33 -20.25 -9.98
N GLN C 325 -19.26 -20.17 -9.19
CA GLN C 325 -17.90 -19.93 -9.73
C GLN C 325 -17.46 -21.20 -10.45
N TYR C 326 -16.84 -21.05 -11.61
CA TYR C 326 -16.12 -22.13 -12.32
C TYR C 326 -14.94 -21.52 -13.07
N SER C 327 -13.92 -22.33 -13.33
CA SER C 327 -12.69 -21.97 -14.07
C SER C 327 -12.29 -23.16 -14.93
N SER C 328 -11.40 -22.95 -15.90
CA SER C 328 -10.92 -23.98 -16.85
C SER C 328 -9.38 -23.99 -16.85
N SER C 329 -8.79 -25.16 -17.10
CA SER C 329 -7.32 -25.40 -17.16
C SER C 329 -6.78 -24.94 -18.52
N ARG C 330 -7.60 -25.05 -19.56
CA ARG C 330 -7.30 -24.67 -20.97
C ARG C 330 -8.55 -23.99 -21.55
N THR C 331 -8.37 -22.90 -22.31
CA THR C 331 -9.50 -22.15 -22.93
C THR C 331 -9.29 -21.99 -24.45
N VAL C 332 -8.19 -22.50 -25.01
CA VAL C 332 -7.94 -22.54 -26.49
C VAL C 332 -7.20 -23.83 -26.84
N GLY C 333 -7.54 -24.41 -27.99
CA GLY C 333 -6.81 -25.57 -28.57
C GLY C 333 -6.80 -25.50 -30.09
N GLU C 334 -6.38 -26.59 -30.73
CA GLU C 334 -6.33 -26.70 -32.21
C GLU C 334 -7.78 -26.79 -32.73
N ARG C 335 -8.25 -25.70 -33.34
CA ARG C 335 -9.54 -25.56 -34.08
C ARG C 335 -10.70 -25.34 -33.11
N TRP C 336 -10.43 -24.82 -31.90
CA TRP C 336 -11.49 -24.46 -30.92
C TRP C 336 -11.03 -23.37 -29.95
N CYS C 337 -11.99 -22.53 -29.53
CA CYS C 337 -11.82 -21.51 -28.47
C CYS C 337 -13.06 -21.45 -27.58
N LEU C 338 -12.83 -21.33 -26.27
CA LEU C 338 -13.85 -21.02 -25.23
C LEU C 338 -13.99 -19.49 -25.16
N MET C 339 -15.20 -18.95 -25.31
CA MET C 339 -15.47 -17.52 -25.04
C MET C 339 -15.49 -17.31 -23.51
N SER C 340 -15.49 -16.06 -23.05
CA SER C 340 -15.19 -15.66 -21.65
C SER C 340 -16.08 -16.44 -20.67
N HIS C 341 -17.39 -16.39 -20.86
CA HIS C 341 -18.42 -16.97 -19.95
C HIS C 341 -18.45 -18.51 -20.07
N ALA C 342 -17.93 -19.07 -21.16
CA ALA C 342 -17.76 -20.52 -21.36
C ALA C 342 -16.58 -21.04 -20.52
N ALA C 343 -15.55 -20.21 -20.31
CA ALA C 343 -14.27 -20.59 -19.68
C ALA C 343 -14.34 -20.43 -18.16
N GLY C 344 -15.03 -19.40 -17.67
CA GLY C 344 -15.09 -19.10 -16.23
C GLY C 344 -16.12 -18.04 -15.89
N PHE C 345 -16.38 -17.87 -14.58
CA PHE C 345 -17.29 -16.83 -14.02
C PHE C 345 -16.99 -16.63 -12.53
N ILE C 346 -17.01 -15.38 -12.08
CA ILE C 346 -16.76 -15.00 -10.65
C ILE C 346 -18.09 -14.64 -9.99
N ASP C 347 -18.69 -13.52 -10.37
CA ASP C 347 -19.87 -12.92 -9.69
C ASP C 347 -20.41 -11.80 -10.57
N PRO C 348 -21.71 -11.43 -10.45
CA PRO C 348 -22.23 -10.22 -11.08
C PRO C 348 -21.59 -8.91 -10.62
N LEU C 349 -20.96 -8.91 -9.43
CA LEU C 349 -20.45 -7.68 -8.75
C LEU C 349 -19.49 -6.92 -9.67
N PHE C 350 -19.80 -5.63 -9.93
CA PHE C 350 -18.99 -4.67 -10.71
C PHE C 350 -19.15 -4.91 -12.22
N SER C 351 -20.02 -5.84 -12.62
CA SER C 351 -20.43 -6.05 -14.03
C SER C 351 -19.20 -6.26 -14.90
N ARG C 352 -18.30 -7.16 -14.48
CA ARG C 352 -17.04 -7.48 -15.20
C ARG C 352 -17.35 -8.41 -16.39
N GLY C 353 -18.42 -9.20 -16.30
CA GLY C 353 -18.78 -10.27 -17.27
C GLY C 353 -18.78 -9.77 -18.71
N LEU C 354 -19.62 -8.78 -19.02
CA LEU C 354 -19.75 -8.22 -20.39
C LEU C 354 -18.43 -7.56 -20.83
N SER C 355 -17.72 -6.90 -19.90
CA SER C 355 -16.38 -6.31 -20.14
C SER C 355 -15.40 -7.42 -20.52
N ASN C 356 -15.39 -8.53 -19.75
CA ASN C 356 -14.53 -9.71 -20.02
C ASN C 356 -14.86 -10.27 -21.40
N THR C 357 -16.16 -10.37 -21.74
CA THR C 357 -16.66 -10.89 -23.04
C THR C 357 -16.07 -10.06 -24.19
N CYS C 358 -16.11 -8.74 -24.09
CA CYS C 358 -15.66 -7.80 -25.16
C CYS C 358 -14.14 -7.89 -25.35
N GLU C 359 -13.38 -8.03 -24.26
CA GLU C 359 -11.89 -8.13 -24.30
C GLU C 359 -11.50 -9.39 -25.07
N ILE C 360 -12.22 -10.48 -24.87
CA ILE C 360 -11.94 -11.77 -25.57
C ILE C 360 -12.29 -11.60 -27.06
N ILE C 361 -13.49 -11.09 -27.38
CA ILE C 361 -13.94 -10.88 -28.78
C ILE C 361 -12.89 -10.03 -29.51
N ASN C 362 -12.47 -8.92 -28.91
CA ASN C 362 -11.45 -8.00 -29.48
C ASN C 362 -10.18 -8.79 -29.80
N ALA C 363 -9.67 -9.57 -28.85
CA ALA C 363 -8.39 -10.31 -28.96
C ALA C 363 -8.52 -11.52 -29.89
N LEU C 364 -9.64 -12.26 -29.84
CA LEU C 364 -9.83 -13.51 -30.61
C LEU C 364 -10.10 -13.19 -32.09
N SER C 365 -10.95 -12.20 -32.37
CA SER C 365 -11.58 -12.01 -33.71
C SER C 365 -10.50 -11.97 -34.81
N TRP C 366 -9.50 -11.10 -34.70
CA TRP C 366 -8.48 -10.91 -35.76
C TRP C 366 -7.54 -12.12 -35.83
N ARG C 367 -7.23 -12.74 -34.69
CA ARG C 367 -6.32 -13.92 -34.63
C ARG C 367 -7.00 -15.11 -35.33
N LEU C 368 -8.29 -15.31 -35.07
CA LEU C 368 -9.08 -16.41 -35.69
C LEU C 368 -9.20 -16.17 -37.20
N MET C 369 -9.50 -14.94 -37.62
CA MET C 369 -9.67 -14.61 -39.06
C MET C 369 -8.34 -14.80 -39.80
N ALA C 370 -7.22 -14.47 -39.16
CA ALA C 370 -5.85 -14.69 -39.70
C ALA C 370 -5.60 -16.20 -39.89
N ALA C 371 -5.91 -17.01 -38.86
CA ALA C 371 -5.74 -18.47 -38.87
C ALA C 371 -6.55 -19.08 -40.01
N LEU C 372 -7.83 -18.73 -40.13
CA LEU C 372 -8.75 -19.18 -41.20
C LEU C 372 -8.15 -18.84 -42.58
N ARG C 373 -7.76 -17.58 -42.78
CA ARG C 373 -7.19 -17.07 -44.05
C ARG C 373 -5.93 -17.87 -44.42
N GLU C 374 -5.06 -18.16 -43.44
CA GLU C 374 -3.78 -18.88 -43.68
C GLU C 374 -3.99 -20.39 -43.64
N ASP C 375 -5.16 -20.86 -43.20
CA ASP C 375 -5.48 -22.31 -43.03
C ASP C 375 -4.42 -22.96 -42.15
N ASP C 376 -4.12 -22.33 -41.01
CA ASP C 376 -3.14 -22.83 -40.00
C ASP C 376 -3.67 -22.50 -38.61
N PHE C 377 -3.80 -23.52 -37.76
CA PHE C 377 -4.51 -23.46 -36.46
C PHE C 377 -3.57 -23.87 -35.32
N ALA C 378 -2.25 -23.75 -35.53
CA ALA C 378 -1.23 -23.89 -34.46
C ALA C 378 -1.71 -23.10 -33.24
N VAL C 379 -1.81 -23.76 -32.08
CA VAL C 379 -2.38 -23.17 -30.83
C VAL C 379 -1.48 -22.00 -30.37
N GLU C 380 -0.21 -22.00 -30.77
CA GLU C 380 0.79 -20.91 -30.51
C GLU C 380 0.22 -19.56 -30.95
N ARG C 381 -0.57 -19.52 -32.03
CA ARG C 381 -1.22 -18.29 -32.58
C ARG C 381 -2.18 -17.66 -31.58
N PHE C 382 -2.76 -18.47 -30.67
CA PHE C 382 -3.84 -18.06 -29.74
C PHE C 382 -3.32 -17.99 -28.30
N ALA C 383 -1.99 -18.00 -28.11
CA ALA C 383 -1.34 -18.02 -26.78
C ALA C 383 -1.78 -16.80 -25.96
N TYR C 384 -1.84 -15.60 -26.55
CA TYR C 384 -2.24 -14.35 -25.85
C TYR C 384 -3.69 -14.47 -25.37
N VAL C 385 -4.55 -15.16 -26.13
CA VAL C 385 -5.99 -15.31 -25.81
C VAL C 385 -6.14 -16.17 -24.55
N GLU C 386 -5.36 -17.26 -24.44
CA GLU C 386 -5.29 -18.14 -23.25
C GLU C 386 -4.84 -17.29 -22.05
N GLU C 387 -3.77 -16.52 -22.23
CA GLU C 387 -3.16 -15.64 -21.19
C GLU C 387 -4.20 -14.61 -20.73
N LEU C 388 -4.90 -13.95 -21.66
CA LEU C 388 -5.91 -12.90 -21.38
C LEU C 388 -7.07 -13.49 -20.60
N GLU C 389 -7.58 -14.64 -21.04
CA GLU C 389 -8.77 -15.33 -20.47
C GLU C 389 -8.51 -15.70 -19.01
N GLN C 390 -7.38 -16.34 -18.72
CA GLN C 390 -7.02 -16.80 -17.35
C GLN C 390 -6.72 -15.57 -16.48
N GLY C 391 -6.06 -14.56 -17.07
CA GLY C 391 -5.74 -13.27 -16.41
C GLY C 391 -7.00 -12.53 -16.00
N LEU C 392 -7.95 -12.34 -16.92
CA LEU C 392 -9.26 -11.69 -16.66
C LEU C 392 -9.91 -12.35 -15.44
N LEU C 393 -9.94 -13.68 -15.40
CA LEU C 393 -10.66 -14.47 -14.36
C LEU C 393 -9.96 -14.31 -12.99
N ASP C 394 -8.63 -14.34 -12.96
CA ASP C 394 -7.84 -14.27 -11.69
C ASP C 394 -7.95 -12.87 -11.07
N TRP C 395 -7.83 -11.81 -11.86
CA TRP C 395 -7.97 -10.41 -11.39
C TRP C 395 -9.42 -10.18 -10.93
N ASN C 396 -10.38 -10.68 -11.71
CA ASN C 396 -11.84 -10.57 -11.39
C ASN C 396 -12.09 -11.30 -10.06
N ASP C 397 -11.48 -12.48 -9.87
CA ASP C 397 -11.61 -13.32 -8.64
C ASP C 397 -11.17 -12.52 -7.41
N LYS C 398 -9.98 -11.91 -7.47
CA LYS C 398 -9.42 -11.08 -6.38
C LYS C 398 -10.35 -9.91 -6.06
N LEU C 399 -10.77 -9.16 -7.08
CA LEU C 399 -11.61 -7.93 -6.92
C LEU C 399 -12.86 -8.28 -6.11
N VAL C 400 -13.55 -9.37 -6.46
CA VAL C 400 -14.83 -9.77 -5.82
C VAL C 400 -14.53 -10.39 -4.45
N ASN C 401 -13.54 -11.29 -4.37
CA ASN C 401 -13.15 -11.95 -3.10
C ASN C 401 -12.79 -10.86 -2.08
N ASN C 402 -11.94 -9.90 -2.46
CA ASN C 402 -11.55 -8.75 -1.59
C ASN C 402 -12.81 -8.03 -1.11
N SER C 403 -13.71 -7.72 -2.04
CA SER C 403 -14.99 -6.98 -1.80
C SER C 403 -15.85 -7.72 -0.77
N PHE C 404 -16.05 -9.02 -0.94
CA PHE C 404 -16.91 -9.87 -0.07
C PHE C 404 -16.38 -9.89 1.36
N ILE C 405 -15.05 -9.93 1.52
CA ILE C 405 -14.38 -9.89 2.85
C ILE C 405 -14.66 -8.52 3.47
N SER C 406 -14.53 -7.45 2.69
CA SER C 406 -14.64 -6.04 3.13
C SER C 406 -16.05 -5.73 3.61
N PHE C 407 -17.06 -6.47 3.13
CA PHE C 407 -18.51 -6.25 3.42
C PHE C 407 -18.79 -6.30 4.94
N SER C 408 -17.87 -6.86 5.74
CA SER C 408 -18.00 -7.00 7.22
C SER C 408 -17.57 -5.73 7.94
N HIS C 409 -16.86 -4.80 7.27
CA HIS C 409 -16.31 -3.57 7.89
C HIS C 409 -16.26 -2.43 6.86
N TYR C 410 -17.16 -1.44 6.95
CA TYR C 410 -17.31 -0.34 5.97
C TYR C 410 -15.98 0.40 5.77
N PRO C 411 -15.20 0.73 6.82
CA PRO C 411 -13.92 1.42 6.62
C PRO C 411 -12.95 0.63 5.73
N LEU C 412 -13.02 -0.71 5.74
CA LEU C 412 -12.18 -1.57 4.84
C LEU C 412 -12.75 -1.52 3.42
N TRP C 413 -14.07 -1.68 3.25
CA TRP C 413 -14.78 -1.56 1.95
C TRP C 413 -14.44 -0.22 1.29
N ASN C 414 -14.35 0.85 2.09
CA ASN C 414 -14.15 2.25 1.60
C ASN C 414 -12.86 2.33 0.76
N SER C 415 -11.82 1.58 1.11
CA SER C 415 -10.54 1.56 0.36
C SER C 415 -10.67 0.66 -0.89
N VAL C 416 -11.33 -0.49 -0.79
CA VAL C 416 -11.64 -1.37 -1.97
C VAL C 416 -12.34 -0.50 -3.03
N PHE C 417 -13.36 0.25 -2.61
CA PHE C 417 -14.23 1.09 -3.47
C PHE C 417 -13.39 2.08 -4.29
N ARG C 418 -12.58 2.90 -3.60
CA ARG C 418 -11.83 4.01 -4.26
C ARG C 418 -10.66 3.44 -5.08
N ILE C 419 -10.07 2.31 -4.69
CA ILE C 419 -8.99 1.64 -5.48
C ILE C 419 -9.59 1.06 -6.78
N TRP C 420 -10.79 0.47 -6.70
CA TRP C 420 -11.53 -0.08 -7.86
C TRP C 420 -11.97 1.04 -8.81
N ALA C 421 -12.65 2.07 -8.27
CA ALA C 421 -13.35 3.12 -9.04
C ALA C 421 -12.35 4.08 -9.68
N SER C 422 -11.23 4.38 -9.01
CA SER C 422 -10.17 5.29 -9.53
C SER C 422 -9.60 4.69 -10.82
N ALA C 423 -9.36 3.38 -10.83
CA ALA C 423 -8.79 2.59 -11.95
C ALA C 423 -9.78 2.52 -13.11
N SER C 424 -11.08 2.61 -12.82
CA SER C 424 -12.17 2.61 -13.82
C SER C 424 -12.12 3.92 -14.62
N VAL C 425 -11.66 5.01 -14.01
CA VAL C 425 -11.49 6.34 -14.68
C VAL C 425 -10.17 6.33 -15.46
N ILE C 426 -9.06 5.93 -14.84
CA ILE C 426 -7.71 5.93 -15.46
C ILE C 426 -7.71 4.92 -16.61
N GLY C 427 -8.11 3.67 -16.33
CA GLY C 427 -8.27 2.57 -17.30
C GLY C 427 -9.20 2.93 -18.45
N GLY C 428 -10.29 3.64 -18.16
CA GLY C 428 -11.24 4.14 -19.18
C GLY C 428 -10.59 5.14 -20.12
N LYS C 429 -9.86 6.12 -19.56
CA LYS C 429 -9.17 7.20 -20.31
C LYS C 429 -8.08 6.57 -21.17
N ARG C 430 -7.42 5.52 -20.68
CA ARG C 430 -6.32 4.80 -21.38
C ARG C 430 -6.84 4.21 -22.70
N ILE C 431 -8.02 3.58 -22.69
CA ILE C 431 -8.61 2.93 -23.89
C ILE C 431 -9.19 4.03 -24.81
N LEU C 432 -9.82 5.04 -24.22
CA LEU C 432 -10.41 6.19 -24.97
C LEU C 432 -9.33 6.93 -25.78
N ASN C 433 -8.14 7.15 -25.19
CA ASN C 433 -7.03 7.86 -25.86
C ASN C 433 -6.66 7.11 -27.14
N ALA C 434 -6.48 5.79 -27.03
CA ALA C 434 -6.11 4.88 -28.14
C ALA C 434 -7.23 4.89 -29.20
N LEU C 435 -8.48 4.75 -28.77
CA LEU C 435 -9.67 4.74 -29.66
C LEU C 435 -9.70 6.04 -30.46
N THR C 436 -9.62 7.19 -29.79
CA THR C 436 -9.57 8.55 -30.41
C THR C 436 -8.42 8.64 -31.42
N ARG C 437 -7.19 8.26 -31.02
CA ARG C 437 -5.97 8.33 -31.87
C ARG C 437 -6.18 7.48 -33.14
N THR C 438 -6.85 6.33 -32.99
CA THR C 438 -7.12 5.37 -34.10
C THR C 438 -8.11 6.00 -35.10
N LYS C 439 -9.09 6.77 -34.64
CA LYS C 439 -10.14 7.39 -35.50
C LYS C 439 -9.54 8.52 -36.33
N GLU C 440 -8.72 9.39 -35.71
CA GLU C 440 -8.07 10.56 -36.36
C GLU C 440 -7.14 10.10 -37.48
N THR C 441 -6.50 8.93 -37.32
CA THR C 441 -5.40 8.42 -38.18
C THR C 441 -5.87 7.26 -39.08
N GLY C 442 -6.88 6.50 -38.65
CA GLY C 442 -7.28 5.24 -39.29
C GLY C 442 -6.21 4.17 -39.17
N ASP C 443 -5.29 4.30 -38.21
CA ASP C 443 -4.21 3.32 -37.90
C ASP C 443 -4.58 2.54 -36.64
N ASP C 444 -4.72 1.21 -36.77
CA ASP C 444 -5.10 0.28 -35.69
C ASP C 444 -4.00 0.22 -34.62
N SER C 445 -2.74 0.49 -35.00
CA SER C 445 -1.52 0.47 -34.17
C SER C 445 -1.80 0.91 -32.72
N HIS C 446 -2.54 2.01 -32.54
CA HIS C 446 -2.81 2.66 -31.23
C HIS C 446 -3.68 1.75 -30.35
N CYS C 447 -4.61 1.01 -30.94
CA CYS C 447 -5.54 0.10 -30.19
C CYS C 447 -4.82 -1.19 -29.82
N GLN C 448 -4.05 -1.78 -30.76
CA GLN C 448 -3.27 -3.02 -30.54
C GLN C 448 -2.18 -2.78 -29.48
N ALA C 449 -1.74 -1.53 -29.30
CA ALA C 449 -0.73 -1.12 -28.30
C ALA C 449 -1.25 -1.33 -26.87
N LEU C 450 -2.57 -1.35 -26.66
CA LEU C 450 -3.21 -1.56 -25.33
C LEU C 450 -2.84 -2.95 -24.77
N ASP C 451 -2.49 -3.91 -25.64
CA ASP C 451 -2.11 -5.31 -25.26
C ASP C 451 -0.65 -5.39 -24.81
N ASP C 452 0.16 -4.38 -25.12
CA ASP C 452 1.61 -4.35 -24.75
C ASP C 452 1.74 -3.90 -23.30
N ASN C 453 1.37 -4.79 -22.36
CA ASN C 453 1.41 -4.53 -20.89
C ASN C 453 1.70 -5.86 -20.19
N PRO C 454 2.23 -5.82 -18.95
CA PRO C 454 2.64 -7.04 -18.25
C PRO C 454 1.53 -7.79 -17.49
N TYR C 455 0.30 -7.27 -17.48
CA TYR C 455 -0.83 -7.76 -16.65
C TYR C 455 -2.08 -7.99 -17.52
N PRO C 456 -2.11 -9.03 -18.38
CA PRO C 456 -3.30 -9.31 -19.19
C PRO C 456 -4.50 -9.60 -18.27
N GLY C 457 -5.60 -8.85 -18.46
CA GLY C 457 -6.87 -9.04 -17.75
C GLY C 457 -7.09 -8.04 -16.63
N LEU C 458 -6.07 -7.28 -16.27
CA LEU C 458 -6.17 -6.20 -15.26
C LEU C 458 -6.74 -4.95 -15.95
N TRP C 459 -7.79 -4.37 -15.37
CA TRP C 459 -8.66 -3.31 -15.95
C TRP C 459 -7.89 -1.98 -16.06
N CYS C 460 -6.80 -1.83 -15.31
CA CYS C 460 -5.90 -0.64 -15.33
C CYS C 460 -4.45 -1.10 -15.24
N PRO C 461 -3.84 -1.60 -16.34
CA PRO C 461 -2.63 -2.41 -16.25
C PRO C 461 -1.34 -1.56 -16.13
N LEU C 462 -1.23 -0.79 -15.06
CA LEU C 462 -0.06 0.09 -14.76
C LEU C 462 0.63 -0.46 -13.51
N ASP C 463 1.96 -0.44 -13.47
CA ASP C 463 2.76 -1.07 -12.38
C ASP C 463 2.29 -0.55 -11.02
N PHE C 464 2.16 0.77 -10.87
CA PHE C 464 1.84 1.42 -9.56
C PHE C 464 0.44 1.00 -9.11
N TYR C 465 -0.49 0.75 -10.05
CA TYR C 465 -1.87 0.32 -9.73
C TYR C 465 -1.88 -1.16 -9.32
N LYS C 466 -1.17 -2.01 -10.07
CA LYS C 466 -1.05 -3.47 -9.82
C LYS C 466 -0.46 -3.70 -8.43
N GLU C 467 0.54 -2.90 -8.05
CA GLU C 467 1.25 -3.02 -6.74
C GLU C 467 0.33 -2.55 -5.61
N ALA C 468 -0.41 -1.45 -5.82
CA ALA C 468 -1.48 -0.98 -4.91
C ALA C 468 -2.53 -2.08 -4.73
N PHE C 469 -3.01 -2.67 -5.83
CA PHE C 469 -4.06 -3.72 -5.80
C PHE C 469 -3.52 -5.00 -5.13
N ASP C 470 -2.28 -5.39 -5.41
CA ASP C 470 -1.59 -6.52 -4.74
C ASP C 470 -1.62 -6.34 -3.22
N GLU C 471 -1.36 -5.12 -2.73
CA GLU C 471 -1.34 -4.83 -1.26
C GLU C 471 -2.75 -4.96 -0.68
N LEU C 472 -3.78 -4.47 -1.39
CA LEU C 472 -5.21 -4.62 -0.98
C LEU C 472 -5.52 -6.11 -0.80
N THR C 473 -5.08 -6.94 -1.75
CA THR C 473 -5.37 -8.41 -1.81
C THR C 473 -4.68 -9.15 -0.66
N GLU C 474 -3.40 -8.87 -0.41
CA GLU C 474 -2.63 -9.48 0.71
C GLU C 474 -3.38 -9.22 2.02
N LEU C 475 -3.76 -7.96 2.26
CA LEU C 475 -4.40 -7.51 3.52
C LEU C 475 -5.81 -8.10 3.65
N CYS C 476 -6.57 -8.18 2.54
CA CYS C 476 -7.95 -8.75 2.55
C CYS C 476 -7.89 -10.27 2.80
N GLU C 477 -6.98 -10.97 2.14
CA GLU C 477 -6.79 -12.44 2.31
C GLU C 477 -6.28 -12.73 3.72
N ALA C 478 -5.52 -11.81 4.32
CA ALA C 478 -5.01 -11.90 5.71
C ALA C 478 -6.16 -11.74 6.71
N VAL C 479 -7.12 -10.86 6.42
CA VAL C 479 -8.36 -10.68 7.23
C VAL C 479 -9.21 -11.96 7.13
N ASP C 480 -9.37 -12.50 5.91
CA ASP C 480 -10.15 -13.73 5.65
C ASP C 480 -9.56 -14.90 6.46
N ALA C 481 -8.24 -14.99 6.54
CA ALA C 481 -7.49 -16.10 7.18
C ALA C 481 -7.46 -15.94 8.71
N GLY C 482 -7.70 -14.73 9.24
CA GLY C 482 -7.69 -14.41 10.68
C GLY C 482 -6.30 -14.00 11.19
N HIS C 483 -5.38 -13.65 10.29
CA HIS C 483 -3.99 -13.22 10.63
C HIS C 483 -3.96 -11.71 10.92
N THR C 484 -4.92 -10.96 10.40
CA THR C 484 -5.12 -9.50 10.68
C THR C 484 -6.60 -9.24 10.89
N THR C 485 -6.95 -8.20 11.66
CA THR C 485 -8.35 -7.73 11.86
C THR C 485 -8.71 -6.77 10.73
N ALA C 486 -10.00 -6.68 10.39
CA ALA C 486 -10.54 -5.74 9.39
C ALA C 486 -10.10 -4.32 9.75
N GLU C 487 -10.22 -3.96 11.04
CA GLU C 487 -9.86 -2.62 11.59
C GLU C 487 -8.39 -2.29 11.28
N GLU C 488 -7.49 -3.27 11.45
CA GLU C 488 -6.02 -3.11 11.23
C GLU C 488 -5.74 -2.93 9.73
N ALA C 489 -6.25 -3.83 8.89
CA ALA C 489 -6.17 -3.75 7.41
C ALA C 489 -6.68 -2.40 6.94
N ALA C 490 -7.85 -1.96 7.44
CA ALA C 490 -8.52 -0.69 7.07
C ALA C 490 -7.62 0.50 7.44
N ARG C 491 -6.99 0.46 8.62
CA ARG C 491 -6.06 1.52 9.12
C ARG C 491 -4.91 1.68 8.11
N VAL C 492 -4.27 0.58 7.70
CA VAL C 492 -3.10 0.57 6.78
C VAL C 492 -3.53 1.09 5.40
N LEU C 493 -4.65 0.61 4.85
CA LEU C 493 -5.10 0.97 3.48
C LEU C 493 -5.53 2.44 3.43
N GLU C 494 -6.10 2.97 4.52
CA GLU C 494 -6.53 4.39 4.63
C GLU C 494 -5.29 5.30 4.63
N GLN C 495 -4.23 4.92 5.34
CA GLN C 495 -2.92 5.62 5.35
C GLN C 495 -2.35 5.62 3.92
N ARG C 496 -2.36 4.47 3.26
CA ARG C 496 -1.87 4.28 1.86
C ARG C 496 -2.59 5.25 0.93
N VAL C 497 -3.93 5.32 1.02
CA VAL C 497 -4.79 6.18 0.16
C VAL C 497 -4.43 7.64 0.38
N ARG C 498 -4.30 8.07 1.65
CA ARG C 498 -4.03 9.48 2.03
C ARG C 498 -2.63 9.92 1.57
N GLU C 499 -1.66 9.01 1.56
CA GLU C 499 -0.24 9.29 1.25
C GLU C 499 0.04 9.06 -0.24
N SER C 500 -0.92 8.49 -0.98
CA SER C 500 -0.83 8.21 -2.44
C SER C 500 -0.70 9.53 -3.20
N ASP C 501 -0.12 9.49 -4.40
CA ASP C 501 0.04 10.68 -5.26
C ASP C 501 -0.63 10.47 -6.63
N TRP C 502 -1.38 9.36 -6.83
CA TRP C 502 -1.95 8.99 -8.15
C TRP C 502 -3.48 8.94 -8.13
N MET C 503 -4.12 9.03 -6.96
CA MET C 503 -5.57 8.71 -6.79
C MET C 503 -6.42 9.97 -7.02
N LEU C 504 -6.31 10.55 -8.22
CA LEU C 504 -7.20 11.62 -8.79
C LEU C 504 -7.78 12.50 -7.69
N PRO C 505 -6.95 13.35 -7.03
CA PRO C 505 -7.39 14.17 -5.89
C PRO C 505 -8.64 15.04 -6.12
N ALA C 506 -8.80 15.60 -7.32
CA ALA C 506 -9.91 16.51 -7.67
C ALA C 506 -11.26 15.79 -7.55
N LEU C 507 -11.28 14.46 -7.76
CA LEU C 507 -12.51 13.62 -7.71
C LEU C 507 -12.79 13.18 -6.27
N GLY C 508 -11.79 13.22 -5.39
CA GLY C 508 -11.90 12.87 -3.96
C GLY C 508 -11.50 11.43 -3.69
N PHE C 509 -10.83 10.77 -4.65
CA PHE C 509 -10.45 9.34 -4.55
C PHE C 509 -9.38 9.12 -3.47
N ASN C 510 -8.58 10.16 -3.17
CA ASN C 510 -7.50 10.11 -2.14
C ASN C 510 -8.06 10.58 -0.79
N ASP C 511 -9.37 10.82 -0.69
CA ASP C 511 -10.04 11.33 0.54
C ASP C 511 -11.05 10.30 1.04
N PRO C 512 -10.69 9.47 2.06
CA PRO C 512 -11.60 8.47 2.60
C PRO C 512 -12.96 9.02 3.07
N ASP C 513 -13.04 10.29 3.45
CA ASP C 513 -14.29 10.94 3.96
C ASP C 513 -15.18 11.40 2.80
N THR C 514 -14.72 11.29 1.53
CA THR C 514 -15.53 11.54 0.32
C THR C 514 -16.12 10.22 -0.18
N HIS C 515 -17.38 9.96 0.18
CA HIS C 515 -18.09 8.68 -0.09
C HIS C 515 -18.75 8.72 -1.48
N HIS C 516 -19.16 9.92 -1.92
CA HIS C 516 -19.92 10.16 -3.17
C HIS C 516 -19.00 10.82 -4.20
N ILE C 517 -18.44 10.01 -5.09
CA ILE C 517 -17.51 10.45 -6.17
C ILE C 517 -18.37 10.96 -7.33
N ASN C 518 -18.18 12.24 -7.67
CA ASN C 518 -19.12 13.01 -8.52
C ASN C 518 -18.31 13.77 -9.57
N PRO C 519 -17.90 13.11 -10.67
CA PRO C 519 -17.15 13.77 -11.74
C PRO C 519 -18.04 14.80 -12.44
N THR C 520 -17.59 16.06 -12.46
CA THR C 520 -18.20 17.20 -13.18
C THR C 520 -17.12 17.78 -14.11
N ALA C 521 -17.53 18.56 -15.11
CA ALA C 521 -16.64 19.25 -16.08
C ALA C 521 -15.49 19.94 -15.32
N ASP C 522 -15.81 20.68 -14.27
CA ASP C 522 -14.86 21.54 -13.51
C ASP C 522 -13.85 20.66 -12.76
N LYS C 523 -14.25 19.47 -12.29
CA LYS C 523 -13.37 18.52 -11.57
C LYS C 523 -12.45 17.79 -12.55
N MET C 524 -12.98 17.37 -13.71
CA MET C 524 -12.19 16.66 -14.76
C MET C 524 -11.14 17.63 -15.34
N ILE C 525 -11.43 18.94 -15.34
CA ILE C 525 -10.48 20.02 -15.73
C ILE C 525 -9.35 20.10 -14.69
N ARG C 526 -9.68 20.10 -13.39
CA ARG C 526 -8.70 20.13 -12.28
C ARG C 526 -7.82 18.87 -12.31
N ILE C 527 -8.39 17.72 -12.73
CA ILE C 527 -7.65 16.44 -12.92
C ILE C 527 -6.57 16.64 -13.99
N ALA C 528 -6.94 17.20 -15.14
CA ALA C 528 -6.07 17.35 -16.33
C ALA C 528 -4.90 18.31 -16.03
N GLU C 529 -5.16 19.40 -15.30
CA GLU C 529 -4.14 20.41 -14.89
C GLU C 529 -3.15 19.76 -13.90
N TRP C 530 -3.68 19.07 -12.88
CA TRP C 530 -2.90 18.28 -11.88
C TRP C 530 -1.98 17.27 -12.59
N ALA C 531 -2.45 16.66 -13.68
CA ALA C 531 -1.73 15.62 -14.45
C ALA C 531 -0.58 16.25 -15.25
N THR C 532 -0.73 17.52 -15.66
CA THR C 532 0.21 18.27 -16.53
C THR C 532 1.60 18.28 -15.92
N GLY C 533 1.71 18.62 -14.63
CA GLY C 533 3.00 18.76 -13.92
C GLY C 533 3.30 17.60 -12.97
N HIS C 534 2.77 16.41 -13.26
CA HIS C 534 2.89 15.21 -12.37
C HIS C 534 4.22 14.49 -12.63
N HIS C 535 4.85 14.01 -11.56
CA HIS C 535 6.17 13.32 -11.58
C HIS C 535 6.08 11.98 -12.30
N ARG C 536 4.95 11.27 -12.14
CA ARG C 536 4.71 9.92 -12.73
C ARG C 536 4.47 10.07 -14.23
N PRO C 537 5.31 9.47 -15.09
CA PRO C 537 5.14 9.56 -16.54
C PRO C 537 3.77 9.08 -17.07
N GLU C 538 3.15 8.10 -16.41
CA GLU C 538 1.90 7.44 -16.89
C GLU C 538 0.71 8.37 -16.62
N ILE C 539 0.70 9.08 -15.50
CA ILE C 539 -0.33 10.12 -15.20
C ILE C 539 -0.25 11.22 -16.27
N ARG C 540 0.97 11.63 -16.64
CA ARG C 540 1.24 12.64 -17.70
C ARG C 540 0.70 12.12 -19.04
N GLU C 541 1.08 10.90 -19.41
CA GLU C 541 0.69 10.25 -20.68
C GLU C 541 -0.84 10.18 -20.78
N LEU C 542 -1.53 9.79 -19.70
CA LEU C 542 -2.96 9.40 -19.73
C LEU C 542 -3.90 10.60 -19.51
N LEU C 543 -3.55 11.54 -18.63
CA LEU C 543 -4.53 12.53 -18.08
C LEU C 543 -4.17 13.99 -18.41
N ALA C 544 -2.89 14.30 -18.68
CA ALA C 544 -2.42 15.68 -18.94
C ALA C 544 -3.14 16.27 -20.16
N ALA C 545 -3.75 17.44 -20.01
CA ALA C 545 -4.49 18.17 -21.07
C ALA C 545 -4.79 19.59 -20.61
N SER C 546 -5.08 20.48 -21.57
CA SER C 546 -5.60 21.85 -21.34
C SER C 546 -7.10 21.77 -21.01
N ALA C 547 -7.66 22.86 -20.47
CA ALA C 547 -9.10 23.01 -20.16
C ALA C 547 -9.92 22.91 -21.46
N GLU C 548 -9.36 23.36 -22.58
CA GLU C 548 -9.96 23.31 -23.94
C GLU C 548 -10.26 21.85 -24.31
N GLU C 549 -9.22 21.00 -24.32
CA GLU C 549 -9.24 19.59 -24.78
C GLU C 549 -10.24 18.76 -23.96
N VAL C 550 -10.33 19.01 -22.65
CA VAL C 550 -11.25 18.29 -21.72
C VAL C 550 -12.70 18.55 -22.18
N ARG C 551 -13.06 19.82 -22.38
CA ARG C 551 -14.42 20.24 -22.80
C ARG C 551 -14.71 19.70 -24.21
N ALA C 552 -13.68 19.66 -25.08
CA ALA C 552 -13.73 19.03 -26.42
C ALA C 552 -13.72 17.50 -26.26
N PRO D 18 -57.15 -21.75 -2.06
CA PRO D 18 -57.99 -22.11 -3.23
C PRO D 18 -58.34 -20.87 -4.07
N TYR D 19 -57.93 -20.87 -5.34
CA TYR D 19 -58.12 -19.75 -6.29
C TYR D 19 -59.58 -19.67 -6.73
N ASP D 20 -60.03 -18.47 -7.09
CA ASP D 20 -61.39 -18.24 -7.65
C ASP D 20 -61.43 -18.78 -9.08
N VAL D 21 -60.38 -18.49 -9.86
CA VAL D 21 -60.26 -18.89 -11.31
C VAL D 21 -58.81 -19.33 -11.56
N VAL D 22 -58.64 -20.46 -12.24
CA VAL D 22 -57.36 -20.87 -12.90
C VAL D 22 -57.54 -20.65 -14.41
N ILE D 23 -56.58 -19.96 -15.03
CA ILE D 23 -56.57 -19.64 -16.48
C ILE D 23 -55.37 -20.37 -17.08
N ILE D 24 -55.62 -21.28 -18.02
CA ILE D 24 -54.54 -21.97 -18.78
C ILE D 24 -54.28 -21.14 -20.04
N GLY D 25 -53.06 -20.64 -20.21
CA GLY D 25 -52.67 -19.78 -21.34
C GLY D 25 -52.41 -18.35 -20.87
N SER D 26 -51.15 -17.91 -20.98
CA SER D 26 -50.68 -16.58 -20.50
C SER D 26 -50.49 -15.63 -21.69
N GLY D 27 -51.12 -15.91 -22.84
CA GLY D 27 -51.23 -14.99 -23.98
C GLY D 27 -52.22 -13.87 -23.70
N LEU D 28 -52.53 -13.06 -24.71
CA LEU D 28 -53.36 -11.83 -24.58
C LEU D 28 -54.73 -12.16 -23.96
N SER D 29 -55.44 -13.17 -24.48
CA SER D 29 -56.80 -13.54 -24.01
C SER D 29 -56.75 -13.84 -22.51
N GLY D 30 -55.82 -14.68 -22.06
CA GLY D 30 -55.69 -15.10 -20.64
C GLY D 30 -55.31 -13.95 -19.73
N THR D 31 -54.34 -13.12 -20.13
CA THR D 31 -53.77 -12.05 -19.25
C THR D 31 -54.72 -10.84 -19.23
N MET D 32 -55.52 -10.61 -20.28
CA MET D 32 -56.56 -9.54 -20.27
C MET D 32 -57.67 -9.95 -19.31
N LEU D 33 -58.15 -11.20 -19.39
CA LEU D 33 -59.17 -11.74 -18.46
C LEU D 33 -58.60 -11.72 -17.03
N GLY D 34 -57.39 -12.26 -16.87
CA GLY D 34 -56.67 -12.29 -15.58
C GLY D 34 -56.62 -10.92 -14.93
N SER D 35 -56.26 -9.89 -15.70
CA SER D 35 -56.16 -8.46 -15.26
C SER D 35 -57.51 -7.99 -14.74
N ILE D 36 -58.57 -8.15 -15.54
CA ILE D 36 -59.98 -7.77 -15.18
C ILE D 36 -60.36 -8.43 -13.86
N LEU D 37 -60.16 -9.74 -13.71
CA LEU D 37 -60.64 -10.51 -12.52
C LEU D 37 -59.86 -10.10 -11.26
N ALA D 38 -58.53 -10.03 -11.34
CA ALA D 38 -57.65 -9.65 -10.22
C ALA D 38 -57.98 -8.23 -9.76
N LYS D 39 -58.22 -7.31 -10.71
CA LYS D 39 -58.51 -5.88 -10.41
C LYS D 39 -59.82 -5.77 -9.61
N HIS D 40 -60.78 -6.68 -9.86
CA HIS D 40 -62.10 -6.70 -9.18
C HIS D 40 -62.02 -7.55 -7.91
N GLY D 41 -60.80 -7.96 -7.51
CA GLY D 41 -60.50 -8.53 -6.18
C GLY D 41 -60.67 -10.04 -6.12
N PHE D 42 -60.66 -10.74 -7.27
CA PHE D 42 -60.71 -12.22 -7.34
C PHE D 42 -59.29 -12.78 -7.30
N ARG D 43 -59.14 -14.00 -6.78
CA ARG D 43 -57.85 -14.71 -6.61
C ARG D 43 -57.62 -15.59 -7.85
N ILE D 44 -56.61 -15.25 -8.66
CA ILE D 44 -56.37 -15.80 -10.02
C ILE D 44 -55.01 -16.49 -10.05
N MET D 45 -54.97 -17.69 -10.64
CA MET D 45 -53.70 -18.38 -10.99
C MET D 45 -53.61 -18.46 -12.52
N LEU D 46 -52.46 -18.09 -13.08
CA LEU D 46 -52.15 -18.21 -14.53
C LEU D 46 -51.19 -19.38 -14.74
N LEU D 47 -51.53 -20.30 -15.64
CA LEU D 47 -50.69 -21.46 -16.00
C LEU D 47 -50.31 -21.34 -17.47
N ASP D 48 -49.03 -21.52 -17.80
CA ASP D 48 -48.55 -21.58 -19.20
C ASP D 48 -47.42 -22.60 -19.30
N GLY D 49 -47.41 -23.37 -20.40
CA GLY D 49 -46.32 -24.32 -20.73
C GLY D 49 -45.06 -23.59 -21.17
N ALA D 50 -45.19 -22.36 -21.67
CA ALA D 50 -44.06 -21.51 -22.11
C ALA D 50 -43.69 -20.50 -21.02
N HIS D 51 -42.73 -19.62 -21.32
CA HIS D 51 -42.28 -18.48 -20.46
C HIS D 51 -42.15 -17.21 -21.32
N HIS D 52 -42.64 -16.06 -20.83
CA HIS D 52 -42.41 -14.74 -21.47
C HIS D 52 -40.94 -14.37 -21.30
N PRO D 53 -40.28 -13.82 -22.34
CA PRO D 53 -40.90 -13.51 -23.63
C PRO D 53 -41.01 -14.71 -24.58
N ARG D 54 -41.97 -14.67 -25.50
CA ARG D 54 -42.12 -15.71 -26.56
C ARG D 54 -42.89 -15.17 -27.76
N PHE D 55 -42.55 -15.68 -28.94
CA PHE D 55 -43.27 -15.46 -30.22
C PHE D 55 -44.72 -15.92 -30.09
N ALA D 56 -45.63 -15.19 -30.72
CA ALA D 56 -47.03 -15.59 -30.97
C ALA D 56 -47.50 -14.92 -32.27
N VAL D 57 -48.24 -15.66 -33.10
CA VAL D 57 -48.91 -15.11 -34.32
C VAL D 57 -50.15 -14.33 -33.90
N GLY D 58 -50.68 -13.50 -34.80
CA GLY D 58 -51.86 -12.64 -34.53
C GLY D 58 -51.44 -11.21 -34.36
N GLU D 59 -50.85 -10.63 -35.39
CA GLU D 59 -50.00 -9.42 -35.30
C GLU D 59 -50.76 -8.19 -35.81
N SER D 60 -51.59 -8.35 -36.84
CA SER D 60 -52.34 -7.24 -37.50
C SER D 60 -53.67 -6.99 -36.76
N THR D 61 -53.96 -5.73 -36.42
CA THR D 61 -55.22 -5.32 -35.74
C THR D 61 -56.18 -4.69 -36.76
N ILE D 62 -57.46 -4.58 -36.39
CA ILE D 62 -58.54 -3.96 -37.22
C ILE D 62 -59.32 -2.99 -36.33
N GLY D 63 -60.12 -2.12 -36.95
CA GLY D 63 -60.95 -1.11 -36.24
C GLY D 63 -61.78 -1.73 -35.13
N GLN D 64 -62.39 -2.89 -35.37
CA GLN D 64 -63.31 -3.53 -34.40
C GLN D 64 -62.54 -3.93 -33.13
N THR D 65 -61.32 -4.47 -33.27
CA THR D 65 -60.46 -4.82 -32.10
C THR D 65 -60.14 -3.54 -31.30
N LEU D 66 -59.79 -2.46 -31.99
CA LEU D 66 -59.44 -1.15 -31.36
C LEU D 66 -60.61 -0.69 -30.49
N VAL D 67 -61.83 -0.62 -31.03
CA VAL D 67 -63.02 -0.06 -30.31
C VAL D 67 -63.47 -1.01 -29.19
N VAL D 68 -63.37 -2.32 -29.37
CA VAL D 68 -63.79 -3.32 -28.34
C VAL D 68 -62.75 -3.32 -27.19
N LEU D 69 -61.45 -3.21 -27.52
CA LEU D 69 -60.38 -3.06 -26.50
C LEU D 69 -60.68 -1.84 -25.63
N ARG D 70 -61.14 -0.73 -26.22
CA ARG D 70 -61.49 0.52 -25.49
C ARG D 70 -62.74 0.28 -24.64
N LEU D 71 -63.76 -0.37 -25.19
CA LEU D 71 -65.01 -0.77 -24.50
C LEU D 71 -64.66 -1.59 -23.25
N ILE D 72 -63.84 -2.65 -23.41
CA ILE D 72 -63.42 -3.56 -22.30
C ILE D 72 -62.68 -2.73 -21.24
N SER D 73 -61.75 -1.88 -21.66
CA SER D 73 -60.90 -1.06 -20.75
C SER D 73 -61.79 -0.20 -19.84
N ASP D 74 -62.71 0.56 -20.42
CA ASP D 74 -63.56 1.53 -19.67
C ASP D 74 -64.64 0.80 -18.85
N ARG D 75 -65.20 -0.29 -19.38
CA ARG D 75 -66.30 -1.06 -18.72
C ARG D 75 -65.77 -1.79 -17.48
N TYR D 76 -64.60 -2.42 -17.58
CA TYR D 76 -64.01 -3.27 -16.51
C TYR D 76 -62.91 -2.53 -15.74
N GLY D 77 -62.52 -1.32 -16.18
CA GLY D 77 -61.65 -0.40 -15.43
C GLY D 77 -60.19 -0.82 -15.45
N VAL D 78 -59.70 -1.32 -16.60
CA VAL D 78 -58.30 -1.77 -16.82
C VAL D 78 -57.67 -0.87 -17.88
N PRO D 79 -56.93 0.19 -17.47
CA PRO D 79 -56.31 1.13 -18.42
C PRO D 79 -55.34 0.49 -19.44
N GLU D 80 -54.58 -0.52 -19.01
CA GLU D 80 -53.52 -1.18 -19.82
C GLU D 80 -54.10 -1.72 -21.12
N ILE D 81 -55.36 -2.16 -21.12
CA ILE D 81 -56.01 -2.76 -22.31
C ILE D 81 -56.24 -1.65 -23.36
N ALA D 82 -56.55 -0.43 -22.93
CA ALA D 82 -56.75 0.74 -23.82
C ALA D 82 -55.45 1.13 -24.52
N ASN D 83 -54.29 0.78 -23.96
CA ASN D 83 -52.96 1.17 -24.51
C ASN D 83 -52.66 0.35 -25.77
N LEU D 84 -53.36 -0.77 -25.98
CA LEU D 84 -53.22 -1.64 -27.18
C LEU D 84 -54.12 -1.13 -28.31
N ALA D 85 -55.00 -0.15 -28.03
CA ALA D 85 -56.11 0.26 -28.91
C ALA D 85 -55.69 1.37 -29.88
N SER D 86 -54.41 1.78 -29.87
CA SER D 86 -53.85 2.74 -30.86
C SER D 86 -52.33 2.54 -31.03
N PHE D 87 -51.82 2.73 -32.25
CA PHE D 87 -50.39 2.67 -32.60
C PHE D 87 -49.58 3.60 -31.67
N GLN D 88 -50.11 4.80 -31.39
CA GLN D 88 -49.45 5.84 -30.53
C GLN D 88 -49.25 5.28 -29.11
N ASP D 89 -50.31 4.77 -28.49
CA ASP D 89 -50.31 4.32 -27.07
C ASP D 89 -49.49 3.03 -26.93
N VAL D 90 -49.45 2.19 -27.97
CA VAL D 90 -48.64 0.93 -27.98
C VAL D 90 -47.16 1.30 -27.92
N LEU D 91 -46.71 2.22 -28.79
CA LEU D 91 -45.33 2.76 -28.84
C LEU D 91 -44.98 3.40 -27.48
N ALA D 92 -45.87 4.23 -26.95
CA ALA D 92 -45.67 5.04 -25.72
C ALA D 92 -45.61 4.17 -24.46
N ASN D 93 -46.35 3.05 -24.40
CA ASN D 93 -46.63 2.32 -23.14
C ASN D 93 -46.11 0.88 -23.16
N VAL D 94 -46.07 0.22 -24.32
CA VAL D 94 -45.71 -1.23 -24.44
C VAL D 94 -44.23 -1.35 -24.82
N SER D 95 -43.84 -0.87 -26.00
CA SER D 95 -42.44 -0.84 -26.52
C SER D 95 -42.43 -0.23 -27.91
N SER D 96 -41.24 0.02 -28.46
CA SER D 96 -41.03 0.72 -29.76
C SER D 96 -41.08 -0.29 -30.91
N SER D 97 -41.29 -1.58 -30.61
CA SER D 97 -40.98 -2.72 -31.52
C SER D 97 -42.15 -3.05 -32.45
N HIS D 98 -43.17 -2.20 -32.50
CA HIS D 98 -44.43 -2.45 -33.27
C HIS D 98 -44.41 -1.65 -34.58
N GLY D 99 -45.17 -2.13 -35.57
CA GLY D 99 -45.38 -1.45 -36.87
C GLY D 99 -46.70 -0.71 -36.91
N GLN D 100 -46.88 0.20 -37.88
CA GLN D 100 -48.17 0.90 -38.11
C GLN D 100 -49.01 0.08 -39.09
N LYS D 101 -50.34 0.27 -39.06
CA LYS D 101 -51.29 -0.26 -40.08
C LYS D 101 -52.24 0.86 -40.49
N SER D 102 -51.96 1.53 -41.60
CA SER D 102 -52.80 2.62 -42.16
C SER D 102 -53.93 2.03 -43.03
N ASN D 103 -53.72 0.82 -43.57
CA ASN D 103 -54.59 0.22 -44.63
C ASN D 103 -54.47 -1.31 -44.65
N PHE D 104 -55.48 -1.97 -45.24
CA PHE D 104 -55.40 -3.34 -45.79
C PHE D 104 -55.10 -3.22 -47.28
N GLY D 105 -54.06 -3.89 -47.79
CA GLY D 105 -53.70 -3.89 -49.21
C GLY D 105 -53.87 -5.27 -49.83
N PHE D 106 -54.42 -5.32 -51.04
CA PHE D 106 -54.69 -6.58 -51.79
C PHE D 106 -54.14 -6.43 -53.21
N MET D 107 -53.27 -7.35 -53.61
CA MET D 107 -52.58 -7.36 -54.93
C MET D 107 -52.65 -8.78 -55.52
N PHE D 108 -53.33 -8.93 -56.67
CA PHE D 108 -53.48 -10.22 -57.39
C PHE D 108 -52.21 -10.52 -58.20
N HIS D 109 -51.74 -11.77 -58.16
CA HIS D 109 -50.61 -12.30 -58.96
C HIS D 109 -51.02 -13.60 -59.63
N ARG D 110 -50.57 -13.83 -60.87
CA ARG D 110 -50.68 -15.12 -61.60
C ARG D 110 -49.25 -15.63 -61.86
N ASP D 111 -49.09 -16.96 -61.92
CA ASP D 111 -47.78 -17.63 -62.12
C ASP D 111 -47.04 -17.02 -63.32
N GLY D 112 -45.82 -16.53 -63.09
CA GLY D 112 -44.88 -16.07 -64.13
C GLY D 112 -45.17 -14.68 -64.63
N GLU D 113 -46.18 -14.00 -64.08
CA GLU D 113 -46.70 -12.70 -64.60
C GLU D 113 -46.49 -11.58 -63.57
N GLU D 114 -46.19 -10.36 -64.06
CA GLU D 114 -46.22 -9.10 -63.27
C GLU D 114 -47.65 -8.90 -62.80
N PRO D 115 -47.88 -8.30 -61.60
CA PRO D 115 -49.24 -8.08 -61.11
C PRO D 115 -49.98 -7.05 -61.97
N ASP D 116 -51.27 -7.27 -62.21
CA ASP D 116 -52.15 -6.36 -62.99
C ASP D 116 -52.54 -5.18 -62.11
N PRO D 117 -52.10 -3.94 -62.44
CA PRO D 117 -52.39 -2.76 -61.61
C PRO D 117 -53.89 -2.44 -61.45
N ASN D 118 -54.76 -3.03 -62.28
CA ASN D 118 -56.24 -2.87 -62.20
C ASN D 118 -56.85 -3.95 -61.29
N GLU D 119 -56.05 -4.96 -60.89
CA GLU D 119 -56.49 -6.08 -60.00
C GLU D 119 -55.88 -5.88 -58.61
N THR D 120 -56.01 -4.69 -58.02
CA THR D 120 -55.60 -4.39 -56.62
C THR D 120 -56.80 -3.82 -55.86
N SER D 121 -56.78 -3.92 -54.53
CA SER D 121 -57.75 -3.25 -53.63
C SER D 121 -56.97 -2.67 -52.44
N GLN D 122 -57.41 -1.51 -51.94
CA GLN D 122 -56.93 -0.95 -50.66
C GLN D 122 -58.11 -0.38 -49.89
N PHE D 123 -58.16 -0.67 -48.59
CA PHE D 123 -59.08 -0.02 -47.62
C PHE D 123 -58.23 0.71 -46.58
N ARG D 124 -58.17 2.05 -46.69
CA ARG D 124 -57.48 2.91 -45.70
C ARG D 124 -58.41 3.04 -44.49
N ILE D 125 -57.91 2.72 -43.29
CA ILE D 125 -58.73 2.67 -42.05
C ILE D 125 -59.09 4.09 -41.67
N PRO D 126 -60.40 4.43 -41.54
CA PRO D 126 -60.80 5.77 -41.11
C PRO D 126 -60.39 6.03 -39.66
N SER D 127 -60.03 7.30 -39.34
CA SER D 127 -59.56 7.75 -38.02
C SER D 127 -60.62 7.51 -36.94
N ILE D 128 -61.91 7.60 -37.28
CA ILE D 128 -63.05 7.48 -36.32
C ILE D 128 -62.90 6.20 -35.48
N VAL D 129 -62.48 5.08 -36.09
CA VAL D 129 -62.32 3.76 -35.40
C VAL D 129 -60.99 3.72 -34.63
N GLY D 130 -59.95 4.42 -35.11
CA GLY D 130 -58.67 4.60 -34.41
C GLY D 130 -57.49 4.26 -35.29
N ASN D 131 -56.27 4.35 -34.75
CA ASN D 131 -55.00 4.05 -35.46
C ASN D 131 -54.55 2.63 -35.11
N ALA D 132 -54.60 1.73 -36.11
CA ALA D 132 -54.28 0.29 -35.98
C ALA D 132 -52.76 0.11 -36.01
N ALA D 133 -52.27 -1.04 -35.53
CA ALA D 133 -50.83 -1.35 -35.43
C ALA D 133 -50.57 -2.78 -35.93
N HIS D 134 -49.32 -3.05 -36.29
CA HIS D 134 -48.72 -4.41 -36.37
C HIS D 134 -48.11 -4.73 -35.00
N PHE D 135 -48.77 -5.61 -34.23
CA PHE D 135 -48.34 -6.06 -32.88
C PHE D 135 -47.16 -7.03 -33.01
N PHE D 136 -46.01 -6.66 -32.46
CA PHE D 136 -44.90 -7.58 -32.09
C PHE D 136 -45.36 -8.27 -30.80
N ARG D 137 -45.94 -9.47 -30.94
CA ARG D 137 -46.78 -10.11 -29.89
C ARG D 137 -45.95 -10.45 -28.64
N GLN D 138 -44.69 -10.82 -28.78
CA GLN D 138 -43.78 -11.08 -27.63
C GLN D 138 -43.83 -9.90 -26.64
N ASP D 139 -43.96 -8.66 -27.13
CA ASP D 139 -43.93 -7.43 -26.30
C ASP D 139 -45.34 -7.10 -25.81
N THR D 140 -46.33 -7.17 -26.69
CA THR D 140 -47.77 -7.04 -26.35
C THR D 140 -48.11 -8.03 -25.22
N ASP D 141 -47.72 -9.29 -25.38
CA ASP D 141 -48.12 -10.38 -24.45
C ASP D 141 -47.35 -10.24 -23.14
N SER D 142 -46.05 -9.91 -23.18
CA SER D 142 -45.24 -9.62 -21.97
C SER D 142 -45.90 -8.50 -21.17
N TYR D 143 -46.28 -7.41 -21.85
CA TYR D 143 -46.88 -6.19 -21.24
C TYR D 143 -48.15 -6.58 -20.45
N MET D 144 -49.03 -7.36 -21.06
CA MET D 144 -50.34 -7.71 -20.43
C MET D 144 -50.11 -8.74 -19.31
N PHE D 145 -49.09 -9.59 -19.41
CA PHE D 145 -48.68 -10.54 -18.36
C PHE D 145 -48.22 -9.77 -17.12
N HIS D 146 -47.31 -8.80 -17.30
CA HIS D 146 -46.78 -7.93 -16.21
C HIS D 146 -47.94 -7.21 -15.51
N ALA D 147 -48.89 -6.67 -16.27
CA ALA D 147 -50.09 -5.99 -15.73
C ALA D 147 -50.91 -6.95 -14.85
N ALA D 148 -51.15 -8.18 -15.32
CA ALA D 148 -51.96 -9.21 -14.63
C ALA D 148 -51.32 -9.55 -13.28
N VAL D 149 -50.01 -9.76 -13.27
CA VAL D 149 -49.23 -10.08 -12.03
C VAL D 149 -49.26 -8.84 -11.12
N ARG D 150 -49.13 -7.64 -11.70
CA ARG D 150 -49.19 -6.35 -10.93
C ARG D 150 -50.53 -6.25 -10.20
N TYR D 151 -51.64 -6.65 -10.85
CA TYR D 151 -53.00 -6.61 -10.27
C TYR D 151 -53.15 -7.68 -9.19
N GLY D 152 -52.24 -8.66 -9.14
CA GLY D 152 -52.16 -9.67 -8.06
C GLY D 152 -52.47 -11.08 -8.53
N CYS D 153 -52.45 -11.36 -9.85
CA CYS D 153 -52.48 -12.74 -10.41
C CYS D 153 -51.18 -13.47 -10.03
N ASP D 154 -51.31 -14.68 -9.48
CA ASP D 154 -50.18 -15.64 -9.34
C ASP D 154 -49.95 -16.29 -10.71
N ALA D 155 -48.75 -16.81 -10.95
CA ALA D 155 -48.37 -17.38 -12.26
C ALA D 155 -47.40 -18.55 -12.05
N ARG D 156 -47.57 -19.61 -12.84
CA ARG D 156 -46.61 -20.72 -12.98
C ARG D 156 -46.33 -20.89 -14.47
N GLN D 157 -45.11 -20.58 -14.89
CA GLN D 157 -44.63 -20.68 -16.29
C GLN D 157 -43.78 -21.95 -16.38
N TYR D 158 -43.56 -22.45 -17.61
CA TYR D 158 -43.00 -23.80 -17.89
C TYR D 158 -43.81 -24.85 -17.11
N TYR D 159 -45.13 -24.67 -17.03
CA TYR D 159 -46.07 -25.57 -16.29
C TYR D 159 -46.87 -26.39 -17.29
N ARG D 160 -46.70 -27.72 -17.24
CA ARG D 160 -47.37 -28.68 -18.16
C ARG D 160 -48.55 -29.30 -17.43
N VAL D 161 -49.77 -29.00 -17.88
CA VAL D 161 -51.06 -29.54 -17.37
C VAL D 161 -51.21 -30.99 -17.86
N GLU D 162 -51.24 -31.96 -16.93
CA GLU D 162 -51.37 -33.42 -17.23
C GLU D 162 -52.82 -33.88 -17.04
N ASN D 163 -53.57 -33.27 -16.11
CA ASN D 163 -54.98 -33.68 -15.85
C ASN D 163 -55.80 -32.49 -15.34
N ILE D 164 -57.09 -32.48 -15.71
CA ILE D 164 -58.10 -31.47 -15.27
C ILE D 164 -59.32 -32.25 -14.78
N GLU D 165 -59.67 -32.10 -13.49
CA GLU D 165 -60.72 -32.90 -12.81
C GLU D 165 -61.70 -31.96 -12.10
N PHE D 166 -62.95 -31.93 -12.55
CA PHE D 166 -64.05 -31.14 -11.94
C PHE D 166 -64.81 -32.00 -10.93
N ASP D 167 -65.40 -31.32 -9.94
CA ASP D 167 -66.30 -31.91 -8.91
C ASP D 167 -67.31 -30.81 -8.52
N ASP D 168 -68.19 -31.11 -7.55
CA ASP D 168 -69.29 -30.19 -7.11
C ASP D 168 -68.69 -28.88 -6.55
N GLY D 169 -67.47 -28.92 -6.00
CA GLY D 169 -66.85 -27.81 -5.24
C GLY D 169 -65.86 -27.00 -6.06
N GLY D 170 -65.48 -27.46 -7.27
CA GLY D 170 -64.58 -26.71 -8.17
C GLY D 170 -63.77 -27.62 -9.06
N VAL D 171 -62.51 -27.28 -9.30
CA VAL D 171 -61.64 -27.95 -10.32
C VAL D 171 -60.23 -28.11 -9.74
N THR D 172 -59.57 -29.22 -10.08
CA THR D 172 -58.20 -29.57 -9.66
C THR D 172 -57.38 -29.81 -10.92
N VAL D 173 -56.36 -28.99 -11.13
CA VAL D 173 -55.41 -29.10 -12.27
C VAL D 173 -54.13 -29.75 -11.71
N SER D 174 -53.63 -30.79 -12.37
CA SER D 174 -52.41 -31.54 -11.97
C SER D 174 -51.29 -31.27 -12.99
N GLY D 175 -50.13 -30.82 -12.51
CA GLY D 175 -48.94 -30.56 -13.34
C GLY D 175 -48.04 -31.78 -13.42
N ALA D 176 -47.22 -31.87 -14.46
CA ALA D 176 -46.21 -32.93 -14.67
C ALA D 176 -45.14 -32.86 -13.57
N ASP D 177 -45.04 -31.75 -12.85
CA ASP D 177 -44.05 -31.52 -11.77
C ASP D 177 -44.60 -32.02 -10.43
N GLY D 178 -45.79 -32.64 -10.41
CA GLY D 178 -46.40 -33.29 -9.23
C GLY D 178 -47.29 -32.35 -8.42
N SER D 179 -47.30 -31.06 -8.74
CA SER D 179 -48.13 -30.04 -8.03
C SER D 179 -49.58 -30.10 -8.52
N THR D 180 -50.49 -29.48 -7.76
CA THR D 180 -51.91 -29.28 -8.15
C THR D 180 -52.30 -27.84 -7.86
N VAL D 181 -53.18 -27.28 -8.68
CA VAL D 181 -53.88 -25.99 -8.44
C VAL D 181 -55.37 -26.29 -8.25
N ARG D 182 -55.95 -25.75 -7.17
CA ARG D 182 -57.40 -25.86 -6.84
C ARG D 182 -58.06 -24.50 -7.10
N ALA D 183 -59.13 -24.48 -7.89
CA ALA D 183 -59.91 -23.25 -8.21
C ALA D 183 -61.41 -23.55 -8.20
N ARG D 184 -62.22 -22.51 -8.21
CA ARG D 184 -63.71 -22.63 -8.30
C ARG D 184 -64.12 -22.71 -9.79
N TYR D 185 -63.25 -22.27 -10.69
CA TYR D 185 -63.57 -22.11 -12.13
C TYR D 185 -62.28 -22.22 -12.96
N LEU D 186 -62.40 -22.74 -14.18
CA LEU D 186 -61.29 -22.86 -15.15
C LEU D 186 -61.66 -22.11 -16.43
N VAL D 187 -60.76 -21.26 -16.90
CA VAL D 187 -60.78 -20.70 -18.28
C VAL D 187 -59.60 -21.31 -19.04
N ASP D 188 -59.86 -21.97 -20.17
CA ASP D 188 -58.81 -22.39 -21.12
C ASP D 188 -58.65 -21.28 -22.17
N ALA D 189 -57.47 -20.64 -22.18
CA ALA D 189 -57.11 -19.50 -23.06
C ALA D 189 -55.87 -19.85 -23.88
N SER D 190 -55.59 -21.14 -24.08
CA SER D 190 -54.51 -21.65 -24.96
C SER D 190 -55.03 -21.62 -26.41
N GLY D 191 -54.27 -22.17 -27.35
CA GLY D 191 -54.65 -22.15 -28.78
C GLY D 191 -55.11 -23.51 -29.26
N PHE D 192 -54.55 -23.97 -30.39
CA PHE D 192 -54.80 -25.29 -31.02
C PHE D 192 -54.73 -26.40 -29.97
N ARG D 193 -53.67 -26.40 -29.14
CA ARG D 193 -53.29 -27.52 -28.24
C ARG D 193 -54.01 -27.42 -26.89
N SER D 194 -55.13 -26.69 -26.82
CA SER D 194 -55.99 -26.51 -25.63
C SER D 194 -56.11 -27.83 -24.85
N PRO D 195 -55.58 -27.89 -23.61
CA PRO D 195 -55.72 -29.09 -22.77
C PRO D 195 -57.19 -29.45 -22.46
N LEU D 196 -58.03 -28.45 -22.19
CA LEU D 196 -59.46 -28.67 -21.81
C LEU D 196 -60.23 -29.20 -23.04
N ALA D 197 -59.97 -28.66 -24.23
CA ALA D 197 -60.59 -29.11 -25.49
C ALA D 197 -60.27 -30.59 -25.70
N ARG D 198 -58.99 -30.95 -25.58
CA ARG D 198 -58.47 -32.33 -25.73
C ARG D 198 -59.10 -33.25 -24.66
N GLN D 199 -58.96 -32.92 -23.37
CA GLN D 199 -59.24 -33.83 -22.24
C GLN D 199 -60.75 -34.06 -22.04
N LEU D 200 -61.59 -33.09 -22.42
CA LEU D 200 -63.08 -33.21 -22.36
C LEU D 200 -63.63 -33.60 -23.75
N GLY D 201 -62.75 -33.86 -24.73
CA GLY D 201 -63.10 -34.22 -26.11
C GLY D 201 -64.15 -33.29 -26.70
N LEU D 202 -63.89 -31.98 -26.67
CA LEU D 202 -64.85 -30.92 -27.11
C LEU D 202 -64.71 -30.63 -28.62
N ARG D 203 -63.65 -31.08 -29.27
CA ARG D 203 -63.39 -30.78 -30.70
C ARG D 203 -64.41 -31.51 -31.58
N GLU D 204 -64.99 -30.81 -32.56
CA GLU D 204 -65.78 -31.40 -33.67
C GLU D 204 -64.82 -32.09 -34.63
N GLU D 205 -64.96 -33.42 -34.79
CA GLU D 205 -64.07 -34.25 -35.64
C GLU D 205 -64.95 -35.20 -36.45
N PRO D 206 -65.17 -34.94 -37.76
CA PRO D 206 -64.53 -33.84 -38.48
C PRO D 206 -65.18 -32.46 -38.22
N SER D 207 -64.45 -31.39 -38.50
CA SER D 207 -64.88 -29.98 -38.29
C SER D 207 -66.02 -29.61 -39.23
N ARG D 208 -66.97 -28.79 -38.75
CA ARG D 208 -68.16 -28.29 -39.49
C ARG D 208 -67.79 -27.11 -40.41
N LEU D 209 -66.51 -26.75 -40.53
CA LEU D 209 -66.04 -25.50 -41.18
C LEU D 209 -65.78 -25.75 -42.68
N LYS D 210 -66.26 -24.85 -43.53
CA LYS D 210 -66.14 -24.91 -45.01
C LYS D 210 -64.72 -24.51 -45.43
N HIS D 211 -64.12 -23.50 -44.78
CA HIS D 211 -62.78 -22.99 -45.14
C HIS D 211 -61.71 -24.07 -44.91
N HIS D 212 -60.82 -24.25 -45.89
CA HIS D 212 -59.63 -25.15 -45.84
C HIS D 212 -58.37 -24.33 -46.13
N ALA D 213 -57.40 -24.33 -45.22
CA ALA D 213 -56.07 -23.70 -45.43
C ALA D 213 -55.04 -24.22 -44.41
N ARG D 214 -53.85 -24.55 -44.90
CA ARG D 214 -52.61 -24.79 -44.11
C ARG D 214 -51.67 -23.60 -44.29
N SER D 215 -50.68 -23.45 -43.40
CA SER D 215 -49.82 -22.23 -43.32
C SER D 215 -48.33 -22.61 -43.23
N ILE D 216 -47.49 -21.74 -43.80
CA ILE D 216 -46.02 -21.64 -43.56
C ILE D 216 -45.72 -20.19 -43.19
N PHE D 217 -45.08 -19.93 -42.06
CA PHE D 217 -44.81 -18.55 -41.58
C PHE D 217 -43.55 -18.49 -40.72
N THR D 218 -42.98 -17.28 -40.62
CA THR D 218 -41.72 -16.96 -39.91
C THR D 218 -41.61 -15.43 -39.78
N HIS D 219 -40.56 -14.97 -39.10
CA HIS D 219 -40.12 -13.55 -39.06
C HIS D 219 -38.86 -13.42 -39.91
N MET D 220 -38.78 -12.40 -40.77
CA MET D 220 -37.64 -12.18 -41.66
C MET D 220 -37.02 -10.80 -41.37
N VAL D 221 -35.75 -10.65 -41.70
CA VAL D 221 -35.02 -9.35 -41.72
C VAL D 221 -34.68 -9.06 -43.19
N GLY D 222 -34.68 -7.80 -43.59
CA GLY D 222 -34.32 -7.38 -44.97
C GLY D 222 -35.46 -7.53 -45.97
N VAL D 223 -36.72 -7.34 -45.54
CA VAL D 223 -37.89 -7.32 -46.46
C VAL D 223 -38.12 -5.87 -46.92
N ASP D 224 -38.24 -5.66 -48.24
CA ASP D 224 -38.46 -4.34 -48.87
C ASP D 224 -39.96 -4.04 -48.95
N ALA D 225 -40.29 -2.76 -49.18
CA ALA D 225 -41.66 -2.29 -49.54
C ALA D 225 -41.97 -2.79 -50.96
N ILE D 226 -43.12 -3.44 -51.14
CA ILE D 226 -43.65 -3.87 -52.47
C ILE D 226 -43.75 -2.64 -53.39
N ASP D 227 -43.91 -1.45 -52.82
CA ASP D 227 -44.03 -0.14 -53.52
C ASP D 227 -42.81 0.12 -54.42
N ASP D 228 -41.63 -0.32 -53.99
CA ASP D 228 -40.33 -0.05 -54.69
C ASP D 228 -40.00 -1.20 -55.66
N HIS D 229 -40.90 -2.17 -55.83
CA HIS D 229 -40.63 -3.40 -56.63
C HIS D 229 -41.77 -3.70 -57.61
N VAL D 230 -42.70 -2.76 -57.82
CA VAL D 230 -43.77 -2.86 -58.86
C VAL D 230 -43.69 -1.63 -59.77
N ASP D 231 -43.79 -1.84 -61.09
CA ASP D 231 -43.87 -0.76 -62.10
C ASP D 231 -45.36 -0.44 -62.33
N THR D 232 -45.95 0.34 -61.42
CA THR D 232 -47.37 0.75 -61.43
C THR D 232 -47.48 2.15 -62.06
N PRO D 233 -48.27 2.32 -63.14
CA PRO D 233 -48.53 3.65 -63.69
C PRO D 233 -48.99 4.62 -62.57
N ALA D 234 -48.56 5.88 -62.65
CA ALA D 234 -48.69 6.90 -61.58
C ALA D 234 -50.12 6.96 -61.04
N GLU D 235 -51.13 6.95 -61.91
CA GLU D 235 -52.54 7.23 -61.56
C GLU D 235 -53.19 6.02 -60.87
N LEU D 236 -52.60 4.83 -60.99
CA LEU D 236 -53.15 3.57 -60.41
C LEU D 236 -52.42 3.22 -59.09
N ARG D 237 -51.44 4.03 -58.68
CA ARG D 237 -50.74 3.89 -57.38
C ARG D 237 -51.73 4.18 -56.26
N PRO D 238 -51.66 3.45 -55.13
CA PRO D 238 -52.57 3.67 -54.02
C PRO D 238 -52.33 5.01 -53.34
N PRO D 239 -53.36 5.64 -52.71
CA PRO D 239 -53.20 6.93 -52.05
C PRO D 239 -52.39 6.91 -50.75
N VAL D 240 -52.14 5.72 -50.17
CA VAL D 240 -51.14 5.50 -49.08
C VAL D 240 -50.30 4.28 -49.43
N PRO D 241 -49.01 4.24 -49.04
CA PRO D 241 -48.15 3.12 -49.42
C PRO D 241 -48.72 1.76 -48.96
N TRP D 242 -48.56 0.75 -49.81
CA TRP D 242 -48.81 -0.69 -49.50
C TRP D 242 -48.07 -1.08 -48.21
N ASN D 243 -46.81 -0.64 -48.08
CA ASN D 243 -45.90 -1.02 -46.98
C ASN D 243 -46.36 -0.44 -45.65
N ASP D 244 -47.20 0.60 -45.66
CA ASP D 244 -47.69 1.27 -44.41
C ASP D 244 -48.85 0.47 -43.80
N GLY D 245 -49.27 -0.63 -44.43
CA GLY D 245 -50.33 -1.51 -43.90
C GLY D 245 -49.98 -2.98 -44.01
N THR D 246 -50.96 -3.85 -43.74
CA THR D 246 -50.90 -5.31 -44.00
C THR D 246 -51.14 -5.53 -45.50
N MET D 247 -50.13 -5.98 -46.23
CA MET D 247 -50.23 -6.34 -47.67
C MET D 247 -50.65 -7.81 -47.78
N HIS D 248 -51.68 -8.08 -48.60
CA HIS D 248 -52.19 -9.44 -48.93
C HIS D 248 -51.90 -9.73 -50.40
N HIS D 249 -50.90 -10.57 -50.69
CA HIS D 249 -50.54 -11.04 -52.05
C HIS D 249 -51.44 -12.25 -52.40
N ILE D 250 -52.45 -12.04 -53.25
CA ILE D 250 -53.53 -13.03 -53.57
C ILE D 250 -53.12 -13.82 -54.82
N PHE D 251 -53.36 -15.14 -54.80
CA PHE D 251 -53.18 -16.06 -55.95
C PHE D 251 -54.25 -17.15 -55.89
N GLU D 252 -54.23 -18.07 -56.86
CA GLU D 252 -55.18 -19.22 -56.96
C GLU D 252 -55.19 -19.98 -55.63
N ARG D 253 -56.29 -19.85 -54.87
CA ARG D 253 -56.63 -20.63 -53.65
C ARG D 253 -55.51 -20.48 -52.61
N GLY D 254 -55.17 -19.24 -52.26
CA GLY D 254 -54.13 -18.91 -51.28
C GLY D 254 -53.78 -17.43 -51.27
N TRP D 255 -53.03 -17.00 -50.26
CA TRP D 255 -52.51 -15.62 -50.13
C TRP D 255 -51.30 -15.63 -49.20
N MET D 256 -50.34 -14.72 -49.46
CA MET D 256 -49.15 -14.43 -48.62
C MET D 256 -49.39 -13.11 -47.88
N TRP D 257 -49.01 -13.01 -46.61
CA TRP D 257 -49.10 -11.75 -45.82
C TRP D 257 -47.71 -11.12 -45.67
N ILE D 258 -47.64 -9.78 -45.68
CA ILE D 258 -46.42 -8.99 -45.38
C ILE D 258 -46.80 -7.95 -44.32
N ILE D 259 -46.31 -8.14 -43.10
CA ILE D 259 -46.66 -7.34 -41.88
C ILE D 259 -45.35 -6.80 -41.30
N PRO D 260 -44.80 -5.71 -41.89
CA PRO D 260 -43.55 -5.12 -41.40
C PRO D 260 -43.71 -4.43 -40.03
N PHE D 261 -42.67 -4.50 -39.20
CA PHE D 261 -42.58 -3.81 -37.89
C PHE D 261 -41.74 -2.53 -38.02
N ASN D 262 -41.11 -2.32 -39.19
CA ASN D 262 -40.15 -1.21 -39.45
C ASN D 262 -40.76 -0.20 -40.44
N ASN D 263 -42.09 -0.15 -40.58
CA ASN D 263 -42.77 0.60 -41.66
C ASN D 263 -43.15 2.01 -41.19
N HIS D 264 -42.34 2.62 -40.30
CA HIS D 264 -42.46 4.04 -39.88
C HIS D 264 -41.06 4.57 -39.59
N PRO D 265 -40.82 5.91 -39.68
CA PRO D 265 -39.47 6.46 -39.56
C PRO D 265 -38.84 6.24 -38.17
N GLY D 266 -37.58 5.80 -38.15
CA GLY D 266 -36.77 5.53 -36.94
C GLY D 266 -37.27 4.32 -36.16
N ALA D 267 -38.05 3.44 -36.78
CA ALA D 267 -38.60 2.21 -36.15
C ALA D 267 -37.45 1.32 -35.68
N THR D 268 -37.51 0.84 -34.44
CA THR D 268 -36.39 0.09 -33.79
C THR D 268 -36.35 -1.37 -34.28
N ASN D 269 -37.51 -1.94 -34.64
CA ASN D 269 -37.66 -3.39 -34.95
C ASN D 269 -37.53 -3.61 -36.45
N PRO D 270 -36.44 -4.23 -36.93
CA PRO D 270 -36.22 -4.41 -38.37
C PRO D 270 -36.88 -5.66 -38.96
N LEU D 271 -37.65 -6.41 -38.16
CA LEU D 271 -38.26 -7.69 -38.59
C LEU D 271 -39.53 -7.42 -39.40
N CYS D 272 -39.94 -8.41 -40.19
CA CYS D 272 -41.22 -8.44 -40.96
C CYS D 272 -41.85 -9.82 -40.83
N SER D 273 -43.08 -9.90 -40.33
CA SER D 273 -43.86 -11.16 -40.26
C SER D 273 -44.29 -11.53 -41.68
N VAL D 274 -43.89 -12.71 -42.14
CA VAL D 274 -44.19 -13.23 -43.51
C VAL D 274 -44.77 -14.64 -43.38
N GLY D 275 -45.85 -14.93 -44.12
CA GLY D 275 -46.51 -16.24 -44.14
C GLY D 275 -47.40 -16.43 -45.36
N ILE D 276 -47.71 -17.69 -45.67
CA ILE D 276 -48.56 -18.09 -46.83
C ILE D 276 -49.69 -19.01 -46.32
N GLN D 277 -50.93 -18.73 -46.73
CA GLN D 277 -52.11 -19.61 -46.51
C GLN D 277 -52.42 -20.34 -47.82
N LEU D 278 -52.44 -21.68 -47.78
CA LEU D 278 -52.67 -22.54 -48.97
C LEU D 278 -53.87 -23.45 -48.69
N ASP D 279 -54.80 -23.54 -49.64
CA ASP D 279 -55.84 -24.60 -49.68
C ASP D 279 -55.15 -25.94 -49.94
N GLU D 280 -55.14 -26.83 -48.93
CA GLU D 280 -54.37 -28.10 -48.96
C GLU D 280 -55.03 -29.10 -49.92
N ARG D 281 -56.29 -28.90 -50.30
CA ARG D 281 -57.00 -29.73 -51.32
C ARG D 281 -56.41 -29.45 -52.72
N ARG D 282 -55.93 -28.23 -52.97
CA ARG D 282 -55.40 -27.81 -54.30
C ARG D 282 -53.89 -27.58 -54.25
N TYR D 283 -53.27 -27.64 -53.07
CA TYR D 283 -51.78 -27.58 -52.89
C TYR D 283 -51.36 -28.69 -51.93
N PRO D 284 -51.09 -29.92 -52.43
CA PRO D 284 -50.82 -31.06 -51.54
C PRO D 284 -49.51 -30.88 -50.75
N ALA D 285 -49.44 -31.53 -49.58
CA ALA D 285 -48.27 -31.54 -48.68
C ALA D 285 -47.01 -31.94 -49.47
N ARG D 286 -45.94 -31.17 -49.32
CA ARG D 286 -44.61 -31.43 -49.96
C ARG D 286 -43.62 -31.82 -48.86
N PRO D 287 -43.60 -33.09 -48.41
CA PRO D 287 -42.71 -33.52 -47.33
C PRO D 287 -41.24 -33.58 -47.78
N ASP D 288 -41.01 -33.61 -49.09
CA ASP D 288 -39.66 -33.63 -49.73
C ASP D 288 -38.95 -32.28 -49.56
N LEU D 289 -39.64 -31.23 -49.09
CA LEU D 289 -39.07 -29.86 -48.93
C LEU D 289 -39.24 -29.39 -47.47
N THR D 290 -38.30 -28.56 -46.98
CA THR D 290 -38.39 -27.92 -45.63
C THR D 290 -39.44 -26.82 -45.68
N PRO D 291 -39.97 -26.39 -44.51
CA PRO D 291 -40.89 -25.26 -44.45
C PRO D 291 -40.40 -24.06 -45.30
N GLU D 292 -39.09 -23.74 -45.22
CA GLU D 292 -38.44 -22.61 -45.93
C GLU D 292 -38.50 -22.85 -47.44
N GLU D 293 -38.06 -24.03 -47.91
CA GLU D 293 -37.90 -24.37 -49.35
C GLU D 293 -39.28 -24.37 -50.03
N GLU D 294 -40.33 -24.78 -49.32
CA GLU D 294 -41.73 -24.79 -49.82
C GLU D 294 -42.25 -23.36 -49.91
N PHE D 295 -41.95 -22.52 -48.92
CA PHE D 295 -42.28 -21.07 -48.93
C PHE D 295 -41.66 -20.42 -50.16
N TRP D 296 -40.37 -20.68 -50.44
CA TRP D 296 -39.61 -20.03 -51.55
C TRP D 296 -40.11 -20.52 -52.92
N SER D 297 -40.63 -21.75 -53.00
CA SER D 297 -41.13 -22.36 -54.25
C SER D 297 -42.41 -21.63 -54.70
N HIS D 298 -43.11 -21.01 -53.75
CA HIS D 298 -44.34 -20.19 -53.98
C HIS D 298 -43.95 -18.73 -54.25
N VAL D 299 -42.92 -18.22 -53.58
CA VAL D 299 -42.34 -16.86 -53.84
C VAL D 299 -41.91 -16.80 -55.32
N ASP D 300 -41.24 -17.83 -55.82
CA ASP D 300 -40.62 -17.89 -57.18
C ASP D 300 -41.69 -17.90 -58.28
N ARG D 301 -42.95 -18.16 -57.94
CA ARG D 301 -44.09 -18.16 -58.90
C ARG D 301 -44.41 -16.73 -59.35
N PHE D 302 -44.19 -15.73 -58.49
CA PHE D 302 -44.63 -14.31 -58.69
C PHE D 302 -43.43 -13.37 -58.69
N PRO D 303 -42.95 -12.93 -59.88
CA PRO D 303 -41.81 -12.02 -60.00
C PRO D 303 -41.76 -10.82 -59.03
N ALA D 304 -42.90 -10.14 -58.81
CA ALA D 304 -43.00 -8.93 -57.97
C ALA D 304 -42.75 -9.28 -56.50
N VAL D 305 -43.29 -10.41 -56.05
CA VAL D 305 -43.12 -10.93 -54.66
C VAL D 305 -41.66 -11.35 -54.48
N GLN D 306 -41.09 -11.98 -55.51
CA GLN D 306 -39.69 -12.50 -55.55
C GLN D 306 -38.71 -11.33 -55.44
N ARG D 307 -39.01 -10.20 -56.11
CA ARG D 307 -38.18 -8.97 -56.05
C ARG D 307 -38.28 -8.38 -54.63
N GLN D 308 -39.49 -8.34 -54.06
CA GLN D 308 -39.75 -7.79 -52.71
C GLN D 308 -38.94 -8.55 -51.64
N LEU D 309 -38.73 -9.87 -51.82
CA LEU D 309 -38.15 -10.77 -50.79
C LEU D 309 -36.74 -11.24 -51.16
N LYS D 310 -36.09 -10.61 -52.13
CA LYS D 310 -34.79 -11.09 -52.69
C LYS D 310 -33.70 -11.18 -51.60
N GLY D 311 -33.64 -10.19 -50.70
CA GLY D 311 -32.58 -10.11 -49.67
C GLY D 311 -33.00 -10.66 -48.32
N ALA D 312 -34.25 -11.12 -48.18
CA ALA D 312 -34.88 -11.46 -46.89
C ALA D 312 -34.32 -12.80 -46.37
N ARG D 313 -34.10 -12.89 -45.06
CA ARG D 313 -33.56 -14.07 -44.35
C ARG D 313 -34.41 -14.33 -43.10
N SER D 314 -34.72 -15.59 -42.81
CA SER D 314 -35.51 -15.99 -41.61
C SER D 314 -34.65 -15.80 -40.34
N VAL D 315 -35.22 -15.24 -39.29
CA VAL D 315 -34.58 -15.14 -37.94
C VAL D 315 -35.22 -16.16 -36.99
N ARG D 316 -36.07 -17.06 -37.50
CA ARG D 316 -36.84 -18.02 -36.67
C ARG D 316 -36.83 -19.41 -37.31
N GLU D 317 -37.02 -20.44 -36.49
CA GLU D 317 -37.41 -21.80 -36.94
C GLU D 317 -38.80 -21.66 -37.59
N TRP D 318 -38.92 -22.13 -38.83
CA TRP D 318 -40.17 -22.04 -39.62
C TRP D 318 -41.25 -22.91 -38.99
N VAL D 319 -42.49 -22.41 -38.98
CA VAL D 319 -43.72 -23.18 -38.62
C VAL D 319 -44.44 -23.57 -39.92
N ARG D 320 -44.69 -24.86 -40.10
CA ARG D 320 -45.53 -25.42 -41.20
C ARG D 320 -46.63 -26.27 -40.57
N THR D 321 -47.89 -25.92 -40.81
CA THR D 321 -49.09 -26.58 -40.25
C THR D 321 -49.69 -27.52 -41.30
N ASP D 322 -50.63 -28.38 -40.89
CA ASP D 322 -51.61 -29.04 -41.79
C ASP D 322 -52.82 -28.10 -41.86
N ARG D 323 -54.00 -28.58 -42.27
CA ARG D 323 -55.26 -27.80 -42.23
C ARG D 323 -55.38 -27.16 -40.84
N MET D 324 -55.48 -25.82 -40.78
CA MET D 324 -55.39 -25.01 -39.53
C MET D 324 -56.75 -24.90 -38.84
N GLN D 325 -57.85 -25.22 -39.53
CA GLN D 325 -59.22 -24.92 -39.05
C GLN D 325 -59.63 -25.94 -38.01
N TYR D 326 -60.31 -25.50 -36.95
CA TYR D 326 -60.86 -26.37 -35.90
C TYR D 326 -62.05 -25.64 -35.26
N SER D 327 -62.98 -26.42 -34.70
CA SER D 327 -64.25 -25.95 -34.06
C SER D 327 -64.59 -26.90 -32.90
N SER D 328 -65.53 -26.49 -32.04
CA SER D 328 -65.92 -27.20 -30.79
C SER D 328 -67.44 -27.33 -30.72
N SER D 329 -67.93 -28.51 -30.29
CA SER D 329 -69.37 -28.83 -30.08
C SER D 329 -69.91 -28.08 -28.87
N ARG D 330 -69.05 -27.79 -27.90
CA ARG D 330 -69.39 -27.16 -26.59
C ARG D 330 -68.21 -26.26 -26.17
N THR D 331 -68.47 -25.03 -25.76
CA THR D 331 -67.42 -24.03 -25.41
C THR D 331 -67.60 -23.52 -23.97
N VAL D 332 -68.67 -23.96 -23.29
CA VAL D 332 -68.89 -23.69 -21.84
C VAL D 332 -69.53 -24.93 -21.20
N GLY D 333 -69.25 -25.14 -19.92
CA GLY D 333 -69.90 -26.15 -19.06
C GLY D 333 -70.02 -25.63 -17.65
N GLU D 334 -70.39 -26.49 -16.71
CA GLU D 334 -70.41 -26.16 -15.27
C GLU D 334 -68.95 -25.93 -14.82
N ARG D 335 -68.63 -24.69 -14.44
CA ARG D 335 -67.35 -24.25 -13.81
C ARG D 335 -66.21 -24.21 -14.84
N TRP D 336 -66.49 -24.06 -16.14
CA TRP D 336 -65.43 -23.87 -17.17
C TRP D 336 -65.93 -23.14 -18.42
N CYS D 337 -65.01 -22.43 -19.08
CA CYS D 337 -65.22 -21.75 -20.38
C CYS D 337 -63.98 -21.95 -21.26
N LEU D 338 -64.22 -22.18 -22.55
CA LEU D 338 -63.19 -22.37 -23.61
C LEU D 338 -63.12 -21.07 -24.42
N MET D 339 -62.07 -20.24 -24.22
CA MET D 339 -61.91 -18.90 -24.87
C MET D 339 -61.84 -19.05 -26.40
N SER D 340 -62.05 -17.96 -27.14
CA SER D 340 -62.27 -17.95 -28.62
C SER D 340 -61.25 -18.85 -29.34
N HIS D 341 -59.96 -18.58 -29.21
CA HIS D 341 -58.88 -19.28 -29.94
C HIS D 341 -58.76 -20.74 -29.48
N ALA D 342 -59.18 -21.05 -28.24
CA ALA D 342 -59.23 -22.43 -27.70
C ALA D 342 -60.45 -23.19 -28.27
N ALA D 343 -61.52 -22.47 -28.62
CA ALA D 343 -62.80 -23.01 -29.14
C ALA D 343 -62.71 -23.28 -30.65
N GLY D 344 -62.17 -22.33 -31.42
CA GLY D 344 -62.07 -22.48 -32.89
C GLY D 344 -61.15 -21.45 -33.52
N PHE D 345 -60.66 -21.75 -34.73
CA PHE D 345 -59.90 -20.82 -35.60
C PHE D 345 -60.28 -21.03 -37.06
N ILE D 346 -60.27 -19.97 -37.86
CA ILE D 346 -60.52 -20.02 -39.33
C ILE D 346 -59.20 -19.74 -40.06
N ASP D 347 -58.74 -18.49 -40.05
CA ASP D 347 -57.63 -18.03 -40.92
C ASP D 347 -57.08 -16.71 -40.37
N PRO D 348 -55.80 -16.38 -40.66
CA PRO D 348 -55.29 -15.03 -40.45
C PRO D 348 -56.07 -13.93 -41.22
N LEU D 349 -56.59 -14.25 -42.41
CA LEU D 349 -57.19 -13.28 -43.36
C LEU D 349 -58.23 -12.42 -42.63
N PHE D 350 -58.05 -11.09 -42.69
CA PHE D 350 -58.94 -10.04 -42.12
C PHE D 350 -58.76 -9.91 -40.60
N SER D 351 -57.77 -10.60 -40.01
CA SER D 351 -57.35 -10.40 -38.61
C SER D 351 -58.56 -10.39 -37.66
N ARG D 352 -59.41 -11.43 -37.76
CA ARG D 352 -60.67 -11.55 -36.98
C ARG D 352 -60.39 -12.13 -35.59
N GLY D 353 -59.34 -12.95 -35.46
CA GLY D 353 -58.96 -13.66 -34.23
C GLY D 353 -58.99 -12.76 -32.99
N LEU D 354 -58.23 -11.66 -33.01
CA LEU D 354 -58.09 -10.73 -31.86
C LEU D 354 -59.45 -10.07 -31.55
N SER D 355 -60.22 -9.73 -32.58
CA SER D 355 -61.60 -9.18 -32.45
C SER D 355 -62.49 -10.21 -31.73
N ASN D 356 -62.49 -11.46 -32.20
CA ASN D 356 -63.28 -12.57 -31.60
C ASN D 356 -62.89 -12.72 -30.12
N THR D 357 -61.59 -12.67 -29.82
CA THR D 357 -61.02 -12.78 -28.44
C THR D 357 -61.64 -11.69 -27.55
N CYS D 358 -61.57 -10.43 -27.99
CA CYS D 358 -62.06 -9.25 -27.23
C CYS D 358 -63.58 -9.30 -27.08
N GLU D 359 -64.32 -9.79 -28.08
CA GLU D 359 -65.79 -9.94 -28.02
C GLU D 359 -66.15 -10.91 -26.88
N ILE D 360 -65.47 -12.05 -26.82
CA ILE D 360 -65.72 -13.12 -25.79
C ILE D 360 -65.37 -12.55 -24.40
N ILE D 361 -64.17 -11.97 -24.23
CA ILE D 361 -63.73 -11.35 -22.95
C ILE D 361 -64.81 -10.37 -22.47
N ASN D 362 -65.34 -9.53 -23.38
CA ASN D 362 -66.41 -8.55 -23.03
C ASN D 362 -67.64 -9.29 -22.52
N ALA D 363 -68.02 -10.39 -23.18
CA ALA D 363 -69.25 -11.18 -22.86
C ALA D 363 -69.05 -11.97 -21.56
N LEU D 364 -67.91 -12.66 -21.43
CA LEU D 364 -67.66 -13.65 -20.34
C LEU D 364 -67.45 -12.94 -18.99
N SER D 365 -66.66 -11.86 -18.98
CA SER D 365 -66.04 -11.29 -17.75
C SER D 365 -67.10 -10.97 -16.69
N TRP D 366 -68.14 -10.22 -17.03
CA TRP D 366 -69.16 -9.75 -16.06
C TRP D 366 -70.05 -10.92 -15.62
N ARG D 367 -70.27 -11.90 -16.50
CA ARG D 367 -71.06 -13.12 -16.20
C ARG D 367 -70.29 -13.98 -15.19
N LEU D 368 -69.00 -14.21 -15.43
CA LEU D 368 -68.11 -15.00 -14.55
C LEU D 368 -68.02 -14.36 -13.16
N MET D 369 -67.88 -13.03 -13.09
CA MET D 369 -67.76 -12.30 -11.80
C MET D 369 -69.09 -12.37 -11.03
N ALA D 370 -70.23 -12.30 -11.73
CA ALA D 370 -71.58 -12.49 -11.13
C ALA D 370 -71.70 -13.92 -10.59
N ALA D 371 -71.25 -14.92 -11.36
CA ALA D 371 -71.26 -16.35 -10.99
C ALA D 371 -70.42 -16.57 -9.72
N LEU D 372 -69.27 -15.91 -9.63
CA LEU D 372 -68.31 -16.03 -8.49
C LEU D 372 -68.89 -15.39 -7.23
N ARG D 373 -69.49 -14.19 -7.36
CA ARG D 373 -70.12 -13.47 -6.23
C ARG D 373 -71.24 -14.33 -5.61
N GLU D 374 -72.09 -14.94 -6.45
CA GLU D 374 -73.32 -15.66 -6.04
C GLU D 374 -73.04 -17.15 -5.80
N ASP D 375 -71.87 -17.65 -6.22
CA ASP D 375 -71.42 -19.06 -6.06
C ASP D 375 -72.37 -20.01 -6.82
N ASP D 376 -72.93 -19.56 -7.95
CA ASP D 376 -73.82 -20.36 -8.83
C ASP D 376 -73.17 -20.45 -10.22
N PHE D 377 -72.96 -21.67 -10.71
CA PHE D 377 -72.21 -21.97 -11.96
C PHE D 377 -73.10 -22.72 -12.96
N ALA D 378 -74.42 -22.57 -12.83
CA ALA D 378 -75.41 -23.09 -13.80
C ALA D 378 -75.00 -22.64 -15.21
N VAL D 379 -74.89 -23.59 -16.15
CA VAL D 379 -74.37 -23.39 -17.53
C VAL D 379 -75.27 -22.39 -18.28
N GLU D 380 -76.51 -22.20 -17.83
CA GLU D 380 -77.53 -21.35 -18.50
C GLU D 380 -77.09 -19.89 -18.49
N ARG D 381 -76.44 -19.46 -17.39
CA ARG D 381 -75.98 -18.06 -17.17
C ARG D 381 -74.99 -17.66 -18.29
N PHE D 382 -74.34 -18.64 -18.93
CA PHE D 382 -73.31 -18.45 -19.99
C PHE D 382 -73.81 -18.92 -21.36
N ALA D 383 -75.14 -19.06 -21.53
CA ALA D 383 -75.77 -19.49 -22.80
C ALA D 383 -75.33 -18.55 -23.94
N TYR D 384 -75.45 -17.23 -23.73
CA TYR D 384 -75.13 -16.20 -24.74
C TYR D 384 -73.66 -16.29 -25.15
N VAL D 385 -72.77 -16.62 -24.22
CA VAL D 385 -71.30 -16.78 -24.46
C VAL D 385 -71.09 -17.90 -25.48
N GLU D 386 -71.76 -19.04 -25.31
CA GLU D 386 -71.69 -20.21 -26.22
C GLU D 386 -72.25 -19.81 -27.59
N GLU D 387 -73.37 -19.09 -27.61
CA GLU D 387 -74.04 -18.62 -28.85
C GLU D 387 -73.09 -17.66 -29.61
N LEU D 388 -72.60 -16.62 -28.93
CA LEU D 388 -71.63 -15.65 -29.51
C LEU D 388 -70.41 -16.41 -30.03
N GLU D 389 -69.90 -17.37 -29.24
CA GLU D 389 -68.69 -18.15 -29.60
C GLU D 389 -68.91 -18.83 -30.96
N GLN D 390 -69.93 -19.69 -31.07
CA GLN D 390 -70.21 -20.51 -32.29
C GLN D 390 -70.61 -19.56 -33.45
N GLY D 391 -71.32 -18.47 -33.15
CA GLY D 391 -71.68 -17.43 -34.13
C GLY D 391 -70.45 -16.78 -34.76
N LEU D 392 -69.53 -16.26 -33.93
CA LEU D 392 -68.27 -15.63 -34.38
C LEU D 392 -67.59 -16.55 -35.40
N LEU D 393 -67.48 -17.83 -35.07
CA LEU D 393 -66.73 -18.82 -35.89
C LEU D 393 -67.47 -19.07 -37.22
N ASP D 394 -68.80 -19.16 -37.19
CA ASP D 394 -69.62 -19.48 -38.40
C ASP D 394 -69.54 -18.31 -39.39
N TRP D 395 -69.74 -17.07 -38.93
CA TRP D 395 -69.66 -15.86 -39.80
C TRP D 395 -68.25 -15.69 -40.35
N ASN D 396 -67.22 -15.86 -39.50
CA ASN D 396 -65.78 -15.77 -39.88
C ASN D 396 -65.50 -16.82 -40.97
N ASP D 397 -66.08 -18.02 -40.85
CA ASP D 397 -65.90 -19.15 -41.80
C ASP D 397 -66.42 -18.74 -43.17
N LYS D 398 -67.63 -18.18 -43.24
CA LYS D 398 -68.28 -17.70 -44.48
C LYS D 398 -67.40 -16.66 -45.17
N LEU D 399 -67.09 -15.57 -44.46
CA LEU D 399 -66.21 -14.45 -44.94
C LEU D 399 -64.96 -15.02 -45.60
N VAL D 400 -64.19 -15.85 -44.91
CA VAL D 400 -62.85 -16.31 -45.40
C VAL D 400 -63.04 -17.32 -46.53
N ASN D 401 -64.03 -18.22 -46.43
CA ASN D 401 -64.30 -19.23 -47.49
C ASN D 401 -64.71 -18.50 -48.77
N ASN D 402 -65.63 -17.52 -48.65
CA ASN D 402 -66.10 -16.64 -49.77
C ASN D 402 -64.90 -15.97 -50.45
N SER D 403 -63.93 -15.48 -49.68
CA SER D 403 -62.72 -14.77 -50.17
C SER D 403 -61.83 -15.73 -50.96
N PHE D 404 -61.51 -16.89 -50.40
CA PHE D 404 -60.61 -17.90 -51.03
C PHE D 404 -61.21 -18.34 -52.38
N ILE D 405 -62.53 -18.54 -52.42
CA ILE D 405 -63.28 -18.85 -53.68
C ILE D 405 -63.08 -17.68 -54.67
N SER D 406 -63.33 -16.45 -54.21
CA SER D 406 -63.33 -15.22 -55.04
C SER D 406 -61.95 -14.93 -55.63
N PHE D 407 -60.86 -15.50 -55.07
CA PHE D 407 -59.46 -15.22 -55.47
C PHE D 407 -59.18 -15.67 -56.91
N SER D 408 -60.00 -16.57 -57.48
CA SER D 408 -59.86 -17.06 -58.87
C SER D 408 -60.30 -15.99 -59.88
N HIS D 409 -61.03 -14.96 -59.44
CA HIS D 409 -61.66 -13.94 -60.33
C HIS D 409 -61.77 -12.58 -59.62
N TYR D 410 -60.94 -11.60 -60.00
CA TYR D 410 -60.87 -10.26 -59.35
C TYR D 410 -62.26 -9.63 -59.26
N PRO D 411 -63.07 -9.62 -60.34
CA PRO D 411 -64.39 -8.99 -60.29
C PRO D 411 -65.34 -9.60 -59.25
N LEU D 412 -65.19 -10.89 -58.91
CA LEU D 412 -65.98 -11.51 -57.80
C LEU D 412 -65.41 -11.03 -56.46
N TRP D 413 -64.08 -11.13 -56.28
CA TRP D 413 -63.37 -10.61 -55.07
C TRP D 413 -63.77 -9.15 -54.83
N ASN D 414 -63.84 -8.35 -55.89
CA ASN D 414 -64.18 -6.90 -55.85
C ASN D 414 -65.45 -6.67 -55.03
N SER D 415 -66.45 -7.57 -55.11
CA SER D 415 -67.75 -7.46 -54.39
C SER D 415 -67.58 -7.91 -52.92
N VAL D 416 -66.82 -8.98 -52.70
CA VAL D 416 -66.46 -9.46 -51.32
C VAL D 416 -65.76 -8.32 -50.58
N PHE D 417 -64.71 -7.75 -51.19
CA PHE D 417 -63.90 -6.65 -50.62
C PHE D 417 -64.83 -5.57 -50.06
N ARG D 418 -65.73 -5.03 -50.89
CA ARG D 418 -66.52 -3.81 -50.54
C ARG D 418 -67.68 -4.15 -49.58
N ILE D 419 -68.19 -5.38 -49.59
CA ILE D 419 -69.25 -5.82 -48.62
C ILE D 419 -68.60 -5.92 -47.25
N TRP D 420 -67.45 -6.58 -47.16
CA TRP D 420 -66.66 -6.72 -45.91
C TRP D 420 -66.23 -5.34 -45.38
N ALA D 421 -65.59 -4.52 -46.22
CA ALA D 421 -64.96 -3.24 -45.78
C ALA D 421 -66.03 -2.22 -45.39
N SER D 422 -67.18 -2.20 -46.06
CA SER D 422 -68.31 -1.28 -45.75
C SER D 422 -68.80 -1.52 -44.33
N ALA D 423 -68.85 -2.79 -43.91
CA ALA D 423 -69.33 -3.22 -42.58
C ALA D 423 -68.35 -2.76 -41.50
N SER D 424 -67.05 -2.95 -41.76
CA SER D 424 -65.93 -2.63 -40.83
C SER D 424 -66.03 -1.18 -40.33
N VAL D 425 -66.68 -0.31 -41.11
CA VAL D 425 -66.94 1.12 -40.74
C VAL D 425 -68.24 1.20 -39.93
N ILE D 426 -69.33 0.61 -40.46
CA ILE D 426 -70.69 0.68 -39.84
C ILE D 426 -70.68 -0.09 -38.52
N GLY D 427 -70.09 -1.29 -38.53
CA GLY D 427 -69.90 -2.14 -37.33
C GLY D 427 -69.02 -1.44 -36.30
N GLY D 428 -67.87 -0.92 -36.75
CA GLY D 428 -66.93 -0.14 -35.93
C GLY D 428 -67.63 0.95 -35.12
N LYS D 429 -68.52 1.73 -35.75
CA LYS D 429 -69.17 2.92 -35.13
C LYS D 429 -70.35 2.50 -34.24
N ARG D 430 -70.85 1.26 -34.39
CA ARG D 430 -71.96 0.72 -33.57
C ARG D 430 -71.47 0.54 -32.12
N ILE D 431 -70.44 -0.30 -31.94
CA ILE D 431 -69.77 -0.58 -30.64
C ILE D 431 -69.33 0.76 -30.02
N LEU D 432 -68.80 1.63 -30.87
CA LEU D 432 -68.18 2.92 -30.49
C LEU D 432 -69.27 3.93 -30.07
N ASN D 433 -70.47 3.85 -30.65
CA ASN D 433 -71.65 4.66 -30.25
C ASN D 433 -72.14 4.21 -28.87
N ALA D 434 -72.16 2.90 -28.61
CA ALA D 434 -72.52 2.30 -27.30
C ALA D 434 -71.60 2.88 -26.21
N LEU D 435 -70.29 2.73 -26.42
CA LEU D 435 -69.19 3.19 -25.52
C LEU D 435 -69.40 4.66 -25.14
N THR D 436 -69.48 5.57 -26.12
CA THR D 436 -69.55 7.04 -25.91
C THR D 436 -70.86 7.40 -25.19
N ARG D 437 -71.95 6.67 -25.45
CA ARG D 437 -73.26 6.89 -24.78
C ARG D 437 -73.17 6.45 -23.32
N THR D 438 -72.45 5.37 -23.02
CA THR D 438 -72.21 4.87 -21.64
C THR D 438 -71.45 5.93 -20.84
N LYS D 439 -70.47 6.59 -21.45
CA LYS D 439 -69.64 7.65 -20.82
C LYS D 439 -70.50 8.89 -20.55
N GLU D 440 -71.25 9.35 -21.56
CA GLU D 440 -72.04 10.61 -21.52
C GLU D 440 -73.20 10.47 -20.53
N THR D 441 -73.88 9.32 -20.52
CA THR D 441 -75.10 9.03 -19.70
C THR D 441 -74.69 8.47 -18.33
N GLY D 442 -73.75 7.52 -18.30
CA GLY D 442 -73.25 6.89 -17.06
C GLY D 442 -73.92 5.55 -16.77
N ASP D 443 -74.85 5.11 -17.63
CA ASP D 443 -75.58 3.83 -17.48
C ASP D 443 -74.99 2.78 -18.43
N ASP D 444 -74.69 1.58 -17.92
CA ASP D 444 -74.07 0.45 -18.65
C ASP D 444 -75.06 -0.09 -19.71
N SER D 445 -76.37 0.19 -19.54
CA SER D 445 -77.47 -0.18 -20.48
C SER D 445 -76.99 -0.23 -21.93
N HIS D 446 -76.36 0.87 -22.39
CA HIS D 446 -76.02 1.15 -23.80
C HIS D 446 -74.96 0.15 -24.29
N CYS D 447 -74.00 -0.22 -23.44
CA CYS D 447 -73.01 -1.30 -23.69
C CYS D 447 -73.73 -2.65 -23.69
N GLN D 448 -74.55 -2.90 -22.67
CA GLN D 448 -75.33 -4.16 -22.49
C GLN D 448 -76.20 -4.39 -23.74
N ALA D 449 -76.75 -3.31 -24.31
CA ALA D 449 -77.70 -3.31 -25.45
C ALA D 449 -77.02 -3.85 -26.72
N LEU D 450 -75.69 -3.79 -26.82
CA LEU D 450 -74.90 -4.40 -27.92
C LEU D 450 -75.29 -5.89 -28.08
N ASP D 451 -75.51 -6.59 -26.96
CA ASP D 451 -75.85 -8.03 -26.93
C ASP D 451 -77.20 -8.28 -27.62
N ASP D 452 -78.11 -7.29 -27.58
CA ASP D 452 -79.52 -7.41 -28.06
C ASP D 452 -79.57 -7.27 -29.58
N ASN D 453 -78.76 -8.04 -30.32
CA ASN D 453 -78.74 -8.02 -31.82
C ASN D 453 -79.18 -9.38 -32.34
N PRO D 454 -79.79 -9.45 -33.54
CA PRO D 454 -80.40 -10.69 -34.04
C PRO D 454 -79.39 -11.76 -34.51
N TYR D 455 -78.14 -11.38 -34.81
CA TYR D 455 -77.12 -12.24 -35.45
C TYR D 455 -75.83 -12.23 -34.64
N PRO D 456 -75.80 -12.88 -33.45
CA PRO D 456 -74.58 -12.96 -32.65
C PRO D 456 -73.39 -13.44 -33.50
N GLY D 457 -72.29 -12.67 -33.50
CA GLY D 457 -71.00 -13.05 -34.11
C GLY D 457 -70.76 -12.37 -35.45
N LEU D 458 -71.79 -11.71 -35.99
CA LEU D 458 -71.70 -10.94 -37.26
C LEU D 458 -71.23 -9.51 -36.93
N TRP D 459 -70.17 -9.07 -37.60
CA TRP D 459 -69.41 -7.83 -37.28
C TRP D 459 -70.28 -6.58 -37.51
N CYS D 460 -71.34 -6.70 -38.33
CA CYS D 460 -72.36 -5.65 -38.57
C CYS D 460 -73.75 -6.27 -38.55
N PRO D 461 -74.37 -6.44 -37.35
CA PRO D 461 -75.61 -7.20 -37.20
C PRO D 461 -76.88 -6.37 -37.48
N LEU D 462 -77.08 -6.02 -38.76
CA LEU D 462 -78.25 -5.27 -39.28
C LEU D 462 -78.90 -6.09 -40.39
N ASP D 463 -80.23 -6.00 -40.51
CA ASP D 463 -81.06 -6.86 -41.41
C ASP D 463 -80.55 -6.73 -42.86
N PHE D 464 -80.35 -5.50 -43.34
CA PHE D 464 -79.95 -5.20 -44.74
C PHE D 464 -78.56 -5.81 -45.00
N TYR D 465 -77.66 -5.81 -44.02
CA TYR D 465 -76.28 -6.35 -44.17
C TYR D 465 -76.30 -7.89 -44.21
N LYS D 466 -77.08 -8.51 -43.31
CA LYS D 466 -77.22 -9.99 -43.23
C LYS D 466 -77.71 -10.52 -44.58
N GLU D 467 -78.75 -9.90 -45.15
CA GLU D 467 -79.31 -10.25 -46.48
C GLU D 467 -78.22 -10.20 -47.55
N ALA D 468 -77.52 -9.07 -47.66
CA ALA D 468 -76.42 -8.86 -48.63
C ALA D 468 -75.40 -9.98 -48.50
N PHE D 469 -75.01 -10.30 -47.25
CA PHE D 469 -73.96 -11.31 -46.94
C PHE D 469 -74.50 -12.72 -47.20
N ASP D 470 -75.74 -12.99 -46.79
CA ASP D 470 -76.47 -14.25 -47.11
C ASP D 470 -76.39 -14.49 -48.62
N GLU D 471 -76.73 -13.46 -49.41
CA GLU D 471 -76.73 -13.52 -50.89
C GLU D 471 -75.30 -13.73 -51.40
N LEU D 472 -74.31 -13.01 -50.84
CA LEU D 472 -72.88 -13.17 -51.21
C LEU D 472 -72.44 -14.63 -50.98
N THR D 473 -72.79 -15.21 -49.83
CA THR D 473 -72.40 -16.60 -49.45
C THR D 473 -73.03 -17.60 -50.43
N GLU D 474 -74.36 -17.56 -50.59
CA GLU D 474 -75.12 -18.36 -51.60
C GLU D 474 -74.29 -18.48 -52.88
N LEU D 475 -73.93 -17.34 -53.47
CA LEU D 475 -73.31 -17.25 -54.83
C LEU D 475 -71.89 -17.79 -54.82
N CYS D 476 -71.06 -17.40 -53.85
CA CYS D 476 -69.66 -17.90 -53.70
C CYS D 476 -69.68 -19.43 -53.50
N GLU D 477 -70.56 -19.94 -52.62
CA GLU D 477 -70.73 -21.39 -52.38
C GLU D 477 -71.19 -22.08 -53.67
N ALA D 478 -72.07 -21.43 -54.44
CA ALA D 478 -72.57 -21.92 -55.75
C ALA D 478 -71.43 -22.01 -56.76
N VAL D 479 -70.52 -21.02 -56.76
CA VAL D 479 -69.30 -21.01 -57.64
C VAL D 479 -68.39 -22.18 -57.25
N ASP D 480 -68.28 -22.47 -55.94
CA ASP D 480 -67.32 -23.45 -55.37
C ASP D 480 -67.66 -24.86 -55.87
N ALA D 481 -68.95 -25.22 -55.85
CA ALA D 481 -69.49 -26.53 -56.27
C ALA D 481 -69.41 -26.68 -57.80
N GLY D 482 -69.45 -25.56 -58.53
CA GLY D 482 -69.37 -25.52 -60.01
C GLY D 482 -70.75 -25.38 -60.64
N HIS D 483 -71.69 -24.77 -59.91
CA HIS D 483 -73.12 -24.61 -60.31
C HIS D 483 -73.30 -23.29 -61.08
N THR D 484 -72.99 -22.16 -60.43
CA THR D 484 -72.88 -20.82 -61.06
C THR D 484 -71.43 -20.62 -61.51
N THR D 485 -71.20 -19.76 -62.50
CA THR D 485 -69.87 -19.32 -62.98
C THR D 485 -69.39 -18.15 -62.11
N ALA D 486 -68.08 -17.97 -61.98
CA ALA D 486 -67.45 -16.82 -61.27
C ALA D 486 -67.93 -15.51 -61.92
N GLU D 487 -67.90 -15.46 -63.26
CA GLU D 487 -68.35 -14.32 -64.09
C GLU D 487 -69.81 -13.98 -63.75
N GLU D 488 -70.67 -15.01 -63.65
CA GLU D 488 -72.14 -14.86 -63.45
C GLU D 488 -72.43 -14.37 -62.02
N ALA D 489 -71.76 -14.93 -61.01
CA ALA D 489 -71.89 -14.52 -59.58
C ALA D 489 -71.53 -13.03 -59.44
N ALA D 490 -70.44 -12.60 -60.10
CA ALA D 490 -69.92 -11.21 -60.09
C ALA D 490 -70.97 -10.22 -60.64
N ARG D 491 -71.67 -10.59 -61.73
CA ARG D 491 -72.72 -9.75 -62.36
C ARG D 491 -73.82 -9.46 -61.34
N VAL D 492 -74.37 -10.50 -60.70
CA VAL D 492 -75.53 -10.40 -59.76
C VAL D 492 -75.09 -9.55 -58.57
N LEU D 493 -73.85 -9.75 -58.09
CA LEU D 493 -73.31 -9.05 -56.89
C LEU D 493 -73.08 -7.58 -57.22
N GLU D 494 -72.52 -7.27 -58.39
CA GLU D 494 -72.32 -5.88 -58.90
C GLU D 494 -73.67 -5.16 -58.97
N GLN D 495 -74.65 -5.77 -59.63
CA GLN D 495 -76.03 -5.25 -59.79
C GLN D 495 -76.60 -4.93 -58.41
N ARG D 496 -76.33 -5.86 -57.49
CA ARG D 496 -76.82 -5.88 -56.09
C ARG D 496 -76.27 -4.67 -55.30
N VAL D 497 -74.98 -4.38 -55.50
CA VAL D 497 -74.28 -3.18 -54.94
C VAL D 497 -74.96 -1.91 -55.46
N ARG D 498 -75.32 -1.87 -56.74
CA ARG D 498 -75.91 -0.67 -57.40
C ARG D 498 -77.36 -0.48 -56.93
N GLU D 499 -78.05 -1.55 -56.55
CA GLU D 499 -79.41 -1.47 -55.93
C GLU D 499 -79.29 -0.97 -54.49
N SER D 500 -78.18 -1.24 -53.81
CA SER D 500 -77.98 -0.90 -52.38
C SER D 500 -78.17 0.61 -52.20
N ASP D 501 -78.65 1.03 -51.03
CA ASP D 501 -78.80 2.47 -50.66
C ASP D 501 -78.04 2.75 -49.35
N TRP D 502 -77.25 1.78 -48.86
CA TRP D 502 -76.61 1.83 -47.51
C TRP D 502 -75.09 1.78 -47.59
N MET D 503 -74.50 1.56 -48.78
CA MET D 503 -73.05 1.23 -48.94
C MET D 503 -72.23 2.52 -49.08
N LEU D 504 -72.26 3.37 -48.05
CA LEU D 504 -71.42 4.59 -47.85
C LEU D 504 -70.89 5.11 -49.20
N PRO D 505 -71.76 5.70 -50.05
CA PRO D 505 -71.37 6.14 -51.39
C PRO D 505 -70.23 7.16 -51.46
N ALA D 506 -70.10 8.05 -50.46
CA ALA D 506 -69.07 9.11 -50.40
C ALA D 506 -67.65 8.50 -50.33
N LEU D 507 -67.52 7.28 -49.80
CA LEU D 507 -66.23 6.54 -49.72
C LEU D 507 -66.05 5.67 -50.97
N GLY D 508 -67.11 5.49 -51.77
CA GLY D 508 -67.09 4.77 -53.05
C GLY D 508 -67.31 3.27 -52.88
N PHE D 509 -67.81 2.82 -51.73
CA PHE D 509 -68.07 1.39 -51.43
C PHE D 509 -69.09 0.83 -52.43
N ASN D 510 -70.08 1.64 -52.81
CA ASN D 510 -71.18 1.26 -53.74
C ASN D 510 -70.75 1.49 -55.20
N ASP D 511 -69.44 1.66 -55.45
CA ASP D 511 -68.87 1.89 -56.81
C ASP D 511 -67.82 0.84 -57.09
N PRO D 512 -68.15 -0.23 -57.85
CA PRO D 512 -67.17 -1.27 -58.21
C PRO D 512 -65.88 -0.78 -58.87
N ASP D 513 -65.90 0.41 -59.50
CA ASP D 513 -64.73 0.96 -60.25
C ASP D 513 -63.75 1.67 -59.31
N THR D 514 -64.15 1.97 -58.06
CA THR D 514 -63.28 2.52 -56.98
C THR D 514 -62.61 1.35 -56.23
N HIS D 515 -61.39 1.00 -56.60
CA HIS D 515 -60.62 -0.13 -56.01
C HIS D 515 -59.91 0.29 -54.72
N HIS D 516 -59.60 1.59 -54.58
CA HIS D 516 -58.84 2.14 -53.42
C HIS D 516 -59.75 3.03 -52.58
N ILE D 517 -60.29 2.48 -51.48
CA ILE D 517 -61.20 3.23 -50.56
C ILE D 517 -60.32 4.09 -49.66
N ASN D 518 -60.53 5.41 -49.72
CA ASN D 518 -59.66 6.44 -49.10
C ASN D 518 -60.54 7.42 -48.33
N PRO D 519 -60.95 7.09 -47.07
CA PRO D 519 -61.81 7.96 -46.30
C PRO D 519 -61.05 9.20 -45.82
N THR D 520 -61.41 10.37 -46.34
CA THR D 520 -60.90 11.71 -45.94
C THR D 520 -61.94 12.39 -45.05
N ALA D 521 -61.57 13.47 -44.36
CA ALA D 521 -62.45 14.27 -43.49
C ALA D 521 -63.68 14.74 -44.29
N ASP D 522 -63.46 15.24 -45.51
CA ASP D 522 -64.53 15.82 -46.36
C ASP D 522 -65.55 14.72 -46.72
N LYS D 523 -65.09 13.49 -46.99
CA LYS D 523 -65.96 12.34 -47.32
C LYS D 523 -66.76 11.91 -46.08
N MET D 524 -66.12 11.84 -44.91
CA MET D 524 -66.77 11.44 -43.63
C MET D 524 -67.79 12.50 -43.21
N ILE D 525 -67.53 13.78 -43.50
CA ILE D 525 -68.49 14.89 -43.28
C ILE D 525 -69.73 14.61 -44.14
N ARG D 526 -69.53 14.21 -45.39
CA ARG D 526 -70.60 13.92 -46.39
C ARG D 526 -71.44 12.75 -45.88
N ILE D 527 -70.78 11.69 -45.38
CA ILE D 527 -71.45 10.48 -44.79
C ILE D 527 -72.41 10.94 -43.69
N ALA D 528 -72.02 11.91 -42.87
CA ALA D 528 -72.84 12.45 -41.76
C ALA D 528 -74.06 13.19 -42.31
N GLU D 529 -73.90 13.94 -43.40
CA GLU D 529 -74.98 14.75 -44.04
C GLU D 529 -75.95 13.80 -44.76
N TRP D 530 -75.40 12.85 -45.53
CA TRP D 530 -76.13 11.78 -46.27
C TRP D 530 -77.01 10.96 -45.30
N ALA D 531 -76.47 10.60 -44.13
CA ALA D 531 -77.13 9.74 -43.12
C ALA D 531 -78.31 10.49 -42.48
N THR D 532 -78.18 11.81 -42.27
CA THR D 532 -79.18 12.68 -41.57
C THR D 532 -80.59 12.44 -42.13
N GLY D 533 -80.72 12.30 -43.45
CA GLY D 533 -82.02 12.16 -44.14
C GLY D 533 -82.19 10.80 -44.79
N HIS D 534 -81.56 9.76 -44.24
CA HIS D 534 -81.65 8.37 -44.75
C HIS D 534 -82.90 7.71 -44.17
N HIS D 535 -83.61 6.89 -44.95
CA HIS D 535 -84.91 6.28 -44.56
C HIS D 535 -84.69 5.17 -43.51
N ARG D 536 -83.56 4.44 -43.59
CA ARG D 536 -83.19 3.37 -42.63
C ARG D 536 -82.83 3.98 -41.29
N PRO D 537 -83.57 3.65 -40.19
CA PRO D 537 -83.24 4.14 -38.86
C PRO D 537 -81.82 3.81 -38.38
N GLU D 538 -81.29 2.64 -38.76
CA GLU D 538 -79.94 2.17 -38.36
C GLU D 538 -78.90 3.18 -38.88
N ILE D 539 -79.04 3.62 -40.13
CA ILE D 539 -78.08 4.54 -40.82
C ILE D 539 -78.08 5.89 -40.10
N ARG D 540 -79.26 6.42 -39.78
CA ARG D 540 -79.44 7.69 -39.01
C ARG D 540 -78.82 7.54 -37.61
N GLU D 541 -79.17 6.47 -36.90
CA GLU D 541 -78.72 6.19 -35.51
C GLU D 541 -77.19 6.18 -35.48
N LEU D 542 -76.55 5.46 -36.42
CA LEU D 542 -75.10 5.12 -36.36
C LEU D 542 -74.24 6.21 -37.01
N LEU D 543 -74.62 6.75 -38.17
CA LEU D 543 -73.68 7.56 -39.01
C LEU D 543 -74.03 9.05 -39.04
N ALA D 544 -75.18 9.47 -38.49
CA ALA D 544 -75.60 10.90 -38.45
C ALA D 544 -74.97 11.59 -37.24
#